data_1N5V
# 
_entry.id   1N5V 
# 
_audit_conform.dict_name       mmcif_pdbx.dic 
_audit_conform.dict_version    5.386 
_audit_conform.dict_location   http://mmcif.pdb.org/dictionaries/ascii/mmcif_pdbx.dic 
# 
loop_
_database_2.database_id 
_database_2.database_code 
_database_2.pdbx_database_accession 
_database_2.pdbx_DOI 
PDB   1N5V         pdb_00001n5v 10.2210/pdb1n5v/pdb 
RCSB  RCSB017556   ?            ?                   
WWPDB D_1000017556 ?            ?                   
# 
loop_
_pdbx_audit_revision_history.ordinal 
_pdbx_audit_revision_history.data_content_type 
_pdbx_audit_revision_history.major_revision 
_pdbx_audit_revision_history.minor_revision 
_pdbx_audit_revision_history.revision_date 
1 'Structure model' 1 0 2003-01-14 
2 'Structure model' 1 1 2008-04-28 
3 'Structure model' 1 2 2011-07-13 
4 'Structure model' 1 3 2024-02-14 
# 
_pdbx_audit_revision_details.ordinal             1 
_pdbx_audit_revision_details.revision_ordinal    1 
_pdbx_audit_revision_details.data_content_type   'Structure model' 
_pdbx_audit_revision_details.provider            repository 
_pdbx_audit_revision_details.type                'Initial release' 
_pdbx_audit_revision_details.description         ? 
_pdbx_audit_revision_details.details             ? 
# 
loop_
_pdbx_audit_revision_group.ordinal 
_pdbx_audit_revision_group.revision_ordinal 
_pdbx_audit_revision_group.data_content_type 
_pdbx_audit_revision_group.group 
1 2 'Structure model' 'Version format compliance' 
2 3 'Structure model' 'Source and taxonomy'       
3 3 'Structure model' 'Version format compliance' 
4 4 'Structure model' 'Data collection'           
5 4 'Structure model' 'Database references'       
6 4 'Structure model' 'Derived calculations'      
7 4 'Structure model' 'Refinement description'    
# 
loop_
_pdbx_audit_revision_category.ordinal 
_pdbx_audit_revision_category.revision_ordinal 
_pdbx_audit_revision_category.data_content_type 
_pdbx_audit_revision_category.category 
1 4 'Structure model' chem_comp_atom                
2 4 'Structure model' chem_comp_bond                
3 4 'Structure model' database_2                    
4 4 'Structure model' pdbx_initial_refinement_model 
5 4 'Structure model' struct_site                   
# 
loop_
_pdbx_audit_revision_item.ordinal 
_pdbx_audit_revision_item.revision_ordinal 
_pdbx_audit_revision_item.data_content_type 
_pdbx_audit_revision_item.item 
1 4 'Structure model' '_database_2.pdbx_DOI'                
2 4 'Structure model' '_database_2.pdbx_database_accession' 
3 4 'Structure model' '_struct_site.pdbx_auth_asym_id'      
4 4 'Structure model' '_struct_site.pdbx_auth_comp_id'      
5 4 'Structure model' '_struct_site.pdbx_auth_seq_id'       
# 
_pdbx_database_status.status_code                     REL 
_pdbx_database_status.entry_id                        1N5V 
_pdbx_database_status.recvd_initial_deposition_date   2002-11-07 
_pdbx_database_status.deposit_site                    RCSB 
_pdbx_database_status.process_site                    RCSB 
_pdbx_database_status.status_code_sf                  REL 
_pdbx_database_status.SG_entry                        . 
_pdbx_database_status.pdb_format_compatible           Y 
_pdbx_database_status.status_code_mr                  ? 
_pdbx_database_status.status_code_cs                  ? 
_pdbx_database_status.status_code_nmr_data            ? 
_pdbx_database_status.methods_development_category    ? 
# 
loop_
_pdbx_database_related.db_name 
_pdbx_database_related.db_id 
_pdbx_database_related.details 
_pdbx_database_related.content_type 
PDB 1LQ9 'Structure of native ActVA-Orf6 monooxygenase from Streptomyces coelicolor' unspecified 
PDB 1N5Q 
;Structure of ActVA-Orf6 monooxygenase from Streptomyces coelicolor in 
complex with dehydrated sancycline
;
unspecified 
PDB 1N5S 
;Structure of ActVA-Orf6 monooxygenase from Streptomyces coelicolor in 
complex with the ligand Acetyl Dithranol
;
unspecified 
PDB 1N5T 
;Structure of ActVA-Orf6 monooxygenase from Streptomyces coelicolor in 
complex with the ligand Oxidized Acetyl Dithranol
;
unspecified 
# 
loop_
_audit_author.name 
_audit_author.pdbx_ordinal 
'Sciara, G.'     1 
'Kendrew, S.G.'  2 
'Miele, A.E.'    3 
'Marsh, N.G.'    4 
'Federici, L.'   5 
'Malatesta, F.'  6 
'Schimperna, G.' 7 
'Savino, C.'     8 
'Vallone, B.'    9 
# 
loop_
_citation.id 
_citation.title 
_citation.journal_abbrev 
_citation.journal_volume 
_citation.page_first 
_citation.page_last 
_citation.year 
_citation.journal_id_ASTM 
_citation.country 
_citation.journal_id_ISSN 
_citation.journal_id_CSD 
_citation.book_publisher 
_citation.pdbx_database_id_PubMed 
_citation.pdbx_database_id_DOI 
primary 
;The structure of ActVA-Orf6, a novel type of monooxygenase involved in  
actinorhodin biosynthesis
;
'Embo J.'                  22  205  215  2003 EMJODG UK 0261-4189 0897 ? 12514126 10.1093/emboj/cdg031      
1       
;Crystallization and preliminary X-ray diffraction studies of a monooxygenase  
from Streptomyces coelicolor A3(2) involved in the biosynthesis of the  
polyketide actinorhodin
;
'Acta Crystallogr.,Sect.D' 56  481  483  2000 ABCRE6 DK 0907-4449 0766 ? ?        10.1107/S0907444900001189 
2       
;Identification of a monooxygenase from Streptomyces coelicolor A3  
(2) involved in the biosynthesis of actinorhodin: purification and  
characterization of the recombinant enzyme
;
J.Bacteriol.               179 4305 4310 1997 JOBAAY US 0021-9193 0767 ? ?        ?                         
# 
loop_
_citation_author.citation_id 
_citation_author.name 
_citation_author.ordinal 
_citation_author.identifier_ORCID 
primary 'Sciara, G.'     1  ? 
primary 'Kendrew, S.G.'  2  ? 
primary 'Miele, A.E.'    3  ? 
primary 'Marsh, N.G.'    4  ? 
primary 'Federici, L.'   5  ? 
primary 'Malatesta, F.'  6  ? 
primary 'Schimperna, G.' 7  ? 
primary 'Savino, C.'     8  ? 
primary 'Vallone, B.'    9  ? 
1       'Kendrew, S.G.'  10 ? 
1       'Federici, L.'   11 ? 
1       'Savino, C.'     12 ? 
1       'Miele, A.E.'    13 ? 
1       'Marsh, E.N.'    14 ? 
1       'Vallone, B.'    15 ? 
2       'Kendrew, S.G.'  16 ? 
2       'Hopwood, D.A.'  17 ? 
2       'Marsh, E.N.'    18 ? 
# 
loop_
_entity.id 
_entity.type 
_entity.src_method 
_entity.pdbx_description 
_entity.formula_weight 
_entity.pdbx_number_of_molecules 
_entity.pdbx_ec 
_entity.pdbx_mutation 
_entity.pdbx_fragment 
_entity.details 
1 polymer     man 'ActVA-Orf6 monooxygenase'                                                                 11978.420 2  ? ? ? ? 
2 non-polymer syn '7-HYDROXY-5-METHYL-3,3A,5,11B-TETRAHYDRO-1,4-DIOXA-CYCLOPENTA[A]ANTHRACENE-2,6,11-TRIONE' 300.263   1  ? ? ? ? 
3 water       nat water                                                                                      18.015    60 ? ? ? ? 
# 
_entity_poly.entity_id                      1 
_entity_poly.type                           'polypeptide(L)' 
_entity_poly.nstd_linkage                   no 
_entity_poly.nstd_monomer                   no 
_entity_poly.pdbx_seq_one_letter_code       
;AEVNDPRVGFVAVVTFPVDGPATQHKLVELATGGVQEWIREVPGFLSATYHASTDGTAVVNYAQWESEQAYRVNFGADPR
SAELREALSSLPGLMGPPKAVFMTPRGAILPS
;
_entity_poly.pdbx_seq_one_letter_code_can   
;AEVNDPRVGFVAVVTFPVDGPATQHKLVELATGGVQEWIREVPGFLSATYHASTDGTAVVNYAQWESEQAYRVNFGADPR
SAELREALSSLPGLMGPPKAVFMTPRGAILPS
;
_entity_poly.pdbx_strand_id                 A,B 
_entity_poly.pdbx_target_identifier         ? 
# 
loop_
_pdbx_entity_nonpoly.entity_id 
_pdbx_entity_nonpoly.name 
_pdbx_entity_nonpoly.comp_id 
2 '7-HYDROXY-5-METHYL-3,3A,5,11B-TETRAHYDRO-1,4-DIOXA-CYCLOPENTA[A]ANTHRACENE-2,6,11-TRIONE' NOM 
3 water                                                                                      HOH 
# 
loop_
_entity_poly_seq.entity_id 
_entity_poly_seq.num 
_entity_poly_seq.mon_id 
_entity_poly_seq.hetero 
1 1   ALA n 
1 2   GLU n 
1 3   VAL n 
1 4   ASN n 
1 5   ASP n 
1 6   PRO n 
1 7   ARG n 
1 8   VAL n 
1 9   GLY n 
1 10  PHE n 
1 11  VAL n 
1 12  ALA n 
1 13  VAL n 
1 14  VAL n 
1 15  THR n 
1 16  PHE n 
1 17  PRO n 
1 18  VAL n 
1 19  ASP n 
1 20  GLY n 
1 21  PRO n 
1 22  ALA n 
1 23  THR n 
1 24  GLN n 
1 25  HIS n 
1 26  LYS n 
1 27  LEU n 
1 28  VAL n 
1 29  GLU n 
1 30  LEU n 
1 31  ALA n 
1 32  THR n 
1 33  GLY n 
1 34  GLY n 
1 35  VAL n 
1 36  GLN n 
1 37  GLU n 
1 38  TRP n 
1 39  ILE n 
1 40  ARG n 
1 41  GLU n 
1 42  VAL n 
1 43  PRO n 
1 44  GLY n 
1 45  PHE n 
1 46  LEU n 
1 47  SER n 
1 48  ALA n 
1 49  THR n 
1 50  TYR n 
1 51  HIS n 
1 52  ALA n 
1 53  SER n 
1 54  THR n 
1 55  ASP n 
1 56  GLY n 
1 57  THR n 
1 58  ALA n 
1 59  VAL n 
1 60  VAL n 
1 61  ASN n 
1 62  TYR n 
1 63  ALA n 
1 64  GLN n 
1 65  TRP n 
1 66  GLU n 
1 67  SER n 
1 68  GLU n 
1 69  GLN n 
1 70  ALA n 
1 71  TYR n 
1 72  ARG n 
1 73  VAL n 
1 74  ASN n 
1 75  PHE n 
1 76  GLY n 
1 77  ALA n 
1 78  ASP n 
1 79  PRO n 
1 80  ARG n 
1 81  SER n 
1 82  ALA n 
1 83  GLU n 
1 84  LEU n 
1 85  ARG n 
1 86  GLU n 
1 87  ALA n 
1 88  LEU n 
1 89  SER n 
1 90  SER n 
1 91  LEU n 
1 92  PRO n 
1 93  GLY n 
1 94  LEU n 
1 95  MET n 
1 96  GLY n 
1 97  PRO n 
1 98  PRO n 
1 99  LYS n 
1 100 ALA n 
1 101 VAL n 
1 102 PHE n 
1 103 MET n 
1 104 THR n 
1 105 PRO n 
1 106 ARG n 
1 107 GLY n 
1 108 ALA n 
1 109 ILE n 
1 110 LEU n 
1 111 PRO n 
1 112 SER n 
# 
_entity_src_gen.entity_id                          1 
_entity_src_gen.pdbx_src_id                        1 
_entity_src_gen.pdbx_alt_source_flag               sample 
_entity_src_gen.pdbx_seq_type                      ? 
_entity_src_gen.pdbx_beg_seq_num                   ? 
_entity_src_gen.pdbx_end_seq_num                   ? 
_entity_src_gen.gene_src_common_name               ? 
_entity_src_gen.gene_src_genus                     Streptomyces 
_entity_src_gen.pdbx_gene_src_gene                 ActVA-Orf6 
_entity_src_gen.gene_src_species                   'Streptomyces coelicolor' 
_entity_src_gen.gene_src_strain                    'A3(2)' 
_entity_src_gen.gene_src_tissue                    ? 
_entity_src_gen.gene_src_tissue_fraction           ? 
_entity_src_gen.gene_src_details                   ? 
_entity_src_gen.pdbx_gene_src_fragment             ? 
_entity_src_gen.pdbx_gene_src_scientific_name      'Streptomyces coelicolor' 
_entity_src_gen.pdbx_gene_src_ncbi_taxonomy_id     100226 
_entity_src_gen.pdbx_gene_src_variant              ? 
_entity_src_gen.pdbx_gene_src_cell_line            ? 
_entity_src_gen.pdbx_gene_src_atcc                 ? 
_entity_src_gen.pdbx_gene_src_organ                ? 
_entity_src_gen.pdbx_gene_src_organelle            ? 
_entity_src_gen.pdbx_gene_src_cell                 ? 
_entity_src_gen.pdbx_gene_src_cellular_location    ? 
_entity_src_gen.host_org_common_name               ? 
_entity_src_gen.pdbx_host_org_scientific_name      'Escherichia coli' 
_entity_src_gen.pdbx_host_org_ncbi_taxonomy_id     562 
_entity_src_gen.host_org_genus                     Escherichia 
_entity_src_gen.pdbx_host_org_gene                 ? 
_entity_src_gen.pdbx_host_org_organ                ? 
_entity_src_gen.host_org_species                   ? 
_entity_src_gen.pdbx_host_org_tissue               ? 
_entity_src_gen.pdbx_host_org_tissue_fraction      ? 
_entity_src_gen.pdbx_host_org_strain               ? 
_entity_src_gen.pdbx_host_org_variant              ? 
_entity_src_gen.pdbx_host_org_cell_line            ? 
_entity_src_gen.pdbx_host_org_atcc                 ? 
_entity_src_gen.pdbx_host_org_culture_collection   ? 
_entity_src_gen.pdbx_host_org_cell                 ? 
_entity_src_gen.pdbx_host_org_organelle            ? 
_entity_src_gen.pdbx_host_org_cellular_location    ? 
_entity_src_gen.pdbx_host_org_vector_type          plasmid 
_entity_src_gen.pdbx_host_org_vector               ? 
_entity_src_gen.host_org_details                   ? 
_entity_src_gen.expression_system_id               ? 
_entity_src_gen.plasmid_name                       pT7-7 
_entity_src_gen.plasmid_details                    ? 
_entity_src_gen.pdbx_description                   ? 
# 
loop_
_chem_comp.id 
_chem_comp.type 
_chem_comp.mon_nstd_flag 
_chem_comp.name 
_chem_comp.pdbx_synonyms 
_chem_comp.formula 
_chem_comp.formula_weight 
ALA 'L-peptide linking' y ALANINE                                                                                    ? 
'C3 H7 N O2'     89.093  
ARG 'L-peptide linking' y ARGININE                                                                                   ? 
'C6 H15 N4 O2 1' 175.209 
ASN 'L-peptide linking' y ASPARAGINE                                                                                 ? 
'C4 H8 N2 O3'    132.118 
ASP 'L-peptide linking' y 'ASPARTIC ACID'                                                                            ? 
'C4 H7 N O4'     133.103 
GLN 'L-peptide linking' y GLUTAMINE                                                                                  ? 
'C5 H10 N2 O3'   146.144 
GLU 'L-peptide linking' y 'GLUTAMIC ACID'                                                                            ? 
'C5 H9 N O4'     147.129 
GLY 'peptide linking'   y GLYCINE                                                                                    ? 
'C2 H5 N O2'     75.067  
HIS 'L-peptide linking' y HISTIDINE                                                                                  ? 
'C6 H10 N3 O2 1' 156.162 
HOH non-polymer         . WATER                                                                                      ? 'H2 O' 
18.015  
ILE 'L-peptide linking' y ISOLEUCINE                                                                                 ? 
'C6 H13 N O2'    131.173 
LEU 'L-peptide linking' y LEUCINE                                                                                    ? 
'C6 H13 N O2'    131.173 
LYS 'L-peptide linking' y LYSINE                                                                                     ? 
'C6 H15 N2 O2 1' 147.195 
MET 'L-peptide linking' y METHIONINE                                                                                 ? 
'C5 H11 N O2 S'  149.211 
NOM non-polymer         . '7-HYDROXY-5-METHYL-3,3A,5,11B-TETRAHYDRO-1,4-DIOXA-CYCLOPENTA[A]ANTHRACENE-2,6,11-TRIONE' 
'NANAOMYCIN D' 'C16 H12 O6'     300.263 
PHE 'L-peptide linking' y PHENYLALANINE                                                                              ? 
'C9 H11 N O2'    165.189 
PRO 'L-peptide linking' y PROLINE                                                                                    ? 
'C5 H9 N O2'     115.130 
SER 'L-peptide linking' y SERINE                                                                                     ? 
'C3 H7 N O3'     105.093 
THR 'L-peptide linking' y THREONINE                                                                                  ? 
'C4 H9 N O3'     119.119 
TRP 'L-peptide linking' y TRYPTOPHAN                                                                                 ? 
'C11 H12 N2 O2'  204.225 
TYR 'L-peptide linking' y TYROSINE                                                                                   ? 
'C9 H11 N O3'    181.189 
VAL 'L-peptide linking' y VALINE                                                                                     ? 
'C5 H11 N O2'    117.146 
# 
loop_
_pdbx_poly_seq_scheme.asym_id 
_pdbx_poly_seq_scheme.entity_id 
_pdbx_poly_seq_scheme.seq_id 
_pdbx_poly_seq_scheme.mon_id 
_pdbx_poly_seq_scheme.ndb_seq_num 
_pdbx_poly_seq_scheme.pdb_seq_num 
_pdbx_poly_seq_scheme.auth_seq_num 
_pdbx_poly_seq_scheme.pdb_mon_id 
_pdbx_poly_seq_scheme.auth_mon_id 
_pdbx_poly_seq_scheme.pdb_strand_id 
_pdbx_poly_seq_scheme.pdb_ins_code 
_pdbx_poly_seq_scheme.hetero 
A 1 1   ALA 1   2   2   ALA ALA A . n 
A 1 2   GLU 2   3   3   GLU GLU A . n 
A 1 3   VAL 3   4   4   VAL VAL A . n 
A 1 4   ASN 4   5   5   ASN ASN A . n 
A 1 5   ASP 5   6   6   ASP ASP A . n 
A 1 6   PRO 6   7   7   PRO PRO A . n 
A 1 7   ARG 7   8   8   ARG ARG A . n 
A 1 8   VAL 8   9   9   VAL VAL A . n 
A 1 9   GLY 9   10  10  GLY GLY A . n 
A 1 10  PHE 10  11  11  PHE PHE A . n 
A 1 11  VAL 11  12  12  VAL VAL A . n 
A 1 12  ALA 12  13  13  ALA ALA A . n 
A 1 13  VAL 13  14  14  VAL VAL A . n 
A 1 14  VAL 14  15  15  VAL VAL A . n 
A 1 15  THR 15  16  16  THR THR A . n 
A 1 16  PHE 16  17  17  PHE PHE A . n 
A 1 17  PRO 17  18  18  PRO PRO A . n 
A 1 18  VAL 18  19  19  VAL VAL A . n 
A 1 19  ASP 19  20  20  ASP ASP A . n 
A 1 20  GLY 20  21  21  GLY GLY A . n 
A 1 21  PRO 21  22  22  PRO PRO A . n 
A 1 22  ALA 22  23  23  ALA ALA A . n 
A 1 23  THR 23  24  24  THR THR A . n 
A 1 24  GLN 24  25  25  GLN GLN A . n 
A 1 25  HIS 25  26  26  HIS HIS A . n 
A 1 26  LYS 26  27  27  LYS LYS A . n 
A 1 27  LEU 27  28  28  LEU LEU A . n 
A 1 28  VAL 28  29  29  VAL VAL A . n 
A 1 29  GLU 29  30  30  GLU GLU A . n 
A 1 30  LEU 30  31  31  LEU LEU A . n 
A 1 31  ALA 31  32  32  ALA ALA A . n 
A 1 32  THR 32  33  33  THR THR A . n 
A 1 33  GLY 33  34  34  GLY GLY A . n 
A 1 34  GLY 34  35  35  GLY GLY A . n 
A 1 35  VAL 35  36  36  VAL VAL A . n 
A 1 36  GLN 36  37  37  GLN GLN A . n 
A 1 37  GLU 37  38  38  GLU GLU A . n 
A 1 38  TRP 38  39  39  TRP TRP A . n 
A 1 39  ILE 39  40  40  ILE ILE A . n 
A 1 40  ARG 40  41  41  ARG ARG A . n 
A 1 41  GLU 41  42  42  GLU GLU A . n 
A 1 42  VAL 42  43  43  VAL VAL A . n 
A 1 43  PRO 43  44  44  PRO PRO A . n 
A 1 44  GLY 44  45  45  GLY GLY A . n 
A 1 45  PHE 45  46  46  PHE PHE A . n 
A 1 46  LEU 46  47  47  LEU LEU A . n 
A 1 47  SER 47  48  48  SER SER A . n 
A 1 48  ALA 48  49  49  ALA ALA A . n 
A 1 49  THR 49  50  50  THR THR A . n 
A 1 50  TYR 50  51  51  TYR TYR A . n 
A 1 51  HIS 51  52  52  HIS HIS A . n 
A 1 52  ALA 52  53  53  ALA ALA A . n 
A 1 53  SER 53  54  54  SER SER A . n 
A 1 54  THR 54  55  55  THR THR A . n 
A 1 55  ASP 55  56  56  ASP ASP A . n 
A 1 56  GLY 56  57  57  GLY GLY A . n 
A 1 57  THR 57  58  58  THR THR A . n 
A 1 58  ALA 58  59  59  ALA ALA A . n 
A 1 59  VAL 59  60  60  VAL VAL A . n 
A 1 60  VAL 60  61  61  VAL VAL A . n 
A 1 61  ASN 61  62  62  ASN ASN A . n 
A 1 62  TYR 62  63  63  TYR TYR A . n 
A 1 63  ALA 63  64  64  ALA ALA A . n 
A 1 64  GLN 64  65  65  GLN GLN A . n 
A 1 65  TRP 65  66  66  TRP TRP A . n 
A 1 66  GLU 66  67  67  GLU GLU A . n 
A 1 67  SER 67  68  68  SER SER A . n 
A 1 68  GLU 68  69  69  GLU GLU A . n 
A 1 69  GLN 69  70  70  GLN GLN A . n 
A 1 70  ALA 70  71  71  ALA ALA A . n 
A 1 71  TYR 71  72  72  TYR TYR A . n 
A 1 72  ARG 72  73  73  ARG ARG A . n 
A 1 73  VAL 73  74  74  VAL VAL A . n 
A 1 74  ASN 74  75  75  ASN ASN A . n 
A 1 75  PHE 75  76  76  PHE PHE A . n 
A 1 76  GLY 76  77  77  GLY GLY A . n 
A 1 77  ALA 77  78  78  ALA ALA A . n 
A 1 78  ASP 78  79  79  ASP ASP A . n 
A 1 79  PRO 79  80  80  PRO PRO A . n 
A 1 80  ARG 80  81  81  ARG ARG A . n 
A 1 81  SER 81  82  82  SER SER A . n 
A 1 82  ALA 82  83  83  ALA ALA A . n 
A 1 83  GLU 83  84  84  GLU GLU A . n 
A 1 84  LEU 84  85  85  LEU LEU A . n 
A 1 85  ARG 85  86  86  ARG ARG A . n 
A 1 86  GLU 86  87  87  GLU GLU A . n 
A 1 87  ALA 87  88  88  ALA ALA A . n 
A 1 88  LEU 88  89  89  LEU LEU A . n 
A 1 89  SER 89  90  90  SER SER A . n 
A 1 90  SER 90  91  91  SER SER A . n 
A 1 91  LEU 91  92  92  LEU LEU A . n 
A 1 92  PRO 92  93  93  PRO PRO A . n 
A 1 93  GLY 93  94  94  GLY GLY A . n 
A 1 94  LEU 94  95  95  LEU LEU A . n 
A 1 95  MET 95  96  96  MET MET A . n 
A 1 96  GLY 96  97  97  GLY GLY A . n 
A 1 97  PRO 97  98  98  PRO PRO A . n 
A 1 98  PRO 98  99  99  PRO PRO A . n 
A 1 99  LYS 99  100 100 LYS LYS A . n 
A 1 100 ALA 100 101 101 ALA ALA A . n 
A 1 101 VAL 101 102 102 VAL VAL A . n 
A 1 102 PHE 102 103 103 PHE PHE A . n 
A 1 103 MET 103 104 104 MET MET A . n 
A 1 104 THR 104 105 105 THR THR A . n 
A 1 105 PRO 105 106 106 PRO PRO A . n 
A 1 106 ARG 106 107 107 ARG ARG A . n 
A 1 107 GLY 107 108 108 GLY GLY A . n 
A 1 108 ALA 108 109 109 ALA ALA A . n 
A 1 109 ILE 109 110 110 ILE ILE A . n 
A 1 110 LEU 110 111 111 LEU LEU A . n 
A 1 111 PRO 111 112 112 PRO PRO A . n 
A 1 112 SER 112 113 113 SER SER A . n 
B 1 1   ALA 1   2   2   ALA ALA B . n 
B 1 2   GLU 2   3   3   GLU GLU B . n 
B 1 3   VAL 3   4   4   VAL VAL B . n 
B 1 4   ASN 4   5   5   ASN ASN B . n 
B 1 5   ASP 5   6   6   ASP ASP B . n 
B 1 6   PRO 6   7   7   PRO PRO B . n 
B 1 7   ARG 7   8   8   ARG ARG B . n 
B 1 8   VAL 8   9   9   VAL VAL B . n 
B 1 9   GLY 9   10  10  GLY GLY B . n 
B 1 10  PHE 10  11  11  PHE PHE B . n 
B 1 11  VAL 11  12  12  VAL VAL B . n 
B 1 12  ALA 12  13  13  ALA ALA B . n 
B 1 13  VAL 13  14  14  VAL VAL B . n 
B 1 14  VAL 14  15  15  VAL VAL B . n 
B 1 15  THR 15  16  16  THR THR B . n 
B 1 16  PHE 16  17  17  PHE PHE B . n 
B 1 17  PRO 17  18  18  PRO PRO B . n 
B 1 18  VAL 18  19  19  VAL VAL B . n 
B 1 19  ASP 19  20  20  ASP ASP B . n 
B 1 20  GLY 20  21  21  GLY GLY B . n 
B 1 21  PRO 21  22  22  PRO PRO B . n 
B 1 22  ALA 22  23  23  ALA ALA B . n 
B 1 23  THR 23  24  24  THR THR B . n 
B 1 24  GLN 24  25  25  GLN GLN B . n 
B 1 25  HIS 25  26  26  HIS HIS B . n 
B 1 26  LYS 26  27  27  LYS LYS B . n 
B 1 27  LEU 27  28  28  LEU LEU B . n 
B 1 28  VAL 28  29  29  VAL VAL B . n 
B 1 29  GLU 29  30  30  GLU GLU B . n 
B 1 30  LEU 30  31  31  LEU LEU B . n 
B 1 31  ALA 31  32  32  ALA ALA B . n 
B 1 32  THR 32  33  33  THR THR B . n 
B 1 33  GLY 33  34  34  GLY GLY B . n 
B 1 34  GLY 34  35  35  GLY GLY B . n 
B 1 35  VAL 35  36  36  VAL VAL B . n 
B 1 36  GLN 36  37  37  GLN GLN B . n 
B 1 37  GLU 37  38  38  GLU GLU B . n 
B 1 38  TRP 38  39  39  TRP TRP B . n 
B 1 39  ILE 39  40  40  ILE ILE B . n 
B 1 40  ARG 40  41  41  ARG ARG B . n 
B 1 41  GLU 41  42  42  GLU GLU B . n 
B 1 42  VAL 42  43  43  VAL VAL B . n 
B 1 43  PRO 43  44  44  PRO PRO B . n 
B 1 44  GLY 44  45  45  GLY GLY B . n 
B 1 45  PHE 45  46  46  PHE PHE B . n 
B 1 46  LEU 46  47  47  LEU LEU B . n 
B 1 47  SER 47  48  48  SER SER B . n 
B 1 48  ALA 48  49  49  ALA ALA B . n 
B 1 49  THR 49  50  50  THR THR B . n 
B 1 50  TYR 50  51  51  TYR TYR B . n 
B 1 51  HIS 51  52  52  HIS HIS B . n 
B 1 52  ALA 52  53  53  ALA ALA B . n 
B 1 53  SER 53  54  54  SER SER B . n 
B 1 54  THR 54  55  55  THR THR B . n 
B 1 55  ASP 55  56  56  ASP ASP B . n 
B 1 56  GLY 56  57  57  GLY GLY B . n 
B 1 57  THR 57  58  58  THR THR B . n 
B 1 58  ALA 58  59  59  ALA ALA B . n 
B 1 59  VAL 59  60  60  VAL VAL B . n 
B 1 60  VAL 60  61  61  VAL VAL B . n 
B 1 61  ASN 61  62  62  ASN ASN B . n 
B 1 62  TYR 62  63  63  TYR TYR B . n 
B 1 63  ALA 63  64  64  ALA ALA B . n 
B 1 64  GLN 64  65  65  GLN GLN B . n 
B 1 65  TRP 65  66  66  TRP TRP B . n 
B 1 66  GLU 66  67  67  GLU GLU B . n 
B 1 67  SER 67  68  68  SER SER B . n 
B 1 68  GLU 68  69  69  GLU GLU B . n 
B 1 69  GLN 69  70  70  GLN GLN B . n 
B 1 70  ALA 70  71  71  ALA ALA B . n 
B 1 71  TYR 71  72  72  TYR TYR B . n 
B 1 72  ARG 72  73  73  ARG ARG B . n 
B 1 73  VAL 73  74  74  VAL VAL B . n 
B 1 74  ASN 74  75  75  ASN ASN B . n 
B 1 75  PHE 75  76  76  PHE PHE B . n 
B 1 76  GLY 76  77  77  GLY GLY B . n 
B 1 77  ALA 77  78  78  ALA ALA B . n 
B 1 78  ASP 78  79  79  ASP ASP B . n 
B 1 79  PRO 79  80  80  PRO PRO B . n 
B 1 80  ARG 80  81  81  ARG ARG B . n 
B 1 81  SER 81  82  82  SER SER B . n 
B 1 82  ALA 82  83  83  ALA ALA B . n 
B 1 83  GLU 83  84  84  GLU GLU B . n 
B 1 84  LEU 84  85  85  LEU LEU B . n 
B 1 85  ARG 85  86  86  ARG ARG B . n 
B 1 86  GLU 86  87  87  GLU GLU B . n 
B 1 87  ALA 87  88  88  ALA ALA B . n 
B 1 88  LEU 88  89  89  LEU LEU B . n 
B 1 89  SER 89  90  90  SER SER B . n 
B 1 90  SER 90  91  91  SER SER B . n 
B 1 91  LEU 91  92  92  LEU LEU B . n 
B 1 92  PRO 92  93  93  PRO PRO B . n 
B 1 93  GLY 93  94  94  GLY GLY B . n 
B 1 94  LEU 94  95  95  LEU LEU B . n 
B 1 95  MET 95  96  96  MET MET B . n 
B 1 96  GLY 96  97  97  GLY GLY B . n 
B 1 97  PRO 97  98  98  PRO PRO B . n 
B 1 98  PRO 98  99  99  PRO PRO B . n 
B 1 99  LYS 99  100 100 LYS LYS B . n 
B 1 100 ALA 100 101 101 ALA ALA B . n 
B 1 101 VAL 101 102 102 VAL VAL B . n 
B 1 102 PHE 102 103 103 PHE PHE B . n 
B 1 103 MET 103 104 104 MET MET B . n 
B 1 104 THR 104 105 105 THR THR B . n 
B 1 105 PRO 105 106 106 PRO PRO B . n 
B 1 106 ARG 106 107 107 ARG ARG B . n 
B 1 107 GLY 107 108 108 GLY GLY B . n 
B 1 108 ALA 108 109 109 ALA ALA B . n 
B 1 109 ILE 109 110 110 ILE ILE B . n 
B 1 110 LEU 110 111 111 LEU LEU B . n 
B 1 111 PRO 111 112 112 PRO PRO B . n 
B 1 112 SER 112 113 113 SER SER B . n 
# 
loop_
_pdbx_nonpoly_scheme.asym_id 
_pdbx_nonpoly_scheme.entity_id 
_pdbx_nonpoly_scheme.mon_id 
_pdbx_nonpoly_scheme.ndb_seq_num 
_pdbx_nonpoly_scheme.pdb_seq_num 
_pdbx_nonpoly_scheme.auth_seq_num 
_pdbx_nonpoly_scheme.pdb_mon_id 
_pdbx_nonpoly_scheme.auth_mon_id 
_pdbx_nonpoly_scheme.pdb_strand_id 
_pdbx_nonpoly_scheme.pdb_ins_code 
C 2 NOM 1  1001 1  NOM NAN A . 
D 3 HOH 1  1002 1  HOH HOH A . 
D 3 HOH 2  1003 5  HOH HOH A . 
D 3 HOH 3  1004 8  HOH HOH A . 
D 3 HOH 4  1005 9  HOH HOH A . 
D 3 HOH 5  1006 12 HOH HOH A . 
D 3 HOH 6  1007 15 HOH HOH A . 
D 3 HOH 7  1008 17 HOH HOH A . 
D 3 HOH 8  1009 19 HOH HOH A . 
D 3 HOH 9  1010 20 HOH HOH A . 
D 3 HOH 10 1011 22 HOH HOH A . 
D 3 HOH 11 1012 23 HOH HOH A . 
D 3 HOH 12 1013 24 HOH HOH A . 
D 3 HOH 13 1014 25 HOH HOH A . 
D 3 HOH 14 1015 26 HOH HOH A . 
D 3 HOH 15 1016 28 HOH HOH A . 
D 3 HOH 16 1017 29 HOH HOH A . 
D 3 HOH 17 1018 30 HOH HOH A . 
D 3 HOH 18 1019 33 HOH HOH A . 
D 3 HOH 19 1020 34 HOH HOH A . 
D 3 HOH 20 1021 35 HOH HOH A . 
D 3 HOH 21 1022 37 HOH HOH A . 
D 3 HOH 22 1023 38 HOH HOH A . 
D 3 HOH 23 1024 39 HOH HOH A . 
D 3 HOH 24 1025 40 HOH HOH A . 
D 3 HOH 25 1026 41 HOH HOH A . 
D 3 HOH 26 1027 42 HOH HOH A . 
D 3 HOH 27 1028 43 HOH HOH A . 
D 3 HOH 28 1029 44 HOH HOH A . 
D 3 HOH 29 1030 47 HOH HOH A . 
D 3 HOH 30 1031 49 HOH HOH A . 
D 3 HOH 31 1032 50 HOH HOH A . 
D 3 HOH 32 1033 54 HOH HOH A . 
D 3 HOH 33 1034 55 HOH HOH A . 
D 3 HOH 34 1035 57 HOH HOH A . 
D 3 HOH 35 1036 58 HOH HOH A . 
D 3 HOH 36 1037 60 HOH HOH A . 
E 3 HOH 1  114  2  HOH HOH B . 
E 3 HOH 2  115  3  HOH HOH B . 
E 3 HOH 3  116  4  HOH HOH B . 
E 3 HOH 4  117  6  HOH HOH B . 
E 3 HOH 5  118  7  HOH HOH B . 
E 3 HOH 6  119  10 HOH HOH B . 
E 3 HOH 7  120  11 HOH HOH B . 
E 3 HOH 8  121  13 HOH HOH B . 
E 3 HOH 9  122  14 HOH HOH B . 
E 3 HOH 10 123  16 HOH HOH B . 
E 3 HOH 11 124  18 HOH HOH B . 
E 3 HOH 12 125  21 HOH HOH B . 
E 3 HOH 13 126  27 HOH HOH B . 
E 3 HOH 14 127  31 HOH HOH B . 
E 3 HOH 15 128  32 HOH HOH B . 
E 3 HOH 16 129  36 HOH HOH B . 
E 3 HOH 17 130  45 HOH HOH B . 
E 3 HOH 18 131  46 HOH HOH B . 
E 3 HOH 19 132  48 HOH HOH B . 
E 3 HOH 20 133  51 HOH HOH B . 
E 3 HOH 21 134  52 HOH HOH B . 
E 3 HOH 22 135  53 HOH HOH B . 
E 3 HOH 23 136  56 HOH HOH B . 
E 3 HOH 24 137  59 HOH HOH B . 
# 
loop_
_software.name 
_software.classification 
_software.version 
_software.citation_id 
_software.pdbx_ordinal 
DENZO     'data reduction' . ? 1 
SCALEPACK 'data scaling'   . ? 2 
REFMAC    refinement       . ? 3 
# 
_cell.entry_id           1N5V 
_cell.length_a           47.389 
_cell.length_b           59.921 
_cell.length_c           71.597 
_cell.angle_alpha        90.00 
_cell.angle_beta         90.00 
_cell.angle_gamma        90.00 
_cell.Z_PDB              8 
_cell.pdbx_unique_axis   ? 
# 
_symmetry.entry_id                         1N5V 
_symmetry.space_group_name_H-M             'P 21 21 21' 
_symmetry.pdbx_full_space_group_name_H-M   ? 
_symmetry.cell_setting                     ? 
_symmetry.Int_Tables_number                19 
# 
_exptl.entry_id          1N5V 
_exptl.method            'X-RAY DIFFRACTION' 
_exptl.crystals_number   1 
# 
_exptl_crystal.id                    1 
_exptl_crystal.density_meas          ? 
_exptl_crystal.density_Matthews      2.04 
_exptl_crystal.density_percent_sol   39.36 
_exptl_crystal.description           ? 
# 
_exptl_crystal_grow.crystal_id      1 
_exptl_crystal_grow.method          'vapour diffusion cocrystals' 
_exptl_crystal_grow.temp            293 
_exptl_crystal_grow.temp_details    ? 
_exptl_crystal_grow.pH              7.0 
_exptl_crystal_grow.pdbx_details    
;ammonium sulfate, PEG 200, Tris or Hepes buffer
, pH 7.0, vapour diffusion cocrystals, temperature 293K
;
_exptl_crystal_grow.pdbx_pH_range   . 
# 
_diffrn.id                     1 
_diffrn.ambient_temp           100 
_diffrn.ambient_temp_details   ? 
_diffrn.crystal_id             1 
# 
_diffrn_detector.diffrn_id              1 
_diffrn_detector.detector               CCD 
_diffrn_detector.type                   MARRESEARCH 
_diffrn_detector.pdbx_collection_date   2001-03-26 
_diffrn_detector.details                'Three-segment Pt-coated toroidal mirror' 
# 
_diffrn_radiation.diffrn_id                        1 
_diffrn_radiation.wavelength_id                    1 
_diffrn_radiation.pdbx_monochromatic_or_laue_m_l   M 
_diffrn_radiation.monochromator                    'Double crystal (Si111,Si220)' 
_diffrn_radiation.pdbx_diffrn_protocol             'SINGLE WAVELENGTH' 
_diffrn_radiation.pdbx_scattering_type             x-ray 
# 
_diffrn_radiation_wavelength.id           1 
_diffrn_radiation_wavelength.wavelength   1.00 
_diffrn_radiation_wavelength.wt           1.0 
# 
_diffrn_source.diffrn_id                   1 
_diffrn_source.source                      SYNCHROTRON 
_diffrn_source.type                        'ELETTRA BEAMLINE 5.2R' 
_diffrn_source.pdbx_synchrotron_site       ELETTRA 
_diffrn_source.pdbx_synchrotron_beamline   5.2R 
_diffrn_source.pdbx_wavelength             ? 
_diffrn_source.pdbx_wavelength_list        1.00 
# 
_reflns.entry_id                     1N5V 
_reflns.observed_criterion_sigma_F   ? 
_reflns.observed_criterion_sigma_I   ? 
_reflns.d_resolution_high            2.24 
_reflns.d_resolution_low             20.0 
_reflns.number_all                   10268 
_reflns.number_obs                   10268 
_reflns.percent_possible_obs         99.9 
_reflns.pdbx_Rmerge_I_obs            0.127 
_reflns.pdbx_Rsym_value              ? 
_reflns.pdbx_netI_over_sigmaI        12.4 
_reflns.B_iso_Wilson_estimate        29.23 
_reflns.pdbx_redundancy              6.6 
_reflns.R_free_details               ? 
_reflns.limit_h_max                  ? 
_reflns.limit_h_min                  ? 
_reflns.limit_k_max                  ? 
_reflns.limit_k_min                  ? 
_reflns.limit_l_max                  ? 
_reflns.limit_l_min                  ? 
_reflns.observed_criterion_F_max     ? 
_reflns.observed_criterion_F_min     ? 
_reflns.pdbx_ordinal                 1 
_reflns.pdbx_diffrn_id               1 
# 
_reflns_shell.d_res_high             2.24 
_reflns_shell.d_res_low              2.28 
_reflns_shell.percent_possible_all   99.0 
_reflns_shell.Rmerge_I_obs           0.591 
_reflns_shell.pdbx_Rsym_value        ? 
_reflns_shell.meanI_over_sigI_obs    2.1 
_reflns_shell.pdbx_redundancy        ? 
_reflns_shell.percent_possible_obs   ? 
_reflns_shell.number_unique_all      485 
_reflns_shell.pdbx_ordinal           1 
_reflns_shell.pdbx_diffrn_id         1 
# 
_refine.entry_id                                 1N5V 
_refine.ls_d_res_high                            2.24 
_refine.ls_d_res_low                             20.0 
_refine.pdbx_ls_sigma_F                          ? 
_refine.pdbx_ls_sigma_I                          ? 
_refine.ls_number_reflns_all                     10232 
_refine.ls_number_reflns_obs                     10232 
_refine.ls_number_reflns_R_free                  493 
_refine.ls_percent_reflns_obs                    99.5 
_refine.ls_R_factor_all                          ? 
_refine.ls_R_factor_obs                          ? 
_refine.ls_R_factor_R_work                       0.214 
_refine.ls_R_factor_R_free                       0.272 
_refine.ls_redundancy_reflns_obs                 ? 
_refine.pdbx_data_cutoff_high_absF               ? 
_refine.pdbx_data_cutoff_low_absF                ? 
_refine.ls_number_parameters                     ? 
_refine.ls_number_restraints                     ? 
_refine.ls_percent_reflns_R_free                 ? 
_refine.ls_R_factor_R_free_error                 ? 
_refine.ls_R_factor_R_free_error_details         ? 
_refine.pdbx_method_to_determine_struct          'fourier difference' 
_refine.pdbx_starting_model                      'PDB ENTRY 1LQ9' 
_refine.pdbx_ls_cross_valid_method               ? 
_refine.pdbx_R_Free_selection_details            RANDOM 
_refine.pdbx_stereochem_target_val_spec_case     ? 
_refine.pdbx_stereochemistry_target_values       'Engh & Huber' 
_refine.solvent_model_details                    ? 
_refine.solvent_model_param_bsol                 ? 
_refine.solvent_model_param_ksol                 ? 
_refine.occupancy_max                            ? 
_refine.occupancy_min                            ? 
_refine.pdbx_isotropic_thermal_model             ? 
_refine.B_iso_mean                               ? 
_refine.aniso_B[1][1]                            ? 
_refine.aniso_B[1][2]                            ? 
_refine.aniso_B[1][3]                            ? 
_refine.aniso_B[2][2]                            ? 
_refine.aniso_B[2][3]                            ? 
_refine.aniso_B[3][3]                            ? 
_refine.details                                  ? 
_refine.B_iso_min                                ? 
_refine.B_iso_max                                ? 
_refine.correlation_coeff_Fo_to_Fc               ? 
_refine.correlation_coeff_Fo_to_Fc_free          ? 
_refine.pdbx_solvent_vdw_probe_radii             ? 
_refine.pdbx_solvent_ion_probe_radii             ? 
_refine.pdbx_solvent_shrinkage_radii             ? 
_refine.overall_SU_R_Cruickshank_DPI             ? 
_refine.overall_SU_R_free                        ? 
_refine.overall_SU_B                             ? 
_refine.overall_SU_ML                            ? 
_refine.pdbx_overall_ESU_R                       ? 
_refine.pdbx_overall_ESU_R_Free                  ? 
_refine.pdbx_data_cutoff_high_rms_absF           ? 
_refine.pdbx_refine_id                           'X-RAY DIFFRACTION' 
_refine.pdbx_diffrn_id                           1 
_refine.pdbx_TLS_residual_ADP_flag               ? 
_refine.pdbx_overall_phase_error                 ? 
_refine.pdbx_overall_SU_R_free_Cruickshank_DPI   ? 
_refine.pdbx_overall_SU_R_Blow_DPI               ? 
_refine.pdbx_overall_SU_R_free_Blow_DPI          ? 
# 
_refine_hist.pdbx_refine_id                   'X-RAY DIFFRACTION' 
_refine_hist.cycle_id                         LAST 
_refine_hist.pdbx_number_atoms_protein        1692 
_refine_hist.pdbx_number_atoms_nucleic_acid   0 
_refine_hist.pdbx_number_atoms_ligand         22 
_refine_hist.number_atoms_solvent             60 
_refine_hist.number_atoms_total               1774 
_refine_hist.d_res_high                       2.24 
_refine_hist.d_res_low                        20.0 
# 
_struct.entry_id                  1N5V 
_struct.title                     
'Crystal structure of a Monooxygenase from the gene ActVA-Orf6 of Streptomyces coelicolor in complex with the ligand Nanaomycin D' 
_struct.pdbx_model_details        ? 
_struct.pdbx_CASP_flag            ? 
_struct.pdbx_model_type_details   ? 
# 
_struct_keywords.entry_id        1N5V 
_struct_keywords.pdbx_keywords   OXIDOREDUCTASE 
_struct_keywords.text            
'monooxygenase, aromatic polyketides, actinorhodin, dihydrokalafungin, nanaomycin D, streptomyces coelicolor, OXIDOREDUCTASE' 
# 
loop_
_struct_asym.id 
_struct_asym.pdbx_blank_PDB_chainid_flag 
_struct_asym.pdbx_modified 
_struct_asym.entity_id 
_struct_asym.details 
A N N 1 ? 
B N N 1 ? 
C N N 2 ? 
D N N 3 ? 
E N N 3 ? 
# 
_struct_ref.id                         1 
_struct_ref.db_name                    UNP 
_struct_ref.db_code                    Q53908_STRCO 
_struct_ref.entity_id                  1 
_struct_ref.pdbx_seq_one_letter_code   
;AEVNDPRVGFVAVVTFPVDGPATQHKLVELATGGVQEWIREVPGFLSATYHASTDGTAVVNYAQWESEQAYRVNFGADPR
SAELREALSSLPGLMGPPKAVFMTPRGAILPS
;
_struct_ref.pdbx_align_begin           2 
_struct_ref.pdbx_db_accession          Q53908 
_struct_ref.pdbx_db_isoform            ? 
# 
loop_
_struct_ref_seq.align_id 
_struct_ref_seq.ref_id 
_struct_ref_seq.pdbx_PDB_id_code 
_struct_ref_seq.pdbx_strand_id 
_struct_ref_seq.seq_align_beg 
_struct_ref_seq.pdbx_seq_align_beg_ins_code 
_struct_ref_seq.seq_align_end 
_struct_ref_seq.pdbx_seq_align_end_ins_code 
_struct_ref_seq.pdbx_db_accession 
_struct_ref_seq.db_align_beg 
_struct_ref_seq.pdbx_db_align_beg_ins_code 
_struct_ref_seq.db_align_end 
_struct_ref_seq.pdbx_db_align_end_ins_code 
_struct_ref_seq.pdbx_auth_seq_align_beg 
_struct_ref_seq.pdbx_auth_seq_align_end 
1 1 1N5V A 1 ? 112 ? Q53908 2 ? 113 ? 2 113 
2 1 1N5V B 1 ? 112 ? Q53908 2 ? 113 ? 2 113 
# 
_pdbx_struct_assembly.id                   1 
_pdbx_struct_assembly.details              author_and_software_defined_assembly 
_pdbx_struct_assembly.method_details       PISA 
_pdbx_struct_assembly.oligomeric_details   dimeric 
_pdbx_struct_assembly.oligomeric_count     2 
# 
loop_
_pdbx_struct_assembly_prop.biol_id 
_pdbx_struct_assembly_prop.type 
_pdbx_struct_assembly_prop.value 
_pdbx_struct_assembly_prop.details 
1 'ABSA (A^2)' 3770  ? 
1 MORE         -26   ? 
1 'SSA (A^2)'  10410 ? 
# 
_pdbx_struct_assembly_gen.assembly_id       1 
_pdbx_struct_assembly_gen.oper_expression   1 
_pdbx_struct_assembly_gen.asym_id_list      A,B,C,D,E 
# 
_pdbx_struct_oper_list.id                   1 
_pdbx_struct_oper_list.type                 'identity operation' 
_pdbx_struct_oper_list.name                 1_555 
_pdbx_struct_oper_list.symmetry_operation   x,y,z 
_pdbx_struct_oper_list.matrix[1][1]         1.0000000000 
_pdbx_struct_oper_list.matrix[1][2]         0.0000000000 
_pdbx_struct_oper_list.matrix[1][3]         0.0000000000 
_pdbx_struct_oper_list.vector[1]            0.0000000000 
_pdbx_struct_oper_list.matrix[2][1]         0.0000000000 
_pdbx_struct_oper_list.matrix[2][2]         1.0000000000 
_pdbx_struct_oper_list.matrix[2][3]         0.0000000000 
_pdbx_struct_oper_list.vector[2]            0.0000000000 
_pdbx_struct_oper_list.matrix[3][1]         0.0000000000 
_pdbx_struct_oper_list.matrix[3][2]         0.0000000000 
_pdbx_struct_oper_list.matrix[3][3]         1.0000000000 
_pdbx_struct_oper_list.vector[3]            0.0000000000 
# 
_struct_biol.id                    1 
_struct_biol.details               'The biological unit is a dimer in the asymmetric unit' 
_struct_biol.pdbx_parent_biol_id   ? 
# 
loop_
_struct_conf.conf_type_id 
_struct_conf.id 
_struct_conf.pdbx_PDB_helix_id 
_struct_conf.beg_label_comp_id 
_struct_conf.beg_label_asym_id 
_struct_conf.beg_label_seq_id 
_struct_conf.pdbx_beg_PDB_ins_code 
_struct_conf.end_label_comp_id 
_struct_conf.end_label_asym_id 
_struct_conf.end_label_seq_id 
_struct_conf.pdbx_end_PDB_ins_code 
_struct_conf.beg_auth_comp_id 
_struct_conf.beg_auth_asym_id 
_struct_conf.beg_auth_seq_id 
_struct_conf.end_auth_comp_id 
_struct_conf.end_auth_asym_id 
_struct_conf.end_auth_seq_id 
_struct_conf.pdbx_PDB_helix_class 
_struct_conf.details 
_struct_conf.pdbx_PDB_helix_length 
HELX_P HELX_P1 1 GLY A 20 ? THR A 32 ? GLY A 21 THR A 33 1 ? 13 
HELX_P HELX_P2 2 GLN A 36 ? VAL A 42 ? GLN A 37 VAL A 43 5 ? 7  
HELX_P HELX_P3 3 SER A 67 ? PHE A 75 ? SER A 68 PHE A 76 1 ? 9  
HELX_P HELX_P4 4 PRO A 79 ? SER A 90 ? PRO A 80 SER A 91 1 ? 12 
HELX_P HELX_P5 5 GLY B 20 ? THR B 32 ? GLY B 21 THR B 33 1 ? 13 
HELX_P HELX_P6 6 GLY B 34 ? VAL B 42 ? GLY B 35 VAL B 43 5 ? 9  
HELX_P HELX_P7 7 SER B 67 ? VAL B 73 ? SER B 68 VAL B 74 1 ? 7  
HELX_P HELX_P8 8 ASP B 78 ? LEU B 91 ? ASP B 79 LEU B 92 1 ? 14 
# 
_struct_conf_type.id          HELX_P 
_struct_conf_type.criteria    ? 
_struct_conf_type.reference   ? 
# 
_struct_sheet.id               A 
_struct_sheet.type             ? 
_struct_sheet.number_strands   9 
_struct_sheet.details          ? 
# 
loop_
_struct_sheet_order.sheet_id 
_struct_sheet_order.range_id_1 
_struct_sheet_order.range_id_2 
_struct_sheet_order.offset 
_struct_sheet_order.sense 
A 1 2 ? anti-parallel 
A 2 3 ? anti-parallel 
A 3 4 ? anti-parallel 
A 4 5 ? anti-parallel 
A 5 6 ? anti-parallel 
A 6 7 ? anti-parallel 
A 7 8 ? anti-parallel 
A 8 9 ? anti-parallel 
# 
loop_
_struct_sheet_range.sheet_id 
_struct_sheet_range.id 
_struct_sheet_range.beg_label_comp_id 
_struct_sheet_range.beg_label_asym_id 
_struct_sheet_range.beg_label_seq_id 
_struct_sheet_range.pdbx_beg_PDB_ins_code 
_struct_sheet_range.end_label_comp_id 
_struct_sheet_range.end_label_asym_id 
_struct_sheet_range.end_label_seq_id 
_struct_sheet_range.pdbx_end_PDB_ins_code 
_struct_sheet_range.beg_auth_comp_id 
_struct_sheet_range.beg_auth_asym_id 
_struct_sheet_range.beg_auth_seq_id 
_struct_sheet_range.end_auth_comp_id 
_struct_sheet_range.end_auth_asym_id 
_struct_sheet_range.end_auth_seq_id 
A 1 PHE A 10 ? PRO A 17  ? PHE A 11  PRO A 18  
A 2 ALA A 58 ? TRP A 65  ? ALA A 59  TRP A 66  
A 3 PHE A 45 ? SER A 53  ? PHE A 46  SER A 54  
A 4 LYS B 99 ? ILE B 109 ? LYS B 100 ILE B 110 
A 5 PHE B 10 ? PRO B 17  ? PHE B 11  PRO B 18  
A 6 ALA B 58 ? TRP B 65  ? ALA B 59  TRP B 66  
A 7 PHE B 45 ? SER B 53  ? PHE B 46  SER B 54  
A 8 LYS A 99 ? ILE A 109 ? LYS A 100 ILE A 110 
A 9 PHE A 10 ? PRO A 17  ? PHE A 11  PRO A 18  
# 
loop_
_pdbx_struct_sheet_hbond.sheet_id 
_pdbx_struct_sheet_hbond.range_id_1 
_pdbx_struct_sheet_hbond.range_id_2 
_pdbx_struct_sheet_hbond.range_1_label_atom_id 
_pdbx_struct_sheet_hbond.range_1_label_comp_id 
_pdbx_struct_sheet_hbond.range_1_label_asym_id 
_pdbx_struct_sheet_hbond.range_1_label_seq_id 
_pdbx_struct_sheet_hbond.range_1_PDB_ins_code 
_pdbx_struct_sheet_hbond.range_1_auth_atom_id 
_pdbx_struct_sheet_hbond.range_1_auth_comp_id 
_pdbx_struct_sheet_hbond.range_1_auth_asym_id 
_pdbx_struct_sheet_hbond.range_1_auth_seq_id 
_pdbx_struct_sheet_hbond.range_2_label_atom_id 
_pdbx_struct_sheet_hbond.range_2_label_comp_id 
_pdbx_struct_sheet_hbond.range_2_label_asym_id 
_pdbx_struct_sheet_hbond.range_2_label_seq_id 
_pdbx_struct_sheet_hbond.range_2_PDB_ins_code 
_pdbx_struct_sheet_hbond.range_2_auth_atom_id 
_pdbx_struct_sheet_hbond.range_2_auth_comp_id 
_pdbx_struct_sheet_hbond.range_2_auth_asym_id 
_pdbx_struct_sheet_hbond.range_2_auth_seq_id 
A 1 2 N PHE A 16  ? N PHE A 17  O VAL A 59  ? O VAL A 60  
A 2 3 O VAL A 60  ? O VAL A 61  N HIS A 51  ? N HIS A 52  
A 3 4 N TYR A 50  ? N TYR A 51  O ARG B 106 ? O ARG B 107 
A 4 5 O LYS B 99  ? O LYS B 100 N THR B 15  ? N THR B 16  
A 5 6 N ALA B 12  ? N ALA B 13  O ALA B 63  ? O ALA B 64  
A 6 7 O VAL B 60  ? O VAL B 61  N HIS B 51  ? N HIS B 52  
A 7 8 O TYR B 50  ? O TYR B 51  N GLY A 107 ? N GLY A 108 
A 8 9 O MET A 103 ? O MET A 104 N VAL A 11  ? N VAL A 12  
# 
_struct_site.id                   AC1 
_struct_site.pdbx_evidence_code   Software 
_struct_site.pdbx_auth_asym_id    A 
_struct_site.pdbx_auth_comp_id    NOM 
_struct_site.pdbx_auth_seq_id     1001 
_struct_site.pdbx_auth_ins_code   ? 
_struct_site.pdbx_num_residues    11 
_struct_site.details              'BINDING SITE FOR RESIDUE NOM A 1001' 
# 
loop_
_struct_site_gen.id 
_struct_site_gen.site_id 
_struct_site_gen.pdbx_num_res 
_struct_site_gen.label_comp_id 
_struct_site_gen.label_asym_id 
_struct_site_gen.label_seq_id 
_struct_site_gen.pdbx_auth_ins_code 
_struct_site_gen.auth_comp_id 
_struct_site_gen.auth_asym_id 
_struct_site_gen.auth_seq_id 
_struct_site_gen.label_atom_id 
_struct_site_gen.label_alt_id 
_struct_site_gen.symmetry 
_struct_site_gen.details 
1  AC1 11 ALA A 12 ? ALA A 13   . ? 1_555 ? 
2  AC1 11 VAL A 14 ? VAL A 15   . ? 1_555 ? 
3  AC1 11 ALA A 48 ? ALA A 49   . ? 1_555 ? 
4  AC1 11 ASN A 61 ? ASN A 62   . ? 1_555 ? 
5  AC1 11 ALA A 63 ? ALA A 64   . ? 1_555 ? 
6  AC1 11 TRP A 65 ? TRP A 66   . ? 1_555 ? 
7  AC1 11 TYR A 71 ? TYR A 72   . ? 1_555 ? 
8  AC1 11 LEU A 84 ? LEU A 85   . ? 1_555 ? 
9  AC1 11 ARG A 85 ? ARG A 86   . ? 1_555 ? 
10 AC1 11 PRO A 98 ? PRO A 99   . ? 1_555 ? 
11 AC1 11 HOH D .  ? HOH A 1037 . ? 1_555 ? 
# 
loop_
_pdbx_validate_rmsd_angle.id 
_pdbx_validate_rmsd_angle.PDB_model_num 
_pdbx_validate_rmsd_angle.auth_atom_id_1 
_pdbx_validate_rmsd_angle.auth_asym_id_1 
_pdbx_validate_rmsd_angle.auth_comp_id_1 
_pdbx_validate_rmsd_angle.auth_seq_id_1 
_pdbx_validate_rmsd_angle.PDB_ins_code_1 
_pdbx_validate_rmsd_angle.label_alt_id_1 
_pdbx_validate_rmsd_angle.auth_atom_id_2 
_pdbx_validate_rmsd_angle.auth_asym_id_2 
_pdbx_validate_rmsd_angle.auth_comp_id_2 
_pdbx_validate_rmsd_angle.auth_seq_id_2 
_pdbx_validate_rmsd_angle.PDB_ins_code_2 
_pdbx_validate_rmsd_angle.label_alt_id_2 
_pdbx_validate_rmsd_angle.auth_atom_id_3 
_pdbx_validate_rmsd_angle.auth_asym_id_3 
_pdbx_validate_rmsd_angle.auth_comp_id_3 
_pdbx_validate_rmsd_angle.auth_seq_id_3 
_pdbx_validate_rmsd_angle.PDB_ins_code_3 
_pdbx_validate_rmsd_angle.label_alt_id_3 
_pdbx_validate_rmsd_angle.angle_value 
_pdbx_validate_rmsd_angle.angle_target_value 
_pdbx_validate_rmsd_angle.angle_deviation 
_pdbx_validate_rmsd_angle.angle_standard_deviation 
_pdbx_validate_rmsd_angle.linker_flag 
1  1 NE A ARG 41  ? ? CZ A ARG 41  ? ? NH2 A ARG 41  ? ? 123.39 120.30 3.09  0.50 N 
2  1 CB A ASP 56  ? ? CG A ASP 56  ? ? OD1 A ASP 56  ? ? 124.63 118.30 6.33  0.90 N 
3  1 CB A TYR 72  ? ? CG A TYR 72  ? ? CD1 A TYR 72  ? ? 117.01 121.00 -3.99 0.60 N 
4  1 NE A ARG 73  ? ? CZ A ARG 73  ? ? NH2 A ARG 73  ? ? 115.54 120.30 -4.76 0.50 N 
5  1 CD A ARG 81  ? ? NE A ARG 81  ? ? CZ  A ARG 81  ? ? 114.62 123.60 -8.98 1.40 N 
6  1 NE A ARG 81  ? ? CZ A ARG 81  ? ? NH1 A ARG 81  ? ? 116.37 120.30 -3.93 0.50 N 
7  1 NE A ARG 81  ? ? CZ A ARG 81  ? ? NH2 A ARG 81  ? ? 127.34 120.30 7.04  0.50 N 
8  1 CD A ARG 107 ? ? NE A ARG 107 ? ? CZ  A ARG 107 ? ? 138.58 123.60 14.98 1.40 N 
9  1 NE A ARG 107 ? ? CZ A ARG 107 ? ? NH1 A ARG 107 ? ? 124.13 120.30 3.83  0.50 N 
10 1 NE B ARG 8   ? ? CZ B ARG 8   ? ? NH1 B ARG 8   ? ? 123.90 120.30 3.60  0.50 N 
11 1 CD B ARG 81  ? ? NE B ARG 81  ? ? CZ  B ARG 81  ? ? 137.96 123.60 14.36 1.40 N 
12 1 NE B ARG 81  ? ? CZ B ARG 81  ? ? NH2 B ARG 81  ? ? 126.27 120.30 5.97  0.50 N 
13 1 CD B ARG 86  ? ? NE B ARG 86  ? ? CZ  B ARG 86  ? ? 143.95 123.60 20.35 1.40 N 
14 1 NE B ARG 86  ? ? CZ B ARG 86  ? ? NH1 B ARG 86  ? ? 123.46 120.30 3.16  0.50 N 
15 1 NE B ARG 86  ? ? CZ B ARG 86  ? ? NH2 B ARG 86  ? ? 115.75 120.30 -4.55 0.50 N 
16 1 CD B ARG 107 ? ? NE B ARG 107 ? ? CZ  B ARG 107 ? ? 145.04 123.60 21.44 1.40 N 
17 1 NE B ARG 107 ? ? CZ B ARG 107 ? ? NH2 B ARG 107 ? ? 117.08 120.30 -3.22 0.50 N 
# 
loop_
_pdbx_validate_torsion.id 
_pdbx_validate_torsion.PDB_model_num 
_pdbx_validate_torsion.auth_comp_id 
_pdbx_validate_torsion.auth_asym_id 
_pdbx_validate_torsion.auth_seq_id 
_pdbx_validate_torsion.PDB_ins_code 
_pdbx_validate_torsion.label_alt_id 
_pdbx_validate_torsion.phi 
_pdbx_validate_torsion.psi 
1 1 SER A 48  ? ? 179.52  156.75 
2 1 PHE A 76  ? ? -121.12 -62.27 
3 1 ARG A 107 ? ? -120.61 -54.48 
4 1 SER B 48  ? ? 178.70  158.14 
5 1 VAL B 74  ? ? -95.75  -61.67 
# 
loop_
_pdbx_validate_chiral.id 
_pdbx_validate_chiral.PDB_model_num 
_pdbx_validate_chiral.auth_atom_id 
_pdbx_validate_chiral.label_alt_id 
_pdbx_validate_chiral.auth_asym_id 
_pdbx_validate_chiral.auth_comp_id 
_pdbx_validate_chiral.auth_seq_id 
_pdbx_validate_chiral.PDB_ins_code 
_pdbx_validate_chiral.details 
_pdbx_validate_chiral.omega 
1 1 C13 ? A NOM 1001 ? PLANAR . 
2 1 C11 ? A NOM 1001 ? PLANAR . 
# 
_pdbx_validate_main_chain_plane.id                       1 
_pdbx_validate_main_chain_plane.PDB_model_num            1 
_pdbx_validate_main_chain_plane.auth_comp_id             GLY 
_pdbx_validate_main_chain_plane.auth_asym_id             A 
_pdbx_validate_main_chain_plane.auth_seq_id              35 
_pdbx_validate_main_chain_plane.PDB_ins_code             ? 
_pdbx_validate_main_chain_plane.label_alt_id             ? 
_pdbx_validate_main_chain_plane.improper_torsion_angle   -10.71 
# 
loop_
_chem_comp_atom.comp_id 
_chem_comp_atom.atom_id 
_chem_comp_atom.type_symbol 
_chem_comp_atom.pdbx_aromatic_flag 
_chem_comp_atom.pdbx_stereo_config 
_chem_comp_atom.pdbx_ordinal 
ALA N    N N N 1   
ALA CA   C N S 2   
ALA C    C N N 3   
ALA O    O N N 4   
ALA CB   C N N 5   
ALA OXT  O N N 6   
ALA H    H N N 7   
ALA H2   H N N 8   
ALA HA   H N N 9   
ALA HB1  H N N 10  
ALA HB2  H N N 11  
ALA HB3  H N N 12  
ALA HXT  H N N 13  
ARG N    N N N 14  
ARG CA   C N S 15  
ARG C    C N N 16  
ARG O    O N N 17  
ARG CB   C N N 18  
ARG CG   C N N 19  
ARG CD   C N N 20  
ARG NE   N N N 21  
ARG CZ   C N N 22  
ARG NH1  N N N 23  
ARG NH2  N N N 24  
ARG OXT  O N N 25  
ARG H    H N N 26  
ARG H2   H N N 27  
ARG HA   H N N 28  
ARG HB2  H N N 29  
ARG HB3  H N N 30  
ARG HG2  H N N 31  
ARG HG3  H N N 32  
ARG HD2  H N N 33  
ARG HD3  H N N 34  
ARG HE   H N N 35  
ARG HH11 H N N 36  
ARG HH12 H N N 37  
ARG HH21 H N N 38  
ARG HH22 H N N 39  
ARG HXT  H N N 40  
ASN N    N N N 41  
ASN CA   C N S 42  
ASN C    C N N 43  
ASN O    O N N 44  
ASN CB   C N N 45  
ASN CG   C N N 46  
ASN OD1  O N N 47  
ASN ND2  N N N 48  
ASN OXT  O N N 49  
ASN H    H N N 50  
ASN H2   H N N 51  
ASN HA   H N N 52  
ASN HB2  H N N 53  
ASN HB3  H N N 54  
ASN HD21 H N N 55  
ASN HD22 H N N 56  
ASN HXT  H N N 57  
ASP N    N N N 58  
ASP CA   C N S 59  
ASP C    C N N 60  
ASP O    O N N 61  
ASP CB   C N N 62  
ASP CG   C N N 63  
ASP OD1  O N N 64  
ASP OD2  O N N 65  
ASP OXT  O N N 66  
ASP H    H N N 67  
ASP H2   H N N 68  
ASP HA   H N N 69  
ASP HB2  H N N 70  
ASP HB3  H N N 71  
ASP HD2  H N N 72  
ASP HXT  H N N 73  
GLN N    N N N 74  
GLN CA   C N S 75  
GLN C    C N N 76  
GLN O    O N N 77  
GLN CB   C N N 78  
GLN CG   C N N 79  
GLN CD   C N N 80  
GLN OE1  O N N 81  
GLN NE2  N N N 82  
GLN OXT  O N N 83  
GLN H    H N N 84  
GLN H2   H N N 85  
GLN HA   H N N 86  
GLN HB2  H N N 87  
GLN HB3  H N N 88  
GLN HG2  H N N 89  
GLN HG3  H N N 90  
GLN HE21 H N N 91  
GLN HE22 H N N 92  
GLN HXT  H N N 93  
GLU N    N N N 94  
GLU CA   C N S 95  
GLU C    C N N 96  
GLU O    O N N 97  
GLU CB   C N N 98  
GLU CG   C N N 99  
GLU CD   C N N 100 
GLU OE1  O N N 101 
GLU OE2  O N N 102 
GLU OXT  O N N 103 
GLU H    H N N 104 
GLU H2   H N N 105 
GLU HA   H N N 106 
GLU HB2  H N N 107 
GLU HB3  H N N 108 
GLU HG2  H N N 109 
GLU HG3  H N N 110 
GLU HE2  H N N 111 
GLU HXT  H N N 112 
GLY N    N N N 113 
GLY CA   C N N 114 
GLY C    C N N 115 
GLY O    O N N 116 
GLY OXT  O N N 117 
GLY H    H N N 118 
GLY H2   H N N 119 
GLY HA2  H N N 120 
GLY HA3  H N N 121 
GLY HXT  H N N 122 
HIS N    N N N 123 
HIS CA   C N S 124 
HIS C    C N N 125 
HIS O    O N N 126 
HIS CB   C N N 127 
HIS CG   C Y N 128 
HIS ND1  N Y N 129 
HIS CD2  C Y N 130 
HIS CE1  C Y N 131 
HIS NE2  N Y N 132 
HIS OXT  O N N 133 
HIS H    H N N 134 
HIS H2   H N N 135 
HIS HA   H N N 136 
HIS HB2  H N N 137 
HIS HB3  H N N 138 
HIS HD1  H N N 139 
HIS HD2  H N N 140 
HIS HE1  H N N 141 
HIS HE2  H N N 142 
HIS HXT  H N N 143 
HOH O    O N N 144 
HOH H1   H N N 145 
HOH H2   H N N 146 
ILE N    N N N 147 
ILE CA   C N S 148 
ILE C    C N N 149 
ILE O    O N N 150 
ILE CB   C N S 151 
ILE CG1  C N N 152 
ILE CG2  C N N 153 
ILE CD1  C N N 154 
ILE OXT  O N N 155 
ILE H    H N N 156 
ILE H2   H N N 157 
ILE HA   H N N 158 
ILE HB   H N N 159 
ILE HG12 H N N 160 
ILE HG13 H N N 161 
ILE HG21 H N N 162 
ILE HG22 H N N 163 
ILE HG23 H N N 164 
ILE HD11 H N N 165 
ILE HD12 H N N 166 
ILE HD13 H N N 167 
ILE HXT  H N N 168 
LEU N    N N N 169 
LEU CA   C N S 170 
LEU C    C N N 171 
LEU O    O N N 172 
LEU CB   C N N 173 
LEU CG   C N N 174 
LEU CD1  C N N 175 
LEU CD2  C N N 176 
LEU OXT  O N N 177 
LEU H    H N N 178 
LEU H2   H N N 179 
LEU HA   H N N 180 
LEU HB2  H N N 181 
LEU HB3  H N N 182 
LEU HG   H N N 183 
LEU HD11 H N N 184 
LEU HD12 H N N 185 
LEU HD13 H N N 186 
LEU HD21 H N N 187 
LEU HD22 H N N 188 
LEU HD23 H N N 189 
LEU HXT  H N N 190 
LYS N    N N N 191 
LYS CA   C N S 192 
LYS C    C N N 193 
LYS O    O N N 194 
LYS CB   C N N 195 
LYS CG   C N N 196 
LYS CD   C N N 197 
LYS CE   C N N 198 
LYS NZ   N N N 199 
LYS OXT  O N N 200 
LYS H    H N N 201 
LYS H2   H N N 202 
LYS HA   H N N 203 
LYS HB2  H N N 204 
LYS HB3  H N N 205 
LYS HG2  H N N 206 
LYS HG3  H N N 207 
LYS HD2  H N N 208 
LYS HD3  H N N 209 
LYS HE2  H N N 210 
LYS HE3  H N N 211 
LYS HZ1  H N N 212 
LYS HZ2  H N N 213 
LYS HZ3  H N N 214 
LYS HXT  H N N 215 
MET N    N N N 216 
MET CA   C N S 217 
MET C    C N N 218 
MET O    O N N 219 
MET CB   C N N 220 
MET CG   C N N 221 
MET SD   S N N 222 
MET CE   C N N 223 
MET OXT  O N N 224 
MET H    H N N 225 
MET H2   H N N 226 
MET HA   H N N 227 
MET HB2  H N N 228 
MET HB3  H N N 229 
MET HG2  H N N 230 
MET HG3  H N N 231 
MET HE1  H N N 232 
MET HE2  H N N 233 
MET HE3  H N N 234 
MET HXT  H N N 235 
NOM C1   C Y N 236 
NOM C2   C Y N 237 
NOM C3   C Y N 238 
NOM C4   C Y N 239 
NOM C5   C Y N 240 
NOM C6   C Y N 241 
NOM C10  C N N 242 
NOM C9   C N N 243 
NOM C8   C N N 244 
NOM C7   C N N 245 
NOM O3   O N N 246 
NOM O4   O N N 247 
NOM O2   O N N 248 
NOM C13  C N R 249 
NOM C14  C N S 250 
NOM O1   O N N 251 
NOM C11  C N S 252 
NOM C12  C N N 253 
NOM C15  C N N 254 
NOM C16  C N N 255 
NOM O5   O N N 256 
NOM O6   O N N 257 
NOM HC1  H N N 258 
NOM HC2  H N N 259 
NOM HC6  H N N 260 
NOM HO2  H N N 261 
NOM HC13 H N N 262 
NOM HC14 H N N 263 
NOM HC11 H N N 264 
NOM H121 H N N 265 
NOM H122 H N N 266 
NOM H123 H N N 267 
NOM H151 H N N 268 
NOM H152 H N N 269 
PHE N    N N N 270 
PHE CA   C N S 271 
PHE C    C N N 272 
PHE O    O N N 273 
PHE CB   C N N 274 
PHE CG   C Y N 275 
PHE CD1  C Y N 276 
PHE CD2  C Y N 277 
PHE CE1  C Y N 278 
PHE CE2  C Y N 279 
PHE CZ   C Y N 280 
PHE OXT  O N N 281 
PHE H    H N N 282 
PHE H2   H N N 283 
PHE HA   H N N 284 
PHE HB2  H N N 285 
PHE HB3  H N N 286 
PHE HD1  H N N 287 
PHE HD2  H N N 288 
PHE HE1  H N N 289 
PHE HE2  H N N 290 
PHE HZ   H N N 291 
PHE HXT  H N N 292 
PRO N    N N N 293 
PRO CA   C N S 294 
PRO C    C N N 295 
PRO O    O N N 296 
PRO CB   C N N 297 
PRO CG   C N N 298 
PRO CD   C N N 299 
PRO OXT  O N N 300 
PRO H    H N N 301 
PRO HA   H N N 302 
PRO HB2  H N N 303 
PRO HB3  H N N 304 
PRO HG2  H N N 305 
PRO HG3  H N N 306 
PRO HD2  H N N 307 
PRO HD3  H N N 308 
PRO HXT  H N N 309 
SER N    N N N 310 
SER CA   C N S 311 
SER C    C N N 312 
SER O    O N N 313 
SER CB   C N N 314 
SER OG   O N N 315 
SER OXT  O N N 316 
SER H    H N N 317 
SER H2   H N N 318 
SER HA   H N N 319 
SER HB2  H N N 320 
SER HB3  H N N 321 
SER HG   H N N 322 
SER HXT  H N N 323 
THR N    N N N 324 
THR CA   C N S 325 
THR C    C N N 326 
THR O    O N N 327 
THR CB   C N R 328 
THR OG1  O N N 329 
THR CG2  C N N 330 
THR OXT  O N N 331 
THR H    H N N 332 
THR H2   H N N 333 
THR HA   H N N 334 
THR HB   H N N 335 
THR HG1  H N N 336 
THR HG21 H N N 337 
THR HG22 H N N 338 
THR HG23 H N N 339 
THR HXT  H N N 340 
TRP N    N N N 341 
TRP CA   C N S 342 
TRP C    C N N 343 
TRP O    O N N 344 
TRP CB   C N N 345 
TRP CG   C Y N 346 
TRP CD1  C Y N 347 
TRP CD2  C Y N 348 
TRP NE1  N Y N 349 
TRP CE2  C Y N 350 
TRP CE3  C Y N 351 
TRP CZ2  C Y N 352 
TRP CZ3  C Y N 353 
TRP CH2  C Y N 354 
TRP OXT  O N N 355 
TRP H    H N N 356 
TRP H2   H N N 357 
TRP HA   H N N 358 
TRP HB2  H N N 359 
TRP HB3  H N N 360 
TRP HD1  H N N 361 
TRP HE1  H N N 362 
TRP HE3  H N N 363 
TRP HZ2  H N N 364 
TRP HZ3  H N N 365 
TRP HH2  H N N 366 
TRP HXT  H N N 367 
TYR N    N N N 368 
TYR CA   C N S 369 
TYR C    C N N 370 
TYR O    O N N 371 
TYR CB   C N N 372 
TYR CG   C Y N 373 
TYR CD1  C Y N 374 
TYR CD2  C Y N 375 
TYR CE1  C Y N 376 
TYR CE2  C Y N 377 
TYR CZ   C Y N 378 
TYR OH   O N N 379 
TYR OXT  O N N 380 
TYR H    H N N 381 
TYR H2   H N N 382 
TYR HA   H N N 383 
TYR HB2  H N N 384 
TYR HB3  H N N 385 
TYR HD1  H N N 386 
TYR HD2  H N N 387 
TYR HE1  H N N 388 
TYR HE2  H N N 389 
TYR HH   H N N 390 
TYR HXT  H N N 391 
VAL N    N N N 392 
VAL CA   C N S 393 
VAL C    C N N 394 
VAL O    O N N 395 
VAL CB   C N N 396 
VAL CG1  C N N 397 
VAL CG2  C N N 398 
VAL OXT  O N N 399 
VAL H    H N N 400 
VAL H2   H N N 401 
VAL HA   H N N 402 
VAL HB   H N N 403 
VAL HG11 H N N 404 
VAL HG12 H N N 405 
VAL HG13 H N N 406 
VAL HG21 H N N 407 
VAL HG22 H N N 408 
VAL HG23 H N N 409 
VAL HXT  H N N 410 
# 
loop_
_chem_comp_bond.comp_id 
_chem_comp_bond.atom_id_1 
_chem_comp_bond.atom_id_2 
_chem_comp_bond.value_order 
_chem_comp_bond.pdbx_aromatic_flag 
_chem_comp_bond.pdbx_stereo_config 
_chem_comp_bond.pdbx_ordinal 
ALA N   CA   sing N N 1   
ALA N   H    sing N N 2   
ALA N   H2   sing N N 3   
ALA CA  C    sing N N 4   
ALA CA  CB   sing N N 5   
ALA CA  HA   sing N N 6   
ALA C   O    doub N N 7   
ALA C   OXT  sing N N 8   
ALA CB  HB1  sing N N 9   
ALA CB  HB2  sing N N 10  
ALA CB  HB3  sing N N 11  
ALA OXT HXT  sing N N 12  
ARG N   CA   sing N N 13  
ARG N   H    sing N N 14  
ARG N   H2   sing N N 15  
ARG CA  C    sing N N 16  
ARG CA  CB   sing N N 17  
ARG CA  HA   sing N N 18  
ARG C   O    doub N N 19  
ARG C   OXT  sing N N 20  
ARG CB  CG   sing N N 21  
ARG CB  HB2  sing N N 22  
ARG CB  HB3  sing N N 23  
ARG CG  CD   sing N N 24  
ARG CG  HG2  sing N N 25  
ARG CG  HG3  sing N N 26  
ARG CD  NE   sing N N 27  
ARG CD  HD2  sing N N 28  
ARG CD  HD3  sing N N 29  
ARG NE  CZ   sing N N 30  
ARG NE  HE   sing N N 31  
ARG CZ  NH1  sing N N 32  
ARG CZ  NH2  doub N N 33  
ARG NH1 HH11 sing N N 34  
ARG NH1 HH12 sing N N 35  
ARG NH2 HH21 sing N N 36  
ARG NH2 HH22 sing N N 37  
ARG OXT HXT  sing N N 38  
ASN N   CA   sing N N 39  
ASN N   H    sing N N 40  
ASN N   H2   sing N N 41  
ASN CA  C    sing N N 42  
ASN CA  CB   sing N N 43  
ASN CA  HA   sing N N 44  
ASN C   O    doub N N 45  
ASN C   OXT  sing N N 46  
ASN CB  CG   sing N N 47  
ASN CB  HB2  sing N N 48  
ASN CB  HB3  sing N N 49  
ASN CG  OD1  doub N N 50  
ASN CG  ND2  sing N N 51  
ASN ND2 HD21 sing N N 52  
ASN ND2 HD22 sing N N 53  
ASN OXT HXT  sing N N 54  
ASP N   CA   sing N N 55  
ASP N   H    sing N N 56  
ASP N   H2   sing N N 57  
ASP CA  C    sing N N 58  
ASP CA  CB   sing N N 59  
ASP CA  HA   sing N N 60  
ASP C   O    doub N N 61  
ASP C   OXT  sing N N 62  
ASP CB  CG   sing N N 63  
ASP CB  HB2  sing N N 64  
ASP CB  HB3  sing N N 65  
ASP CG  OD1  doub N N 66  
ASP CG  OD2  sing N N 67  
ASP OD2 HD2  sing N N 68  
ASP OXT HXT  sing N N 69  
GLN N   CA   sing N N 70  
GLN N   H    sing N N 71  
GLN N   H2   sing N N 72  
GLN CA  C    sing N N 73  
GLN CA  CB   sing N N 74  
GLN CA  HA   sing N N 75  
GLN C   O    doub N N 76  
GLN C   OXT  sing N N 77  
GLN CB  CG   sing N N 78  
GLN CB  HB2  sing N N 79  
GLN CB  HB3  sing N N 80  
GLN CG  CD   sing N N 81  
GLN CG  HG2  sing N N 82  
GLN CG  HG3  sing N N 83  
GLN CD  OE1  doub N N 84  
GLN CD  NE2  sing N N 85  
GLN NE2 HE21 sing N N 86  
GLN NE2 HE22 sing N N 87  
GLN OXT HXT  sing N N 88  
GLU N   CA   sing N N 89  
GLU N   H    sing N N 90  
GLU N   H2   sing N N 91  
GLU CA  C    sing N N 92  
GLU CA  CB   sing N N 93  
GLU CA  HA   sing N N 94  
GLU C   O    doub N N 95  
GLU C   OXT  sing N N 96  
GLU CB  CG   sing N N 97  
GLU CB  HB2  sing N N 98  
GLU CB  HB3  sing N N 99  
GLU CG  CD   sing N N 100 
GLU CG  HG2  sing N N 101 
GLU CG  HG3  sing N N 102 
GLU CD  OE1  doub N N 103 
GLU CD  OE2  sing N N 104 
GLU OE2 HE2  sing N N 105 
GLU OXT HXT  sing N N 106 
GLY N   CA   sing N N 107 
GLY N   H    sing N N 108 
GLY N   H2   sing N N 109 
GLY CA  C    sing N N 110 
GLY CA  HA2  sing N N 111 
GLY CA  HA3  sing N N 112 
GLY C   O    doub N N 113 
GLY C   OXT  sing N N 114 
GLY OXT HXT  sing N N 115 
HIS N   CA   sing N N 116 
HIS N   H    sing N N 117 
HIS N   H2   sing N N 118 
HIS CA  C    sing N N 119 
HIS CA  CB   sing N N 120 
HIS CA  HA   sing N N 121 
HIS C   O    doub N N 122 
HIS C   OXT  sing N N 123 
HIS CB  CG   sing N N 124 
HIS CB  HB2  sing N N 125 
HIS CB  HB3  sing N N 126 
HIS CG  ND1  sing Y N 127 
HIS CG  CD2  doub Y N 128 
HIS ND1 CE1  doub Y N 129 
HIS ND1 HD1  sing N N 130 
HIS CD2 NE2  sing Y N 131 
HIS CD2 HD2  sing N N 132 
HIS CE1 NE2  sing Y N 133 
HIS CE1 HE1  sing N N 134 
HIS NE2 HE2  sing N N 135 
HIS OXT HXT  sing N N 136 
HOH O   H1   sing N N 137 
HOH O   H2   sing N N 138 
ILE N   CA   sing N N 139 
ILE N   H    sing N N 140 
ILE N   H2   sing N N 141 
ILE CA  C    sing N N 142 
ILE CA  CB   sing N N 143 
ILE CA  HA   sing N N 144 
ILE C   O    doub N N 145 
ILE C   OXT  sing N N 146 
ILE CB  CG1  sing N N 147 
ILE CB  CG2  sing N N 148 
ILE CB  HB   sing N N 149 
ILE CG1 CD1  sing N N 150 
ILE CG1 HG12 sing N N 151 
ILE CG1 HG13 sing N N 152 
ILE CG2 HG21 sing N N 153 
ILE CG2 HG22 sing N N 154 
ILE CG2 HG23 sing N N 155 
ILE CD1 HD11 sing N N 156 
ILE CD1 HD12 sing N N 157 
ILE CD1 HD13 sing N N 158 
ILE OXT HXT  sing N N 159 
LEU N   CA   sing N N 160 
LEU N   H    sing N N 161 
LEU N   H2   sing N N 162 
LEU CA  C    sing N N 163 
LEU CA  CB   sing N N 164 
LEU CA  HA   sing N N 165 
LEU C   O    doub N N 166 
LEU C   OXT  sing N N 167 
LEU CB  CG   sing N N 168 
LEU CB  HB2  sing N N 169 
LEU CB  HB3  sing N N 170 
LEU CG  CD1  sing N N 171 
LEU CG  CD2  sing N N 172 
LEU CG  HG   sing N N 173 
LEU CD1 HD11 sing N N 174 
LEU CD1 HD12 sing N N 175 
LEU CD1 HD13 sing N N 176 
LEU CD2 HD21 sing N N 177 
LEU CD2 HD22 sing N N 178 
LEU CD2 HD23 sing N N 179 
LEU OXT HXT  sing N N 180 
LYS N   CA   sing N N 181 
LYS N   H    sing N N 182 
LYS N   H2   sing N N 183 
LYS CA  C    sing N N 184 
LYS CA  CB   sing N N 185 
LYS CA  HA   sing N N 186 
LYS C   O    doub N N 187 
LYS C   OXT  sing N N 188 
LYS CB  CG   sing N N 189 
LYS CB  HB2  sing N N 190 
LYS CB  HB3  sing N N 191 
LYS CG  CD   sing N N 192 
LYS CG  HG2  sing N N 193 
LYS CG  HG3  sing N N 194 
LYS CD  CE   sing N N 195 
LYS CD  HD2  sing N N 196 
LYS CD  HD3  sing N N 197 
LYS CE  NZ   sing N N 198 
LYS CE  HE2  sing N N 199 
LYS CE  HE3  sing N N 200 
LYS NZ  HZ1  sing N N 201 
LYS NZ  HZ2  sing N N 202 
LYS NZ  HZ3  sing N N 203 
LYS OXT HXT  sing N N 204 
MET N   CA   sing N N 205 
MET N   H    sing N N 206 
MET N   H2   sing N N 207 
MET CA  C    sing N N 208 
MET CA  CB   sing N N 209 
MET CA  HA   sing N N 210 
MET C   O    doub N N 211 
MET C   OXT  sing N N 212 
MET CB  CG   sing N N 213 
MET CB  HB2  sing N N 214 
MET CB  HB3  sing N N 215 
MET CG  SD   sing N N 216 
MET CG  HG2  sing N N 217 
MET CG  HG3  sing N N 218 
MET SD  CE   sing N N 219 
MET CE  HE1  sing N N 220 
MET CE  HE2  sing N N 221 
MET CE  HE3  sing N N 222 
MET OXT HXT  sing N N 223 
NOM C1  C2   doub Y N 224 
NOM C1  C6   sing Y N 225 
NOM C1  HC1  sing N N 226 
NOM C2  C3   sing Y N 227 
NOM C2  HC2  sing N N 228 
NOM C3  C4   doub Y N 229 
NOM C3  C10  sing N N 230 
NOM C4  C5   sing Y N 231 
NOM C4  C7   sing N N 232 
NOM C5  C6   doub Y N 233 
NOM C5  O2   sing N N 234 
NOM C6  HC6  sing N N 235 
NOM C10 C9   sing N N 236 
NOM C10 O4   doub N N 237 
NOM C9  C8   doub N N 238 
NOM C9  C13  sing N N 239 
NOM C8  C7   sing N N 240 
NOM C8  C11  sing N N 241 
NOM C7  O3   doub N N 242 
NOM O2  HO2  sing N N 243 
NOM C13 C14  sing N N 244 
NOM C13 O6   sing N N 245 
NOM C13 HC13 sing N N 246 
NOM C14 O1   sing N N 247 
NOM C14 C15  sing N N 248 
NOM C14 HC14 sing N N 249 
NOM O1  C11  sing N N 250 
NOM C11 C12  sing N N 251 
NOM C11 HC11 sing N N 252 
NOM C12 H121 sing N N 253 
NOM C12 H122 sing N N 254 
NOM C12 H123 sing N N 255 
NOM C15 C16  sing N N 256 
NOM C15 H151 sing N N 257 
NOM C15 H152 sing N N 258 
NOM C16 O5   doub N N 259 
NOM C16 O6   sing N N 260 
PHE N   CA   sing N N 261 
PHE N   H    sing N N 262 
PHE N   H2   sing N N 263 
PHE CA  C    sing N N 264 
PHE CA  CB   sing N N 265 
PHE CA  HA   sing N N 266 
PHE C   O    doub N N 267 
PHE C   OXT  sing N N 268 
PHE CB  CG   sing N N 269 
PHE CB  HB2  sing N N 270 
PHE CB  HB3  sing N N 271 
PHE CG  CD1  doub Y N 272 
PHE CG  CD2  sing Y N 273 
PHE CD1 CE1  sing Y N 274 
PHE CD1 HD1  sing N N 275 
PHE CD2 CE2  doub Y N 276 
PHE CD2 HD2  sing N N 277 
PHE CE1 CZ   doub Y N 278 
PHE CE1 HE1  sing N N 279 
PHE CE2 CZ   sing Y N 280 
PHE CE2 HE2  sing N N 281 
PHE CZ  HZ   sing N N 282 
PHE OXT HXT  sing N N 283 
PRO N   CA   sing N N 284 
PRO N   CD   sing N N 285 
PRO N   H    sing N N 286 
PRO CA  C    sing N N 287 
PRO CA  CB   sing N N 288 
PRO CA  HA   sing N N 289 
PRO C   O    doub N N 290 
PRO C   OXT  sing N N 291 
PRO CB  CG   sing N N 292 
PRO CB  HB2  sing N N 293 
PRO CB  HB3  sing N N 294 
PRO CG  CD   sing N N 295 
PRO CG  HG2  sing N N 296 
PRO CG  HG3  sing N N 297 
PRO CD  HD2  sing N N 298 
PRO CD  HD3  sing N N 299 
PRO OXT HXT  sing N N 300 
SER N   CA   sing N N 301 
SER N   H    sing N N 302 
SER N   H2   sing N N 303 
SER CA  C    sing N N 304 
SER CA  CB   sing N N 305 
SER CA  HA   sing N N 306 
SER C   O    doub N N 307 
SER C   OXT  sing N N 308 
SER CB  OG   sing N N 309 
SER CB  HB2  sing N N 310 
SER CB  HB3  sing N N 311 
SER OG  HG   sing N N 312 
SER OXT HXT  sing N N 313 
THR N   CA   sing N N 314 
THR N   H    sing N N 315 
THR N   H2   sing N N 316 
THR CA  C    sing N N 317 
THR CA  CB   sing N N 318 
THR CA  HA   sing N N 319 
THR C   O    doub N N 320 
THR C   OXT  sing N N 321 
THR CB  OG1  sing N N 322 
THR CB  CG2  sing N N 323 
THR CB  HB   sing N N 324 
THR OG1 HG1  sing N N 325 
THR CG2 HG21 sing N N 326 
THR CG2 HG22 sing N N 327 
THR CG2 HG23 sing N N 328 
THR OXT HXT  sing N N 329 
TRP N   CA   sing N N 330 
TRP N   H    sing N N 331 
TRP N   H2   sing N N 332 
TRP CA  C    sing N N 333 
TRP CA  CB   sing N N 334 
TRP CA  HA   sing N N 335 
TRP C   O    doub N N 336 
TRP C   OXT  sing N N 337 
TRP CB  CG   sing N N 338 
TRP CB  HB2  sing N N 339 
TRP CB  HB3  sing N N 340 
TRP CG  CD1  doub Y N 341 
TRP CG  CD2  sing Y N 342 
TRP CD1 NE1  sing Y N 343 
TRP CD1 HD1  sing N N 344 
TRP CD2 CE2  doub Y N 345 
TRP CD2 CE3  sing Y N 346 
TRP NE1 CE2  sing Y N 347 
TRP NE1 HE1  sing N N 348 
TRP CE2 CZ2  sing Y N 349 
TRP CE3 CZ3  doub Y N 350 
TRP CE3 HE3  sing N N 351 
TRP CZ2 CH2  doub Y N 352 
TRP CZ2 HZ2  sing N N 353 
TRP CZ3 CH2  sing Y N 354 
TRP CZ3 HZ3  sing N N 355 
TRP CH2 HH2  sing N N 356 
TRP OXT HXT  sing N N 357 
TYR N   CA   sing N N 358 
TYR N   H    sing N N 359 
TYR N   H2   sing N N 360 
TYR CA  C    sing N N 361 
TYR CA  CB   sing N N 362 
TYR CA  HA   sing N N 363 
TYR C   O    doub N N 364 
TYR C   OXT  sing N N 365 
TYR CB  CG   sing N N 366 
TYR CB  HB2  sing N N 367 
TYR CB  HB3  sing N N 368 
TYR CG  CD1  doub Y N 369 
TYR CG  CD2  sing Y N 370 
TYR CD1 CE1  sing Y N 371 
TYR CD1 HD1  sing N N 372 
TYR CD2 CE2  doub Y N 373 
TYR CD2 HD2  sing N N 374 
TYR CE1 CZ   doub Y N 375 
TYR CE1 HE1  sing N N 376 
TYR CE2 CZ   sing Y N 377 
TYR CE2 HE2  sing N N 378 
TYR CZ  OH   sing N N 379 
TYR OH  HH   sing N N 380 
TYR OXT HXT  sing N N 381 
VAL N   CA   sing N N 382 
VAL N   H    sing N N 383 
VAL N   H2   sing N N 384 
VAL CA  C    sing N N 385 
VAL CA  CB   sing N N 386 
VAL CA  HA   sing N N 387 
VAL C   O    doub N N 388 
VAL C   OXT  sing N N 389 
VAL CB  CG1  sing N N 390 
VAL CB  CG2  sing N N 391 
VAL CB  HB   sing N N 392 
VAL CG1 HG11 sing N N 393 
VAL CG1 HG12 sing N N 394 
VAL CG1 HG13 sing N N 395 
VAL CG2 HG21 sing N N 396 
VAL CG2 HG22 sing N N 397 
VAL CG2 HG23 sing N N 398 
VAL OXT HXT  sing N N 399 
# 
_pdbx_initial_refinement_model.id               1 
_pdbx_initial_refinement_model.entity_id_list   ? 
_pdbx_initial_refinement_model.type             'experimental model' 
_pdbx_initial_refinement_model.source_name      PDB 
_pdbx_initial_refinement_model.accession_code   1LQ9 
_pdbx_initial_refinement_model.details          'PDB ENTRY 1LQ9' 
# 
_atom_sites.entry_id                    1N5V 
_atom_sites.fract_transf_matrix[1][1]   0.01176783 
_atom_sites.fract_transf_matrix[1][2]   0.01643497 
_atom_sites.fract_transf_matrix[1][3]   -0.00605843 
_atom_sites.fract_transf_matrix[2][1]   -0.01318315 
_atom_sites.fract_transf_matrix[2][2]   0.01008343 
_atom_sites.fract_transf_matrix[2][3]   0.00174696 
_atom_sites.fract_transf_matrix[3][1]   0.00356148 
_atom_sites.fract_transf_matrix[3][2]   0.00235227 
_atom_sites.fract_transf_matrix[3][3]   0.01329887 
_atom_sites.fract_transf_vector[1]      0.860349 
_atom_sites.fract_transf_vector[2]      0.535202 
_atom_sites.fract_transf_vector[3]      0.040838 
# 
loop_
_atom_type.symbol 
C 
N 
O 
S 
# 
loop_
_atom_site.group_PDB 
_atom_site.id 
_atom_site.type_symbol 
_atom_site.label_atom_id 
_atom_site.label_alt_id 
_atom_site.label_comp_id 
_atom_site.label_asym_id 
_atom_site.label_entity_id 
_atom_site.label_seq_id 
_atom_site.pdbx_PDB_ins_code 
_atom_site.Cartn_x 
_atom_site.Cartn_y 
_atom_site.Cartn_z 
_atom_site.occupancy 
_atom_site.B_iso_or_equiv 
_atom_site.pdbx_formal_charge 
_atom_site.auth_seq_id 
_atom_site.auth_comp_id 
_atom_site.auth_asym_id 
_atom_site.auth_atom_id 
_atom_site.pdbx_PDB_model_num 
ATOM   1    N N   . ALA A 1 1   ? 7.813   7.635   -6.105  1.00 44.12 ? 2    ALA A N   1 
ATOM   2    C CA  . ALA A 1 1   ? 8.751   6.775   -6.860  1.00 45.02 ? 2    ALA A CA  1 
ATOM   3    C C   . ALA A 1 1   ? 8.122   5.508   -7.442  1.00 46.15 ? 2    ALA A C   1 
ATOM   4    O O   . ALA A 1 1   ? 7.053   5.079   -7.016  1.00 45.87 ? 2    ALA A O   1 
ATOM   5    C CB  . ALA A 1 1   ? 9.859   6.375   -5.901  1.00 41.38 ? 2    ALA A CB  1 
ATOM   6    N N   . GLU A 1 2   ? 8.779   4.895   -8.434  1.00 47.24 ? 3    GLU A N   1 
ATOM   7    C CA  . GLU A 1 2   ? 8.264   3.607   -8.898  1.00 46.75 ? 3    GLU A CA  1 
ATOM   8    C C   . GLU A 1 2   ? 8.133   2.749   -7.634  1.00 46.58 ? 3    GLU A C   1 
ATOM   9    O O   . GLU A 1 2   ? 8.920   2.902   -6.691  1.00 45.68 ? 3    GLU A O   1 
ATOM   10   C CB  . GLU A 1 2   ? 9.170   2.967   -9.932  1.00 48.12 ? 3    GLU A CB  1 
ATOM   11   C CG  . GLU A 1 2   ? 8.619   3.139   -11.346 1.00 50.99 ? 3    GLU A CG  1 
ATOM   12   C CD  . GLU A 1 2   ? 7.710   1.982   -11.753 1.00 51.65 ? 3    GLU A CD  1 
ATOM   13   O OE1 . GLU A 1 2   ? 7.503   1.035   -10.946 1.00 51.72 ? 3    GLU A OE1 1 
ATOM   14   O OE2 . GLU A 1 2   ? 7.180   2.039   -12.892 1.00 50.57 ? 3    GLU A OE2 1 
ATOM   15   N N   . VAL A 1 3   ? 7.137   1.870   -7.616  1.00 45.54 ? 4    VAL A N   1 
ATOM   16   C CA  . VAL A 1 3   ? 6.868   1.052   -6.459  1.00 46.35 ? 4    VAL A CA  1 
ATOM   17   C C   . VAL A 1 3   ? 7.967   0.047   -6.146  1.00 47.27 ? 4    VAL A C   1 
ATOM   18   O O   . VAL A 1 3   ? 8.001   -0.530  -5.072  1.00 45.58 ? 4    VAL A O   1 
ATOM   19   C CB  . VAL A 1 3   ? 5.550   0.248   -6.614  1.00 44.81 ? 4    VAL A CB  1 
ATOM   20   C CG1 . VAL A 1 3   ? 4.354   1.107   -6.264  1.00 44.34 ? 4    VAL A CG1 1 
ATOM   21   C CG2 . VAL A 1 3   ? 5.417   -0.325  -8.010  1.00 43.92 ? 4    VAL A CG2 1 
ATOM   22   N N   . ASN A 1 4   ? 8.744   -0.268  -7.173  1.00 50.28 ? 5    ASN A N   1 
ATOM   23   C CA  . ASN A 1 4   ? 9.796   -1.267  -7.108  1.00 52.48 ? 5    ASN A CA  1 
ATOM   24   C C   . ASN A 1 4   ? 11.167  -0.614  -7.063  1.00 52.13 ? 5    ASN A C   1 
ATOM   25   O O   . ASN A 1 4   ? 12.171  -1.295  -7.210  1.00 53.12 ? 5    ASN A O   1 
ATOM   26   C CB  . ASN A 1 4   ? 9.689   -2.176  -8.350  1.00 53.08 ? 5    ASN A CB  1 
ATOM   27   C CG  . ASN A 1 4   ? 9.877   -1.374  -9.619  1.00 54.90 ? 5    ASN A CG  1 
ATOM   28   O OD1 . ASN A 1 4   ? 9.261   -0.304  -9.745  1.00 56.50 ? 5    ASN A OD1 1 
ATOM   29   N ND2 . ASN A 1 4   ? 10.688  -1.852  -10.557 1.00 55.03 ? 5    ASN A ND2 1 
ATOM   30   N N   . ASP A 1 5   ? 11.213  0.701   -6.920  1.00 52.18 ? 6    ASP A N   1 
ATOM   31   C CA  . ASP A 1 5   ? 12.500  1.383   -6.869  1.00 52.81 ? 6    ASP A CA  1 
ATOM   32   C C   . ASP A 1 5   ? 13.319  0.967   -5.651  1.00 52.35 ? 6    ASP A C   1 
ATOM   33   O O   . ASP A 1 5   ? 12.893  1.121   -4.509  1.00 51.27 ? 6    ASP A O   1 
ATOM   34   C CB  . ASP A 1 5   ? 12.243  2.887   -6.810  1.00 53.81 ? 6    ASP A CB  1 
ATOM   35   C CG  . ASP A 1 5   ? 13.492  3.741   -6.895  1.00 54.11 ? 6    ASP A CG  1 
ATOM   36   O OD1 . ASP A 1 5   ? 14.594  3.144   -6.840  1.00 54.72 ? 6    ASP A OD1 1 
ATOM   37   O OD2 . ASP A 1 5   ? 13.318  4.982   -7.009  1.00 53.11 ? 6    ASP A OD2 1 
ATOM   38   N N   . PRO A 1 6   ? 14.570  0.571   -5.883  1.00 52.03 ? 7    PRO A N   1 
ATOM   39   C CA  . PRO A 1 6   ? 15.496  0.201   -4.827  1.00 51.43 ? 7    PRO A CA  1 
ATOM   40   C C   . PRO A 1 6   ? 15.844  1.303   -3.844  1.00 49.32 ? 7    PRO A C   1 
ATOM   41   O O   . PRO A 1 6   ? 16.313  0.941   -2.757  1.00 50.67 ? 7    PRO A O   1 
ATOM   42   C CB  . PRO A 1 6   ? 16.712  -0.367  -5.549  1.00 52.15 ? 7    PRO A CB  1 
ATOM   43   C CG  . PRO A 1 6   ? 16.204  -0.717  -6.911  1.00 52.93 ? 7    PRO A CG  1 
ATOM   44   C CD  . PRO A 1 6   ? 15.185  0.361   -7.222  1.00 52.18 ? 7    PRO A CD  1 
ATOM   45   N N   . ARG A 1 7   ? 15.611  2.586   -4.045  1.00 47.39 ? 8    ARG A N   1 
ATOM   46   C CA  . ARG A 1 7   ? 15.761  3.635   -3.067  1.00 46.19 ? 8    ARG A CA  1 
ATOM   47   C C   . ARG A 1 7   ? 14.623  3.632   -2.021  1.00 43.69 ? 8    ARG A C   1 
ATOM   48   O O   . ARG A 1 7   ? 14.770  4.359   -1.033  1.00 40.41 ? 8    ARG A O   1 
ATOM   49   C CB  . ARG A 1 7   ? 15.682  5.047   -3.650  1.00 50.16 ? 8    ARG A CB  1 
ATOM   50   C CG  . ARG A 1 7   ? 17.009  5.647   -4.106  1.00 52.70 ? 8    ARG A CG  1 
ATOM   51   C CD  . ARG A 1 7   ? 16.814  7.093   -4.517  1.00 54.96 ? 8    ARG A CD  1 
ATOM   52   N NE  . ARG A 1 7   ? 15.581  7.286   -5.288  1.00 57.68 ? 8    ARG A NE  1 
ATOM   53   C CZ  . ARG A 1 7   ? 14.951  8.466   -5.340  1.00 58.54 ? 8    ARG A CZ  1 
ATOM   54   N NH1 . ARG A 1 7   ? 15.457  9.504   -4.676  1.00 58.93 ? 8    ARG A NH1 1 
ATOM   55   N NH2 . ARG A 1 7   ? 13.830  8.592   -6.039  1.00 59.25 ? 8    ARG A NH2 1 
ATOM   56   N N   . VAL A 1 8   ? 13.503  2.932   -2.311  1.00 38.87 ? 9    VAL A N   1 
ATOM   57   C CA  . VAL A 1 8   ? 12.439  2.825   -1.323  1.00 35.66 ? 9    VAL A CA  1 
ATOM   58   C C   . VAL A 1 8   ? 12.889  1.881   -0.200  1.00 34.97 ? 9    VAL A C   1 
ATOM   59   O O   . VAL A 1 8   ? 12.847  0.663   -0.252  1.00 33.67 ? 9    VAL A O   1 
ATOM   60   C CB  . VAL A 1 8   ? 11.087  2.381   -1.918  1.00 33.81 ? 9    VAL A CB  1 
ATOM   61   C CG1 . VAL A 1 8   ? 10.036  2.245   -0.829  1.00 32.24 ? 9    VAL A CG1 1 
ATOM   62   C CG2 . VAL A 1 8   ? 10.585  3.371   -2.971  1.00 33.56 ? 9    VAL A CG2 1 
ATOM   63   N N   . GLY A 1 9   ? 13.255  2.457   0.960   1.00 35.37 ? 10   GLY A N   1 
ATOM   64   C CA  . GLY A 1 9   ? 13.732  1.601   2.057   1.00 34.36 ? 10   GLY A CA  1 
ATOM   65   C C   . GLY A 1 9   ? 12.680  1.385   3.136   1.00 32.98 ? 10   GLY A C   1 
ATOM   66   O O   . GLY A 1 9   ? 12.891  0.543   3.981   1.00 32.19 ? 10   GLY A O   1 
ATOM   67   N N   . PHE A 1 10  ? 11.580  2.130   3.128   1.00 29.87 ? 11   PHE A N   1 
ATOM   68   C CA  . PHE A 1 10  ? 10.642  2.032   4.215   1.00 30.24 ? 11   PHE A CA  1 
ATOM   69   C C   . PHE A 1 10  ? 9.298   2.564   3.759   1.00 29.17 ? 11   PHE A C   1 
ATOM   70   O O   . PHE A 1 10  ? 9.221   3.586   3.111   1.00 31.74 ? 11   PHE A O   1 
ATOM   71   C CB  . PHE A 1 10  ? 11.182  2.809   5.418   1.00 30.28 ? 11   PHE A CB  1 
ATOM   72   C CG  . PHE A 1 10  ? 10.406  2.743   6.702   1.00 29.69 ? 11   PHE A CG  1 
ATOM   73   C CD1 . PHE A 1 10  ? 10.598  1.701   7.594   1.00 30.65 ? 11   PHE A CD1 1 
ATOM   74   C CD2 . PHE A 1 10  ? 9.494   3.733   7.028   1.00 29.03 ? 11   PHE A CD2 1 
ATOM   75   C CE1 . PHE A 1 10  ? 9.871   1.623   8.769   1.00 30.32 ? 11   PHE A CE1 1 
ATOM   76   C CE2 . PHE A 1 10  ? 8.779   3.657   8.210   1.00 29.47 ? 11   PHE A CE2 1 
ATOM   77   C CZ  . PHE A 1 10  ? 8.992   2.635   9.115   1.00 29.27 ? 11   PHE A CZ  1 
ATOM   78   N N   . VAL A 1 11  ? 8.259   1.856   4.153   1.00 27.95 ? 12   VAL A N   1 
ATOM   79   C CA  . VAL A 1 11  ? 6.887   2.115   3.814   1.00 24.46 ? 12   VAL A CA  1 
ATOM   80   C C   . VAL A 1 11  ? 6.045   2.130   5.068   1.00 25.85 ? 12   VAL A C   1 
ATOM   81   O O   . VAL A 1 11  ? 6.059   1.273   5.950   1.00 27.63 ? 12   VAL A O   1 
ATOM   82   C CB  . VAL A 1 11  ? 6.397   1.038   2.811   1.00 22.56 ? 12   VAL A CB  1 
ATOM   83   C CG1 . VAL A 1 11  ? 4.886   1.110   2.539   1.00 21.91 ? 12   VAL A CG1 1 
ATOM   84   C CG2 . VAL A 1 11  ? 7.135   1.131   1.476   1.00 20.89 ? 12   VAL A CG2 1 
ATOM   85   N N   . ALA A 1 12  ? 5.165   3.108   5.129   1.00 26.39 ? 13   ALA A N   1 
ATOM   86   C CA  . ALA A 1 12  ? 4.133   3.269   6.154   1.00 24.70 ? 13   ALA A CA  1 
ATOM   87   C C   . ALA A 1 12  ? 2.789   3.227   5.411   1.00 24.23 ? 13   ALA A C   1 
ATOM   88   O O   . ALA A 1 12  ? 2.494   3.945   4.452   1.00 23.46 ? 13   ALA A O   1 
ATOM   89   C CB  . ALA A 1 12  ? 4.315   4.595   6.894   1.00 22.88 ? 13   ALA A CB  1 
ATOM   90   N N   . VAL A 1 13  ? 1.926   2.329   5.818   1.00 25.51 ? 14   VAL A N   1 
ATOM   91   C CA  . VAL A 1 13  ? 0.582   2.181   5.272   1.00 25.69 ? 14   VAL A CA  1 
ATOM   92   C C   . VAL A 1 13  ? -0.330  2.623   6.407   1.00 26.21 ? 14   VAL A C   1 
ATOM   93   O O   . VAL A 1 13  ? -0.396  1.969   7.437   1.00 28.62 ? 14   VAL A O   1 
ATOM   94   C CB  . VAL A 1 13  ? 0.305   0.726   4.891   1.00 25.13 ? 14   VAL A CB  1 
ATOM   95   C CG1 . VAL A 1 13  ? -1.142  0.597   4.451   1.00 25.70 ? 14   VAL A CG1 1 
ATOM   96   C CG2 . VAL A 1 13  ? 1.282   0.273   3.818   1.00 21.78 ? 14   VAL A CG2 1 
ATOM   97   N N   . VAL A 1 14  ? -0.989  3.737   6.238   1.00 25.65 ? 15   VAL A N   1 
ATOM   98   C CA  . VAL A 1 14  ? -1.789  4.385   7.246   1.00 25.84 ? 15   VAL A CA  1 
ATOM   99   C C   . VAL A 1 14  ? -3.241  4.385   6.774   1.00 24.74 ? 15   VAL A C   1 
ATOM   100  O O   . VAL A 1 14  ? -3.576  5.079   5.829   1.00 24.21 ? 15   VAL A O   1 
ATOM   101  C CB  . VAL A 1 14  ? -1.341  5.844   7.494   1.00 26.54 ? 15   VAL A CB  1 
ATOM   102  C CG1 . VAL A 1 14  ? -2.088  6.462   8.663   1.00 28.80 ? 15   VAL A CG1 1 
ATOM   103  C CG2 . VAL A 1 14  ? 0.160   5.959   7.786   1.00 26.45 ? 15   VAL A CG2 1 
ATOM   104  N N   . THR A 1 15  ? -4.074  3.745   7.546   1.00 24.99 ? 16   THR A N   1 
ATOM   105  C CA  . THR A 1 15  ? -5.494  3.608   7.377   1.00 25.72 ? 16   THR A CA  1 
ATOM   106  C C   . THR A 1 15  ? -6.348  4.466   8.297   1.00 25.99 ? 16   THR A C   1 
ATOM   107  O O   . THR A 1 15  ? -6.247  4.288   9.518   1.00 25.71 ? 16   THR A O   1 
ATOM   108  C CB  . THR A 1 15  ? -5.908  2.140   7.641   1.00 24.77 ? 16   THR A CB  1 
ATOM   109  O OG1 . THR A 1 15  ? -5.188  1.372   6.657   1.00 25.49 ? 16   THR A OG1 1 
ATOM   110  C CG2 . THR A 1 15  ? -7.388  1.914   7.372   1.00 26.40 ? 16   THR A CG2 1 
ATOM   111  N N   . PHE A 1 16  ? -7.158  5.340   7.719   1.00 24.15 ? 17   PHE A N   1 
ATOM   112  C CA  . PHE A 1 16  ? -8.030  6.218   8.495   1.00 23.50 ? 17   PHE A CA  1 
ATOM   113  C C   . PHE A 1 16  ? -9.495  5.778   8.382   1.00 26.93 ? 17   PHE A C   1 
ATOM   114  O O   . PHE A 1 16  ? -10.058 5.852   7.282   1.00 25.88 ? 17   PHE A O   1 
ATOM   115  C CB  . PHE A 1 16  ? -8.001  7.657   7.924   1.00 20.88 ? 17   PHE A CB  1 
ATOM   116  C CG  . PHE A 1 16  ? -6.683  8.374   7.990   1.00 20.64 ? 17   PHE A CG  1 
ATOM   117  C CD1 . PHE A 1 16  ? -5.724  8.120   7.006   1.00 21.19 ? 17   PHE A CD1 1 
ATOM   118  C CD2 . PHE A 1 16  ? -6.405  9.311   8.966   1.00 20.18 ? 17   PHE A CD2 1 
ATOM   119  C CE1 . PHE A 1 16  ? -4.475  8.719   7.061   1.00 23.85 ? 17   PHE A CE1 1 
ATOM   120  C CE2 . PHE A 1 16  ? -5.156  9.946   9.005   1.00 20.67 ? 17   PHE A CE2 1 
ATOM   121  C CZ  . PHE A 1 16  ? -4.187  9.637   8.066   1.00 22.04 ? 17   PHE A CZ  1 
ATOM   122  N N   . PRO A 1 17  ? -10.120 5.430   9.492   1.00 27.94 ? 18   PRO A N   1 
ATOM   123  C CA  . PRO A 1 17  ? -11.508 4.986   9.549   1.00 28.00 ? 18   PRO A CA  1 
ATOM   124  C C   . PRO A 1 17  ? -12.508 6.118   9.490   1.00 27.23 ? 18   PRO A C   1 
ATOM   125  O O   . PRO A 1 17  ? -12.451 7.068   10.263  1.00 27.90 ? 18   PRO A O   1 
ATOM   126  C CB  . PRO A 1 17  ? -11.581 4.180   10.853  1.00 27.32 ? 18   PRO A CB  1 
ATOM   127  C CG  . PRO A 1 17  ? -10.587 4.877   11.733  1.00 26.99 ? 18   PRO A CG  1 
ATOM   128  C CD  . PRO A 1 17  ? -9.479  5.362   10.832  1.00 28.13 ? 18   PRO A CD  1 
ATOM   129  N N   . VAL A 1 18  ? -13.344 6.149   8.430   1.00 27.20 ? 19   VAL A N   1 
ATOM   130  C CA  . VAL A 1 18  ? -14.284 7.252   8.190   1.00 26.10 ? 19   VAL A CA  1 
ATOM   131  C C   . VAL A 1 18  ? -15.712 6.735   8.033   1.00 27.56 ? 19   VAL A C   1 
ATOM   132  O O   . VAL A 1 18  ? -15.958 5.530   7.883   1.00 27.90 ? 19   VAL A O   1 
ATOM   133  C CB  . VAL A 1 18  ? -13.892 8.114   6.975   1.00 25.22 ? 19   VAL A CB  1 
ATOM   134  C CG1 . VAL A 1 18  ? -12.489 8.750   7.152   1.00 19.63 ? 19   VAL A CG1 1 
ATOM   135  C CG2 . VAL A 1 18  ? -13.977 7.313   5.671   1.00 22.46 ? 19   VAL A CG2 1 
ATOM   136  N N   . ASP A 1 19  ? -16.674 7.629   8.140   1.00 28.29 ? 20   ASP A N   1 
ATOM   137  C CA  . ASP A 1 19  ? -18.079 7.304   8.126   1.00 29.58 ? 20   ASP A CA  1 
ATOM   138  C C   . ASP A 1 19  ? -18.760 7.167   6.764   1.00 30.92 ? 20   ASP A C   1 
ATOM   139  O O   . ASP A 1 19  ? -19.906 6.702   6.686   1.00 32.25 ? 20   ASP A O   1 
ATOM   140  C CB  . ASP A 1 19  ? -18.831 8.307   8.995   1.00 29.59 ? 20   ASP A CB  1 
ATOM   141  C CG  . ASP A 1 19  ? -18.859 9.704   8.480   1.00 31.58 ? 20   ASP A CG  1 
ATOM   142  O OD1 . ASP A 1 19  ? -18.160 10.073  7.512   1.00 34.34 ? 20   ASP A OD1 1 
ATOM   143  O OD2 . ASP A 1 19  ? -19.572 10.553  9.054   1.00 32.09 ? 20   ASP A OD2 1 
ATOM   144  N N   . GLY A 1 20  ? -18.044 7.378   5.674   1.00 29.57 ? 21   GLY A N   1 
ATOM   145  C CA  . GLY A 1 20  ? -18.529 7.246   4.359   1.00 28.44 ? 21   GLY A CA  1 
ATOM   146  C C   . GLY A 1 20  ? -17.687 8.054   3.370   1.00 28.47 ? 21   GLY A C   1 
ATOM   147  O O   . GLY A 1 20  ? -16.714 8.749   3.742   1.00 29.43 ? 21   GLY A O   1 
ATOM   148  N N   . PRO A 1 21  ? -18.125 7.953   2.120   1.00 25.66 ? 22   PRO A N   1 
ATOM   149  C CA  . PRO A 1 21  ? -17.510 8.564   0.973   1.00 24.61 ? 22   PRO A CA  1 
ATOM   150  C C   . PRO A 1 21  ? -17.382 10.067  0.953   1.00 25.40 ? 22   PRO A C   1 
ATOM   151  O O   . PRO A 1 21  ? -16.408 10.606  0.384   1.00 27.95 ? 22   PRO A O   1 
ATOM   152  C CB  . PRO A 1 21  ? -18.411 8.117   -0.181  1.00 27.11 ? 22   PRO A CB  1 
ATOM   153  C CG  . PRO A 1 21  ? -19.411 7.143   0.311   1.00 27.13 ? 22   PRO A CG  1 
ATOM   154  C CD  . PRO A 1 21  ? -19.316 7.097   1.800   1.00 26.30 ? 22   PRO A CD  1 
ATOM   155  N N   . ALA A 1 22  ? -18.355 10.844  1.456   1.00 24.11 ? 23   ALA A N   1 
ATOM   156  C CA  . ALA A 1 22  ? -18.205 12.284  1.547   1.00 22.97 ? 23   ALA A CA  1 
ATOM   157  C C   . ALA A 1 22  ? -17.069 12.557  2.531   1.00 22.98 ? 23   ALA A C   1 
ATOM   158  O O   . ALA A 1 22  ? -16.258 13.384  2.196   1.00 24.87 ? 23   ALA A O   1 
ATOM   159  C CB  . ALA A 1 22  ? -19.424 13.050  2.037   1.00 24.39 ? 23   ALA A CB  1 
ATOM   160  N N   . THR A 1 23  ? -16.859 11.829  3.631   1.00 24.76 ? 24   THR A N   1 
ATOM   161  C CA  . THR A 1 23  ? -15.708 12.061  4.511   1.00 24.87 ? 24   THR A CA  1 
ATOM   162  C C   . THR A 1 23  ? -14.409 11.528  3.892   1.00 24.35 ? 24   THR A C   1 
ATOM   163  O O   . THR A 1 23  ? -13.361 12.152  4.004   1.00 21.38 ? 24   THR A O   1 
ATOM   164  C CB  . THR A 1 23  ? -15.911 11.388  5.874   1.00 27.98 ? 24   THR A CB  1 
ATOM   165  O OG1 . THR A 1 23  ? -17.171 11.785  6.398   1.00 28.98 ? 24   THR A OG1 1 
ATOM   166  C CG2 . THR A 1 23  ? -14.756 11.683  6.819   1.00 30.17 ? 24   THR A CG2 1 
ATOM   167  N N   . GLN A 1 24  ? -14.485 10.418  3.134   1.00 24.52 ? 25   GLN A N   1 
ATOM   168  C CA  . GLN A 1 24  ? -13.325 9.978   2.392   1.00 24.69 ? 25   GLN A CA  1 
ATOM   169  C C   . GLN A 1 24  ? -12.846 11.136  1.500   1.00 26.64 ? 25   GLN A C   1 
ATOM   170  O O   . GLN A 1 24  ? -11.628 11.402  1.487   1.00 24.44 ? 25   GLN A O   1 
ATOM   171  C CB  . GLN A 1 24  ? -13.564 8.807   1.401   1.00 24.02 ? 25   GLN A CB  1 
ATOM   172  C CG  . GLN A 1 24  ? -13.711 7.456   2.168   1.00 24.42 ? 25   GLN A CG  1 
ATOM   173  C CD  . GLN A 1 24  ? -14.041 6.388   1.104   1.00 26.34 ? 25   GLN A CD  1 
ATOM   174  O OE1 . GLN A 1 24  ? -14.884 6.666   0.239   1.00 24.11 ? 25   GLN A OE1 1 
ATOM   175  N NE2 . GLN A 1 24  ? -13.347 5.257   1.195   1.00 22.36 ? 25   GLN A NE2 1 
ATOM   176  N N   . HIS A 1 25  ? -13.801 11.725  0.762   1.00 27.25 ? 26   HIS A N   1 
ATOM   177  C CA  . HIS A 1 25  ? -13.404 12.827  -0.119  1.00 30.76 ? 26   HIS A CA  1 
ATOM   178  C C   . HIS A 1 25  ? -12.863 14.056  0.605   1.00 28.26 ? 26   HIS A C   1 
ATOM   179  O O   . HIS A 1 25  ? -11.843 14.651  0.202   1.00 25.44 ? 26   HIS A O   1 
ATOM   180  C CB  . HIS A 1 25  ? -14.609 13.262  -0.984  1.00 37.42 ? 26   HIS A CB  1 
ATOM   181  C CG  . HIS A 1 25  ? -14.334 14.507  -1.776  1.00 42.12 ? 26   HIS A CG  1 
ATOM   182  N ND1 . HIS A 1 25  ? -13.527 14.469  -2.913  1.00 44.56 ? 26   HIS A ND1 1 
ATOM   183  C CD2 . HIS A 1 25  ? -14.711 15.802  -1.584  1.00 42.60 ? 26   HIS A CD2 1 
ATOM   184  C CE1 . HIS A 1 25  ? -13.440 15.701  -3.408  1.00 44.80 ? 26   HIS A CE1 1 
ATOM   185  N NE2 . HIS A 1 25  ? -14.130 16.512  -2.605  1.00 45.38 ? 26   HIS A NE2 1 
ATOM   186  N N   . LYS A 1 26  ? -13.498 14.464  1.702   1.00 26.58 ? 27   LYS A N   1 
ATOM   187  C CA  . LYS A 1 26  ? -12.971 15.569  2.473   1.00 26.97 ? 27   LYS A CA  1 
ATOM   188  C C   . LYS A 1 26  ? -11.611 15.307  3.103   1.00 26.15 ? 27   LYS A C   1 
ATOM   189  O O   . LYS A 1 26  ? -10.899 16.279  3.310   1.00 25.54 ? 27   LYS A O   1 
ATOM   190  C CB  . LYS A 1 26  ? -13.856 15.976  3.677   1.00 30.39 ? 27   LYS A CB  1 
ATOM   191  C CG  . LYS A 1 26  ? -15.099 16.694  3.159   1.00 35.04 ? 27   LYS A CG  1 
ATOM   192  C CD  . LYS A 1 26  ? -16.199 16.474  4.231   1.00 38.21 ? 27   LYS A CD  1 
ATOM   193  C CE  . LYS A 1 26  ? -17.506 17.056  3.666   1.00 40.01 ? 27   LYS A CE  1 
ATOM   194  N NZ  . LYS A 1 26  ? -18.644 16.885  4.623   1.00 42.79 ? 27   LYS A NZ  1 
ATOM   195  N N   . LEU A 1 27  ? -11.294 14.070  3.477   1.00 24.61 ? 28   LEU A N   1 
ATOM   196  C CA  . LEU A 1 27  ? -10.017 13.824  4.129   1.00 23.72 ? 28   LEU A CA  1 
ATOM   197  C C   . LEU A 1 27  ? -8.928  13.879  3.067   1.00 23.86 ? 28   LEU A C   1 
ATOM   198  O O   . LEU A 1 27  ? -7.913  14.588  3.249   1.00 23.28 ? 28   LEU A O   1 
ATOM   199  C CB  . LEU A 1 27  ? -10.152 12.524  4.928   1.00 24.13 ? 28   LEU A CB  1 
ATOM   200  C CG  . LEU A 1 27  ? -8.880  11.911  5.494   1.00 25.70 ? 28   LEU A CG  1 
ATOM   201  C CD1 . LEU A 1 27  ? -8.181  12.928  6.393   1.00 26.18 ? 28   LEU A CD1 1 
ATOM   202  C CD2 . LEU A 1 27  ? -9.219  10.623  6.251   1.00 26.05 ? 28   LEU A CD2 1 
ATOM   203  N N   . VAL A 1 28  ? -9.135  13.245  1.928   1.00 23.58 ? 29   VAL A N   1 
ATOM   204  C CA  . VAL A 1 28  ? -8.182  13.381  0.794   1.00 27.09 ? 29   VAL A CA  1 
ATOM   205  C C   . VAL A 1 28  ? -7.985  14.837  0.368   1.00 28.61 ? 29   VAL A C   1 
ATOM   206  O O   . VAL A 1 28  ? -6.833  15.320  0.334   1.00 27.43 ? 29   VAL A O   1 
ATOM   207  C CB  . VAL A 1 28  ? -8.565  12.513  -0.407  1.00 25.82 ? 29   VAL A CB  1 
ATOM   208  C CG1 . VAL A 1 28  ? -7.636  12.665  -1.606  1.00 24.81 ? 29   VAL A CG1 1 
ATOM   209  C CG2 . VAL A 1 28  ? -8.550  11.046  0.011   1.00 27.11 ? 29   VAL A CG2 1 
ATOM   210  N N   . GLU A 1 29  ? -9.054  15.610  0.154   1.00 29.91 ? 30   GLU A N   1 
ATOM   211  C CA  . GLU A 1 29  ? -8.928  17.055  -0.152  1.00 31.79 ? 30   GLU A CA  1 
ATOM   212  C C   . GLU A 1 29  ? -8.155  17.798  0.939   1.00 31.75 ? 30   GLU A C   1 
ATOM   213  O O   . GLU A 1 29  ? -7.279  18.638  0.717   1.00 29.64 ? 30   GLU A O   1 
ATOM   214  C CB  . GLU A 1 29  ? -10.372 17.573  -0.277  1.00 34.87 ? 30   GLU A CB  1 
ATOM   215  C CG  . GLU A 1 29  ? -10.567 19.036  -0.073  1.00 38.70 ? 30   GLU A CG  1 
ATOM   216  C CD  . GLU A 1 29  ? -11.959 19.624  -0.149  1.00 42.36 ? 30   GLU A CD  1 
ATOM   217  O OE1 . GLU A 1 29  ? -12.786 19.448  0.804   1.00 44.86 ? 30   GLU A OE1 1 
ATOM   218  O OE2 . GLU A 1 29  ? -12.232 20.313  -1.164  1.00 41.36 ? 30   GLU A OE2 1 
ATOM   219  N N   . LEU A 1 30  ? -8.419  17.467  2.216   1.00 28.66 ? 31   LEU A N   1 
ATOM   220  C CA  . LEU A 1 30  ? -7.676  17.997  3.348   1.00 26.53 ? 31   LEU A CA  1 
ATOM   221  C C   . LEU A 1 30  ? -6.207  17.639  3.325   1.00 23.33 ? 31   LEU A C   1 
ATOM   222  O O   . LEU A 1 30  ? -5.300  18.494  3.351   1.00 20.23 ? 31   LEU A O   1 
ATOM   223  C CB  . LEU A 1 30  ? -8.357  17.513  4.657   1.00 26.79 ? 31   LEU A CB  1 
ATOM   224  C CG  . LEU A 1 30  ? -7.604  17.891  5.935   1.00 30.95 ? 31   LEU A CG  1 
ATOM   225  C CD1 . LEU A 1 30  ? -7.454  19.393  6.112   1.00 30.24 ? 31   LEU A CD1 1 
ATOM   226  C CD2 . LEU A 1 30  ? -8.249  17.266  7.193   1.00 29.96 ? 31   LEU A CD2 1 
ATOM   227  N N   . ALA A 1 31  ? -5.886  16.338  3.130   1.00 21.14 ? 32   ALA A N   1 
ATOM   228  C CA  . ALA A 1 31  ? -4.507  15.907  3.075   1.00 21.02 ? 32   ALA A CA  1 
ATOM   229  C C   . ALA A 1 31  ? -3.771  16.474  1.854   1.00 23.09 ? 32   ALA A C   1 
ATOM   230  O O   . ALA A 1 31  ? -2.558  16.608  1.944   1.00 24.77 ? 32   ALA A O   1 
ATOM   231  C CB  . ALA A 1 31  ? -4.368  14.381  2.977   1.00 23.18 ? 32   ALA A CB  1 
ATOM   232  N N   . THR A 1 32  ? -4.403  16.774  0.723   1.00 20.33 ? 33   THR A N   1 
ATOM   233  C CA  . THR A 1 32  ? -3.665  17.321  -0.400  1.00 23.44 ? 33   THR A CA  1 
ATOM   234  C C   . THR A 1 32  ? -4.032  18.796  -0.595  1.00 24.62 ? 33   THR A C   1 
ATOM   235  O O   . THR A 1 32  ? -3.823  19.329  -1.682  1.00 25.13 ? 33   THR A O   1 
ATOM   236  C CB  . THR A 1 32  ? -3.985  16.568  -1.715  1.00 21.96 ? 33   THR A CB  1 
ATOM   237  O OG1 . THR A 1 32  ? -5.409  16.756  -1.841  1.00 22.35 ? 33   THR A OG1 1 
ATOM   238  C CG2 . THR A 1 32  ? -3.625  15.097  -1.596  1.00 23.15 ? 33   THR A CG2 1 
ATOM   239  N N   . GLY A 1 33  ? -4.441  19.452  0.476   1.00 24.15 ? 34   GLY A N   1 
ATOM   240  C CA  . GLY A 1 33  ? -4.869  20.829  0.425   1.00 26.04 ? 34   GLY A CA  1 
ATOM   241  C C   . GLY A 1 33  ? -3.934  21.948  0.833   1.00 27.23 ? 34   GLY A C   1 
ATOM   242  O O   . GLY A 1 33  ? -4.371  23.116  0.811   1.00 25.22 ? 34   GLY A O   1 
ATOM   243  N N   . GLY A 1 34  ? -2.665  21.598  1.084   1.00 25.77 ? 35   GLY A N   1 
ATOM   244  C CA  . GLY A 1 34  ? -1.698  22.640  1.446   1.00 27.65 ? 35   GLY A CA  1 
ATOM   245  C C   . GLY A 1 34  ? -1.223  22.419  2.869   1.00 27.49 ? 35   GLY A C   1 
ATOM   246  O O   . GLY A 1 34  ? -0.057  22.507  3.155   1.00 25.35 ? 35   GLY A O   1 
ATOM   247  N N   . VAL A 1 35  ? -2.040  21.731  3.684   1.00 30.63 ? 36   VAL A N   1 
ATOM   248  C CA  . VAL A 1 35  ? -1.579  21.382  5.030   1.00 32.38 ? 36   VAL A CA  1 
ATOM   249  C C   . VAL A 1 35  ? -0.232  20.685  5.047   1.00 32.93 ? 36   VAL A C   1 
ATOM   250  O O   . VAL A 1 35  ? 0.433   20.891  6.068   1.00 31.01 ? 36   VAL A O   1 
ATOM   251  C CB  . VAL A 1 35  ? -2.644  20.561  5.795   1.00 32.28 ? 36   VAL A CB  1 
ATOM   252  C CG1 . VAL A 1 35  ? -2.471  19.062  5.749   1.00 30.06 ? 36   VAL A CG1 1 
ATOM   253  C CG2 . VAL A 1 35  ? -2.604  21.051  7.240   1.00 32.83 ? 36   VAL A CG2 1 
ATOM   254  N N   . GLN A 1 36  ? 0.265   19.964  4.027   1.00 33.36 ? 37   GLN A N   1 
ATOM   255  C CA  . GLN A 1 36  ? 1.567   19.330  4.249   1.00 34.73 ? 37   GLN A CA  1 
ATOM   256  C C   . GLN A 1 36  ? 2.563   19.628  3.132   1.00 35.04 ? 37   GLN A C   1 
ATOM   257  O O   . GLN A 1 36  ? 3.400   18.789  2.790   1.00 33.79 ? 37   GLN A O   1 
ATOM   258  C CB  . GLN A 1 36  ? 1.452   17.846  4.500   1.00 36.21 ? 37   GLN A CB  1 
ATOM   259  C CG  . GLN A 1 36  ? 0.877   16.989  3.389   1.00 37.95 ? 37   GLN A CG  1 
ATOM   260  C CD  . GLN A 1 36  ? 0.808   15.559  3.950   1.00 40.39 ? 37   GLN A CD  1 
ATOM   261  O OE1 . GLN A 1 36  ? -0.284  14.968  4.016   1.00 42.84 ? 37   GLN A OE1 1 
ATOM   262  N NE2 . GLN A 1 36  ? 1.957   15.046  4.352   1.00 37.30 ? 37   GLN A NE2 1 
ATOM   263  N N   . GLU A 1 37  ? 2.453   20.842  2.609   1.00 33.95 ? 38   GLU A N   1 
ATOM   264  C CA  . GLU A 1 37  ? 3.341   21.394  1.628   1.00 35.23 ? 38   GLU A CA  1 
ATOM   265  C C   . GLU A 1 37  ? 4.799   21.268  2.107   1.00 35.12 ? 38   GLU A C   1 
ATOM   266  O O   . GLU A 1 37  ? 5.684   20.882  1.359   1.00 32.92 ? 38   GLU A O   1 
ATOM   267  C CB  . GLU A 1 37  ? 3.006   22.880  1.456   1.00 36.24 ? 38   GLU A CB  1 
ATOM   268  C CG  . GLU A 1 37  ? 3.598   23.537  0.218   1.00 40.59 ? 38   GLU A CG  1 
ATOM   269  C CD  . GLU A 1 37  ? 3.300   22.720  -1.044  1.00 42.52 ? 38   GLU A CD  1 
ATOM   270  O OE1 . GLU A 1 37  ? 2.204   22.116  -1.191  1.00 41.32 ? 38   GLU A OE1 1 
ATOM   271  O OE2 . GLU A 1 37  ? 4.270   22.630  -1.838  1.00 44.50 ? 38   GLU A OE2 1 
ATOM   272  N N   . TRP A 1 38  ? 5.027   21.451  3.425   1.00 34.49 ? 39   TRP A N   1 
ATOM   273  C CA  . TRP A 1 38  ? 6.348   21.286  3.979   1.00 33.52 ? 39   TRP A CA  1 
ATOM   274  C C   . TRP A 1 38  ? 6.928   19.894  3.759   1.00 35.17 ? 39   TRP A C   1 
ATOM   275  O O   . TRP A 1 38  ? 8.168   19.807  3.674   1.00 34.33 ? 39   TRP A O   1 
ATOM   276  C CB  . TRP A 1 38  ? 6.328   21.579  5.484   1.00 30.89 ? 39   TRP A CB  1 
ATOM   277  C CG  . TRP A 1 38  ? 5.581   20.567  6.304   1.00 31.31 ? 39   TRP A CG  1 
ATOM   278  C CD1 . TRP A 1 38  ? 4.258   20.633  6.650   1.00 29.19 ? 39   TRP A CD1 1 
ATOM   279  C CD2 . TRP A 1 38  ? 6.113   19.388  6.938   1.00 29.21 ? 39   TRP A CD2 1 
ATOM   280  N NE1 . TRP A 1 38  ? 3.947   19.521  7.405   1.00 29.36 ? 39   TRP A NE1 1 
ATOM   281  C CE2 . TRP A 1 38  ? 5.048   18.754  7.600   1.00 28.57 ? 39   TRP A CE2 1 
ATOM   282  C CE3 . TRP A 1 38  ? 7.380   18.819  7.013   1.00 28.70 ? 39   TRP A CE3 1 
ATOM   283  C CZ2 . TRP A 1 38  ? 5.198   17.561  8.320   1.00 29.41 ? 39   TRP A CZ2 1 
ATOM   284  C CZ3 . TRP A 1 38  ? 7.530   17.629  7.726   1.00 29.08 ? 39   TRP A CZ3 1 
ATOM   285  C CH2 . TRP A 1 38  ? 6.451   17.010  8.360   1.00 28.14 ? 39   TRP A CH2 1 
ATOM   286  N N   . ILE A 1 39  ? 6.126   18.818  3.683   1.00 34.87 ? 40   ILE A N   1 
ATOM   287  C CA  . ILE A 1 39  ? 6.714   17.487  3.631   1.00 36.14 ? 40   ILE A CA  1 
ATOM   288  C C   . ILE A 1 39  ? 7.489   17.208  2.358   1.00 36.56 ? 40   ILE A C   1 
ATOM   289  O O   . ILE A 1 39  ? 8.475   16.465  2.367   1.00 32.53 ? 40   ILE A O   1 
ATOM   290  C CB  . ILE A 1 39  ? 5.696   16.347  3.872   1.00 38.00 ? 40   ILE A CB  1 
ATOM   291  C CG1 . ILE A 1 39  ? 6.427   15.082  4.358   1.00 38.83 ? 40   ILE A CG1 1 
ATOM   292  C CG2 . ILE A 1 39  ? 4.956   16.013  2.589   1.00 37.57 ? 40   ILE A CG2 1 
ATOM   293  C CD1 . ILE A 1 39  ? 5.549   14.037  5.008   1.00 40.40 ? 40   ILE A CD1 1 
ATOM   294  N N   . ARG A 1 40  ? 7.012   17.792  1.238   1.00 37.74 ? 41   ARG A N   1 
ATOM   295  C CA  . ARG A 1 40  ? 7.572   17.566  -0.069  1.00 38.70 ? 41   ARG A CA  1 
ATOM   296  C C   . ARG A 1 40  ? 9.066   17.811  -0.103  1.00 40.00 ? 41   ARG A C   1 
ATOM   297  O O   . ARG A 1 40  ? 9.754   17.035  -0.758  1.00 41.54 ? 41   ARG A O   1 
ATOM   298  C CB  . ARG A 1 40  ? 6.853   18.363  -1.182  1.00 40.47 ? 41   ARG A CB  1 
ATOM   299  C CG  . ARG A 1 40  ? 5.367   18.201  -1.335  1.00 42.68 ? 41   ARG A CG  1 
ATOM   300  C CD  . ARG A 1 40  ? 4.617   18.695  -2.558  1.00 43.61 ? 41   ARG A CD  1 
ATOM   301  N NE  . ARG A 1 40  ? 4.847   20.132  -2.796  1.00 44.84 ? 41   ARG A NE  1 
ATOM   302  C CZ  . ARG A 1 40  ? 5.898   20.470  -3.573  1.00 47.37 ? 41   ARG A CZ  1 
ATOM   303  N NH1 . ARG A 1 40  ? 6.641   19.485  -4.107  1.00 47.22 ? 41   ARG A NH1 1 
ATOM   304  N NH2 . ARG A 1 40  ? 6.230   21.728  -3.848  1.00 47.54 ? 41   ARG A NH2 1 
ATOM   305  N N   . GLU A 1 41  ? 9.641   18.796  0.577   1.00 42.70 ? 42   GLU A N   1 
ATOM   306  C CA  . GLU A 1 41  ? 11.078  19.001  0.450   1.00 44.90 ? 42   GLU A CA  1 
ATOM   307  C C   . GLU A 1 41  ? 11.873  18.195  1.473   1.00 43.74 ? 42   GLU A C   1 
ATOM   308  O O   . GLU A 1 41  ? 13.089  18.134  1.323   1.00 44.38 ? 42   GLU A O   1 
ATOM   309  C CB  . GLU A 1 41  ? 11.462  20.448  0.629   1.00 48.72 ? 42   GLU A CB  1 
ATOM   310  C CG  . GLU A 1 41  ? 11.040  21.599  -0.255  1.00 53.50 ? 42   GLU A CG  1 
ATOM   311  C CD  . GLU A 1 41  ? 11.388  22.903  0.473   1.00 58.12 ? 42   GLU A CD  1 
ATOM   312  O OE1 . GLU A 1 41  ? 11.187  22.986  1.729   1.00 60.61 ? 42   GLU A OE1 1 
ATOM   313  O OE2 . GLU A 1 41  ? 11.884  23.875  -0.141  1.00 59.31 ? 42   GLU A OE2 1 
ATOM   314  N N   . VAL A 1 42  ? 11.244  17.621  2.475   1.00 41.78 ? 43   VAL A N   1 
ATOM   315  C CA  . VAL A 1 42  ? 12.005  16.883  3.497   1.00 40.15 ? 43   VAL A CA  1 
ATOM   316  C C   . VAL A 1 42  ? 12.879  15.796  2.938   1.00 37.94 ? 43   VAL A C   1 
ATOM   317  O O   . VAL A 1 42  ? 12.421  14.953  2.166   1.00 38.29 ? 43   VAL A O   1 
ATOM   318  C CB  . VAL A 1 42  ? 10.974  16.329  4.507   1.00 39.25 ? 43   VAL A CB  1 
ATOM   319  C CG1 . VAL A 1 42  ? 11.472  15.116  5.247   1.00 38.52 ? 43   VAL A CG1 1 
ATOM   320  C CG2 . VAL A 1 42  ? 10.617  17.493  5.425   1.00 40.15 ? 43   VAL A CG2 1 
ATOM   321  N N   . PRO A 1 43  ? 14.136  15.760  3.354   1.00 37.41 ? 44   PRO A N   1 
ATOM   322  C CA  . PRO A 1 43  ? 15.073  14.727  2.941   1.00 36.26 ? 44   PRO A CA  1 
ATOM   323  C C   . PRO A 1 43  ? 14.580  13.366  3.415   1.00 35.75 ? 44   PRO A C   1 
ATOM   324  O O   . PRO A 1 43  ? 14.238  13.088  4.574   1.00 34.01 ? 44   PRO A O   1 
ATOM   325  C CB  . PRO A 1 43  ? 16.421  15.064  3.580   1.00 36.77 ? 44   PRO A CB  1 
ATOM   326  C CG  . PRO A 1 43  ? 16.287  16.528  3.878   1.00 37.64 ? 44   PRO A CG  1 
ATOM   327  C CD  . PRO A 1 43  ? 14.818  16.702  4.271   1.00 37.54 ? 44   PRO A CD  1 
ATOM   328  N N   . GLY A 1 44  ? 14.548  12.497  2.407   1.00 34.32 ? 45   GLY A N   1 
ATOM   329  C CA  . GLY A 1 44  ? 14.125  11.130  2.571   1.00 33.63 ? 45   GLY A CA  1 
ATOM   330  C C   . GLY A 1 44  ? 12.699  10.855  2.109   1.00 30.10 ? 45   GLY A C   1 
ATOM   331  O O   . GLY A 1 44  ? 12.379  9.685   1.900   1.00 30.98 ? 45   GLY A O   1 
ATOM   332  N N   . PHE A 1 45  ? 11.850  11.836  2.000   1.00 30.82 ? 46   PHE A N   1 
ATOM   333  C CA  . PHE A 1 45  ? 10.434  11.594  1.649   1.00 31.97 ? 46   PHE A CA  1 
ATOM   334  C C   . PHE A 1 45  ? 10.269  11.266  0.187   1.00 31.25 ? 46   PHE A C   1 
ATOM   335  O O   . PHE A 1 45  ? 10.861  12.060  -0.559  1.00 32.52 ? 46   PHE A O   1 
ATOM   336  C CB  . PHE A 1 45  ? 9.630   12.878  1.912   1.00 33.02 ? 46   PHE A CB  1 
ATOM   337  C CG  . PHE A 1 45  ? 8.187   12.796  1.443   1.00 31.87 ? 46   PHE A CG  1 
ATOM   338  C CD1 . PHE A 1 45  ? 7.294   11.975  2.090   1.00 29.97 ? 46   PHE A CD1 1 
ATOM   339  C CD2 . PHE A 1 45  ? 7.751   13.573  0.388   1.00 31.15 ? 46   PHE A CD2 1 
ATOM   340  C CE1 . PHE A 1 45  ? 5.962   11.953  1.685   1.00 29.98 ? 46   PHE A CE1 1 
ATOM   341  C CE2 . PHE A 1 45  ? 6.422   13.540  -0.025  1.00 32.27 ? 46   PHE A CE2 1 
ATOM   342  C CZ  . PHE A 1 45  ? 5.513   12.726  0.645   1.00 29.46 ? 46   PHE A CZ  1 
ATOM   343  N N   . LEU A 1 46  ? 9.618   10.181  -0.173  1.00 29.47 ? 47   LEU A N   1 
ATOM   344  C CA  . LEU A 1 46  ? 9.450   9.819   -1.567  1.00 28.10 ? 47   LEU A CA  1 
ATOM   345  C C   . LEU A 1 46  ? 8.014   10.038  -2.044  1.00 27.77 ? 47   LEU A C   1 
ATOM   346  O O   . LEU A 1 46  ? 7.777   10.400  -3.198  1.00 29.14 ? 47   LEU A O   1 
ATOM   347  C CB  . LEU A 1 46  ? 9.951   8.384   -1.836  1.00 29.02 ? 47   LEU A CB  1 
ATOM   348  C CG  . LEU A 1 46  ? 11.469  8.140   -1.609  1.00 31.33 ? 47   LEU A CG  1 
ATOM   349  C CD1 . LEU A 1 46  ? 11.942  6.707   -1.822  1.00 29.35 ? 47   LEU A CD1 1 
ATOM   350  C CD2 . LEU A 1 46  ? 12.273  9.048   -2.571  1.00 33.57 ? 47   LEU A CD2 1 
ATOM   351  N N   . SER A 1 47  ? 6.972   9.789   -1.275  1.00 26.38 ? 48   SER A N   1 
ATOM   352  C CA  . SER A 1 47  ? 5.618   10.005  -1.743  1.00 27.79 ? 48   SER A CA  1 
ATOM   353  C C   . SER A 1 47  ? 4.637   9.625   -0.659  1.00 26.63 ? 48   SER A C   1 
ATOM   354  O O   . SER A 1 47  ? 5.005   8.908   0.260   1.00 28.63 ? 48   SER A O   1 
ATOM   355  C CB  . SER A 1 47  ? 5.299   9.128   -2.978  1.00 30.84 ? 48   SER A CB  1 
ATOM   356  O OG  . SER A 1 47  ? 5.206   7.747   -2.606  1.00 31.66 ? 48   SER A OG  1 
ATOM   357  N N   . ALA A 1 48  ? 3.456   10.187  -0.736  1.00 25.15 ? 49   ALA A N   1 
ATOM   358  C CA  . ALA A 1 48  ? 2.332   9.775   0.105   1.00 25.22 ? 49   ALA A CA  1 
ATOM   359  C C   . ALA A 1 48  ? 1.113   9.726   -0.841  1.00 23.24 ? 49   ALA A C   1 
ATOM   360  O O   . ALA A 1 48  ? 0.652   10.783  -1.331  1.00 22.57 ? 49   ALA A O   1 
ATOM   361  C CB  . ALA A 1 48  ? 2.133   10.678  1.300   1.00 23.66 ? 49   ALA A CB  1 
ATOM   362  N N   . THR A 1 49  ? 0.611   8.522   -1.080  1.00 23.06 ? 50   THR A N   1 
ATOM   363  C CA  . THR A 1 49  ? -0.569  8.382   -1.960  1.00 24.44 ? 50   THR A CA  1 
ATOM   364  C C   . THR A 1 49  ? -1.834  8.000   -1.212  1.00 24.11 ? 50   THR A C   1 
ATOM   365  O O   . THR A 1 49  ? -1.809  7.011   -0.487  1.00 26.05 ? 50   THR A O   1 
ATOM   366  C CB  . THR A 1 49  ? -0.308  7.330   -3.027  1.00 24.99 ? 50   THR A CB  1 
ATOM   367  O OG1 . THR A 1 49  ? 0.886   7.792   -3.696  1.00 25.73 ? 50   THR A OG1 1 
ATOM   368  C CG2 . THR A 1 49  ? -1.460  7.170   -3.989  1.00 23.29 ? 50   THR A CG2 1 
ATOM   369  N N   . TYR A 1 50  ? -2.852  8.835   -1.299  1.00 23.68 ? 51   TYR A N   1 
ATOM   370  C CA  . TYR A 1 50  ? -4.082  8.645   -0.533  1.00 22.80 ? 51   TYR A CA  1 
ATOM   371  C C   . TYR A 1 50  ? -5.166  8.012   -1.402  1.00 24.17 ? 51   TYR A C   1 
ATOM   372  O O   . TYR A 1 50  ? -5.430  8.443   -2.524  1.00 25.15 ? 51   TYR A O   1 
ATOM   373  C CB  . TYR A 1 50  ? -4.666  9.965   -0.046  1.00 21.81 ? 51   TYR A CB  1 
ATOM   374  C CG  . TYR A 1 50  ? -3.833  10.504  1.103   1.00 21.17 ? 51   TYR A CG  1 
ATOM   375  C CD1 . TYR A 1 50  ? -2.646  11.169  0.794   1.00 22.46 ? 51   TYR A CD1 1 
ATOM   376  C CD2 . TYR A 1 50  ? -4.208  10.345  2.394   1.00 21.77 ? 51   TYR A CD2 1 
ATOM   377  C CE1 . TYR A 1 50  ? -1.839  11.651  1.817   1.00 23.46 ? 51   TYR A CE1 1 
ATOM   378  C CE2 . TYR A 1 50  ? -3.416  10.794  3.441   1.00 24.49 ? 51   TYR A CE2 1 
ATOM   379  C CZ  . TYR A 1 50  ? -2.234  11.436  3.117   1.00 24.41 ? 51   TYR A CZ  1 
ATOM   380  O OH  . TYR A 1 50  ? -1.473  11.964  4.108   1.00 27.96 ? 51   TYR A OH  1 
ATOM   381  N N   . HIS A 1 51  ? -5.766  6.969   -0.847  1.00 21.32 ? 52   HIS A N   1 
ATOM   382  C CA  . HIS A 1 51  ? -6.726  6.240   -1.648  1.00 20.91 ? 52   HIS A CA  1 
ATOM   383  C C   . HIS A 1 51  ? -8.028  6.158   -0.850  1.00 22.41 ? 52   HIS A C   1 
ATOM   384  O O   . HIS A 1 51  ? -7.947  5.931   0.375   1.00 20.43 ? 52   HIS A O   1 
ATOM   385  C CB  . HIS A 1 51  ? -6.179  4.805   -1.769  1.00 17.29 ? 52   HIS A CB  1 
ATOM   386  C CG  . HIS A 1 51  ? -4.825  4.519   -2.296  1.00 18.64 ? 52   HIS A CG  1 
ATOM   387  N ND1 . HIS A 1 51  ? -3.644  4.642   -1.585  1.00 18.18 ? 52   HIS A ND1 1 
ATOM   388  C CD2 . HIS A 1 51  ? -4.463  3.987   -3.520  1.00 16.17 ? 52   HIS A CD2 1 
ATOM   389  C CE1 . HIS A 1 51  ? -2.635  4.268   -2.349  1.00 17.79 ? 52   HIS A CE1 1 
ATOM   390  N NE2 . HIS A 1 51  ? -3.117  3.860   -3.551  1.00 16.98 ? 52   HIS A NE2 1 
ATOM   391  N N   . ALA A 1 52  ? -9.112  6.147   -1.622  1.00 21.64 ? 53   ALA A N   1 
ATOM   392  C CA  . ALA A 1 52  ? -10.411 5.887   -1.025  1.00 22.52 ? 53   ALA A CA  1 
ATOM   393  C C   . ALA A 1 52  ? -10.741 4.416   -1.068  1.00 21.28 ? 53   ALA A C   1 
ATOM   394  O O   . ALA A 1 52  ? -10.819 3.869   -2.184  1.00 25.10 ? 53   ALA A O   1 
ATOM   395  C CB  . ALA A 1 52  ? -11.487 6.656   -1.807  1.00 17.19 ? 53   ALA A CB  1 
ATOM   396  N N   . SER A 1 53  ? -11.019 3.746   0.024   1.00 22.09 ? 54   SER A N   1 
ATOM   397  C CA  . SER A 1 53  ? -11.406 2.311   -0.110  1.00 22.77 ? 54   SER A CA  1 
ATOM   398  C C   . SER A 1 53  ? -12.724 2.234   -0.884  1.00 25.05 ? 54   SER A C   1 
ATOM   399  O O   . SER A 1 53  ? -13.583 3.137   -0.737  1.00 20.90 ? 54   SER A O   1 
ATOM   400  C CB  . SER A 1 53  ? -11.494 1.688   1.281   1.00 23.40 ? 54   SER A CB  1 
ATOM   401  O OG  . SER A 1 53  ? -12.690 1.973   1.953   1.00 23.20 ? 54   SER A OG  1 
ATOM   402  N N   . THR A 1 54  ? -12.894 1.167   -1.697  1.00 25.31 ? 55   THR A N   1 
ATOM   403  C CA  . THR A 1 54  ? -14.134 1.044   -2.482  1.00 26.39 ? 55   THR A CA  1 
ATOM   404  C C   . THR A 1 54  ? -15.384 0.842   -1.621  1.00 25.83 ? 55   THR A C   1 
ATOM   405  O O   . THR A 1 54  ? -16.490 1.235   -2.017  1.00 25.09 ? 55   THR A O   1 
ATOM   406  C CB  . THR A 1 54  ? -14.057 -0.119  -3.508  1.00 25.92 ? 55   THR A CB  1 
ATOM   407  O OG1 . THR A 1 54  ? -13.689 -1.352  -2.838  1.00 28.64 ? 55   THR A OG1 1 
ATOM   408  C CG2 . THR A 1 54  ? -13.023 0.258   -4.558  1.00 26.60 ? 55   THR A CG2 1 
ATOM   409  N N   . ASP A 1 55  ? -15.263 0.386   -0.382  1.00 24.94 ? 56   ASP A N   1 
ATOM   410  C CA  . ASP A 1 55  ? -16.453 0.187   0.444   1.00 24.85 ? 56   ASP A CA  1 
ATOM   411  C C   . ASP A 1 55  ? -16.851 1.463   1.166   1.00 24.44 ? 56   ASP A C   1 
ATOM   412  O O   . ASP A 1 55  ? -17.816 1.494   1.955   1.00 26.91 ? 56   ASP A O   1 
ATOM   413  C CB  . ASP A 1 55  ? -16.268 -0.985  1.375   1.00 23.02 ? 56   ASP A CB  1 
ATOM   414  C CG  . ASP A 1 55  ? -15.244 -0.806  2.455   1.00 23.77 ? 56   ASP A CG  1 
ATOM   415  O OD1 . ASP A 1 55  ? -14.683 0.259   2.719   1.00 25.93 ? 56   ASP A OD1 1 
ATOM   416  O OD2 . ASP A 1 55  ? -14.843 -1.768  3.133   1.00 26.24 ? 56   ASP A OD2 1 
ATOM   417  N N   . GLY A 1 56  ? -16.157 2.566   0.943   1.00 22.81 ? 57   GLY A N   1 
ATOM   418  C CA  . GLY A 1 56  ? -16.515 3.850   1.552   1.00 20.89 ? 57   GLY A CA  1 
ATOM   419  C C   . GLY A 1 56  ? -16.041 3.986   3.009   1.00 22.93 ? 57   GLY A C   1 
ATOM   420  O O   . GLY A 1 56  ? -16.295 5.069   3.562   1.00 21.81 ? 57   GLY A O   1 
ATOM   421  N N   . THR A 1 57  ? -15.430 2.976   3.658   1.00 21.83 ? 58   THR A N   1 
ATOM   422  C CA  . THR A 1 57  ? -15.163 3.101   5.095   1.00 21.80 ? 58   THR A CA  1 
ATOM   423  C C   . THR A 1 57  ? -13.743 3.573   5.448   1.00 21.23 ? 58   THR A C   1 
ATOM   424  O O   . THR A 1 57  ? -13.514 3.783   6.636   1.00 18.97 ? 58   THR A O   1 
ATOM   425  C CB  . THR A 1 57  ? -15.345 1.778   5.876   1.00 19.94 ? 58   THR A CB  1 
ATOM   426  O OG1 . THR A 1 57  ? -14.261 0.909   5.412   1.00 23.91 ? 58   THR A OG1 1 
ATOM   427  C CG2 . THR A 1 57  ? -16.649 1.028   5.643   1.00 18.36 ? 58   THR A CG2 1 
ATOM   428  N N   . ALA A 1 58  ? -12.818 3.719   4.496   1.00 19.48 ? 59   ALA A N   1 
ATOM   429  C CA  . ALA A 1 58  ? -11.476 4.105   4.914   1.00 19.70 ? 59   ALA A CA  1 
ATOM   430  C C   . ALA A 1 58  ? -10.718 4.862   3.857   1.00 20.88 ? 59   ALA A C   1 
ATOM   431  O O   . ALA A 1 58  ? -11.030 4.794   2.663   1.00 23.08 ? 59   ALA A O   1 
ATOM   432  C CB  . ALA A 1 58  ? -10.724 2.811   5.323   1.00 20.04 ? 59   ALA A CB  1 
ATOM   433  N N   . VAL A 1 59  ? -9.801  5.688   4.303   1.00 21.48 ? 60   VAL A N   1 
ATOM   434  C CA  . VAL A 1 59  ? -8.835  6.352   3.447   1.00 22.40 ? 60   VAL A CA  1 
ATOM   435  C C   . VAL A 1 59  ? -7.482  5.756   3.806   1.00 21.11 ? 60   VAL A C   1 
ATOM   436  O O   . VAL A 1 59  ? -7.229  5.577   4.989   1.00 23.37 ? 60   VAL A O   1 
ATOM   437  C CB  . VAL A 1 59  ? -8.785  7.888   3.556   1.00 23.56 ? 60   VAL A CB  1 
ATOM   438  C CG1 . VAL A 1 59  ? -7.548  8.442   2.839   1.00 21.56 ? 60   VAL A CG1 1 
ATOM   439  C CG2 . VAL A 1 59  ? -10.049 8.439   2.944   1.00 21.88 ? 60   VAL A CG2 1 
ATOM   440  N N   . VAL A 1 60  ? -6.719  5.269   2.863   1.00 23.29 ? 61   VAL A N   1 
ATOM   441  C CA  . VAL A 1 60  ? -5.441  4.612   3.102   1.00 22.49 ? 61   VAL A CA  1 
ATOM   442  C C   . VAL A 1 60  ? -4.301  5.388   2.461   1.00 24.17 ? 61   VAL A C   1 
ATOM   443  O O   . VAL A 1 60  ? -4.346  5.722   1.274   1.00 26.08 ? 61   VAL A O   1 
ATOM   444  C CB  . VAL A 1 60  ? -5.459  3.209   2.501   1.00 22.26 ? 61   VAL A CB  1 
ATOM   445  C CG1 . VAL A 1 60  ? -4.096  2.528   2.722   1.00 22.16 ? 61   VAL A CG1 1 
ATOM   446  C CG2 . VAL A 1 60  ? -6.559  2.334   3.110   1.00 18.88 ? 61   VAL A CG2 1 
ATOM   447  N N   . ASN A 1 61  ? -3.259  5.710   3.166   1.00 23.24 ? 62   ASN A N   1 
ATOM   448  C CA  . ASN A 1 61  ? -2.068  6.393   2.657   1.00 22.68 ? 62   ASN A CA  1 
ATOM   449  C C   . ASN A 1 61  ? -0.959  5.321   2.520   1.00 22.19 ? 62   ASN A C   1 
ATOM   450  O O   . ASN A 1 61  ? -0.676  4.700   3.518   1.00 19.00 ? 62   ASN A O   1 
ATOM   451  C CB  . ASN A 1 61  ? -1.596  7.397   3.724   1.00 23.87 ? 62   ASN A CB  1 
ATOM   452  C CG  . ASN A 1 61  ? -0.296  8.118   3.444   1.00 24.85 ? 62   ASN A CG  1 
ATOM   453  O OD1 . ASN A 1 61  ? 0.198   8.163   2.345   1.00 22.72 ? 62   ASN A OD1 1 
ATOM   454  N ND2 . ASN A 1 61  ? 0.325   8.860   4.366   1.00 26.26 ? 62   ASN A ND2 1 
ATOM   455  N N   . TYR A 1 62  ? -0.358  5.097   1.391   1.00 21.87 ? 63   TYR A N   1 
ATOM   456  C CA  . TYR A 1 62  ? 0.786   4.275   1.093   1.00 21.54 ? 63   TYR A CA  1 
ATOM   457  C C   . TYR A 1 62  ? 1.938   5.268   0.928   1.00 20.75 ? 63   TYR A C   1 
ATOM   458  O O   . TYR A 1 62  ? 1.858   6.070   -0.015  1.00 21.22 ? 63   TYR A O   1 
ATOM   459  C CB  . TYR A 1 62  ? 0.634   3.499   -0.222  1.00 22.23 ? 63   TYR A CB  1 
ATOM   460  C CG  . TYR A 1 62  ? 1.800   2.620   -0.586  1.00 21.20 ? 63   TYR A CG  1 
ATOM   461  C CD1 . TYR A 1 62  ? 1.993   1.395   0.039   1.00 23.92 ? 63   TYR A CD1 1 
ATOM   462  C CD2 . TYR A 1 62  ? 2.726   3.016   -1.548  1.00 23.09 ? 63   TYR A CD2 1 
ATOM   463  C CE1 . TYR A 1 62  ? 3.089   0.540   -0.259  1.00 21.67 ? 63   TYR A CE1 1 
ATOM   464  C CE2 . TYR A 1 62  ? 3.828   2.224   -1.851  1.00 23.67 ? 63   TYR A CE2 1 
ATOM   465  C CZ  . TYR A 1 62  ? 3.978   1.008   -1.197  1.00 23.67 ? 63   TYR A CZ  1 
ATOM   466  O OH  . TYR A 1 62  ? 5.078   0.256   -1.484  1.00 26.93 ? 63   TYR A OH  1 
ATOM   467  N N   . ALA A 1 63  ? 2.782   5.381   1.932   1.00 21.46 ? 64   ALA A N   1 
ATOM   468  C CA  . ALA A 1 63  ? 3.843   6.365   1.987   1.00 22.32 ? 64   ALA A CA  1 
ATOM   469  C C   . ALA A 1 63  ? 5.216   5.722   1.822   1.00 23.74 ? 64   ALA A C   1 
ATOM   470  O O   . ALA A 1 63  ? 5.574   4.677   2.416   1.00 25.41 ? 64   ALA A O   1 
ATOM   471  C CB  . ALA A 1 63  ? 3.705   7.127   3.284   1.00 18.92 ? 64   ALA A CB  1 
ATOM   472  N N   . GLN A 1 64  ? 6.025   6.277   0.951   1.00 22.50 ? 65   GLN A N   1 
ATOM   473  C CA  . GLN A 1 64  ? 7.353   5.746   0.612   1.00 23.79 ? 65   GLN A CA  1 
ATOM   474  C C   . GLN A 1 64  ? 8.443   6.655   1.176   1.00 25.75 ? 65   GLN A C   1 
ATOM   475  O O   . GLN A 1 64  ? 8.307   7.874   1.064   1.00 24.76 ? 65   GLN A O   1 
ATOM   476  C CB  . GLN A 1 64  ? 7.525   5.745   -0.917  1.00 25.40 ? 65   GLN A CB  1 
ATOM   477  C CG  . GLN A 1 64  ? 6.816   4.687   -1.717  1.00 24.46 ? 65   GLN A CG  1 
ATOM   478  C CD  . GLN A 1 64  ? 6.921   4.902   -3.228  1.00 25.95 ? 65   GLN A CD  1 
ATOM   479  O OE1 . GLN A 1 64  ? 6.959   6.052   -3.720  1.00 27.00 ? 65   GLN A OE1 1 
ATOM   480  N NE2 . GLN A 1 64  ? 6.940   3.842   -4.036  1.00 24.85 ? 65   GLN A NE2 1 
ATOM   481  N N   . TRP A 1 65  ? 9.445   6.086   1.853   1.00 26.06 ? 66   TRP A N   1 
ATOM   482  C CA  . TRP A 1 65  ? 10.506  6.756   2.515   1.00 27.87 ? 66   TRP A CA  1 
ATOM   483  C C   . TRP A 1 65  ? 11.833  6.079   2.132   1.00 30.23 ? 66   TRP A C   1 
ATOM   484  O O   . TRP A 1 65  ? 11.818  4.874   1.886   1.00 29.38 ? 66   TRP A O   1 
ATOM   485  C CB  . TRP A 1 65  ? 10.452  6.739   4.074   1.00 25.20 ? 66   TRP A CB  1 
ATOM   486  C CG  . TRP A 1 65  ? 9.386   7.674   4.533   1.00 25.19 ? 66   TRP A CG  1 
ATOM   487  C CD1 . TRP A 1 65  ? 8.042   7.362   4.628   1.00 22.67 ? 66   TRP A CD1 1 
ATOM   488  C CD2 . TRP A 1 65  ? 9.534   9.081   4.838   1.00 24.66 ? 66   TRP A CD2 1 
ATOM   489  N NE1 . TRP A 1 65  ? 7.380   8.510   4.993   1.00 24.38 ? 66   TRP A NE1 1 
ATOM   490  C CE2 . TRP A 1 65  ? 8.252   9.563   5.153   1.00 23.90 ? 66   TRP A CE2 1 
ATOM   491  C CE3 . TRP A 1 65  ? 10.587  9.952   4.889   1.00 23.70 ? 66   TRP A CE3 1 
ATOM   492  C CZ2 . TRP A 1 65  ? 8.010   10.864  5.533   1.00 25.62 ? 66   TRP A CZ2 1 
ATOM   493  C CZ3 . TRP A 1 65  ? 10.380  11.271  5.268   1.00 26.42 ? 66   TRP A CZ3 1 
ATOM   494  C CH2 . TRP A 1 65  ? 9.091   11.730  5.578   1.00 27.58 ? 66   TRP A CH2 1 
ATOM   495  N N   . GLU A 1 66  ? 12.936  6.845   2.148   1.00 31.36 ? 67   GLU A N   1 
ATOM   496  C CA  . GLU A 1 66  ? 14.176  6.188   1.710   1.00 33.93 ? 67   GLU A CA  1 
ATOM   497  C C   . GLU A 1 66  ? 14.671  5.196   2.758   1.00 33.83 ? 67   GLU A C   1 
ATOM   498  O O   . GLU A 1 66  ? 15.224  4.133   2.443   1.00 36.35 ? 67   GLU A O   1 
ATOM   499  C CB  . GLU A 1 66  ? 15.237  7.157   1.293   1.00 37.47 ? 67   GLU A CB  1 
ATOM   500  C CG  . GLU A 1 66  ? 14.957  8.186   0.221   1.00 41.93 ? 67   GLU A CG  1 
ATOM   501  C CD  . GLU A 1 66  ? 16.211  8.936   -0.209  1.00 45.81 ? 67   GLU A CD  1 
ATOM   502  O OE1 . GLU A 1 66  ? 17.210  8.948   0.564   1.00 47.95 ? 67   GLU A OE1 1 
ATOM   503  O OE2 . GLU A 1 66  ? 16.257  9.514   -1.324  1.00 47.35 ? 67   GLU A OE2 1 
ATOM   504  N N   . SER A 1 67  ? 14.391  5.461   4.017   1.00 31.36 ? 68   SER A N   1 
ATOM   505  C CA  . SER A 1 67  ? 14.811  4.602   5.111   1.00 29.61 ? 68   SER A CA  1 
ATOM   506  C C   . SER A 1 67  ? 13.965  4.953   6.326   1.00 29.66 ? 68   SER A C   1 
ATOM   507  O O   . SER A 1 67  ? 13.308  6.017   6.384   1.00 29.43 ? 68   SER A O   1 
ATOM   508  C CB  . SER A 1 67  ? 16.320  4.824   5.387   1.00 25.72 ? 68   SER A CB  1 
ATOM   509  O OG  . SER A 1 67  ? 16.489  6.110   5.954   1.00 25.82 ? 68   SER A OG  1 
ATOM   510  N N   . GLU A 1 68  ? 14.098  4.092   7.326   1.00 29.14 ? 69   GLU A N   1 
ATOM   511  C CA  . GLU A 1 68  ? 13.426  4.334   8.607   1.00 28.98 ? 69   GLU A CA  1 
ATOM   512  C C   . GLU A 1 68  ? 14.013  5.520   9.336   1.00 28.53 ? 69   GLU A C   1 
ATOM   513  O O   . GLU A 1 68  ? 13.351  6.329   10.055  1.00 27.24 ? 69   GLU A O   1 
ATOM   514  C CB  . GLU A 1 68  ? 13.573  3.039   9.464   1.00 28.44 ? 69   GLU A CB  1 
ATOM   515  C CG  . GLU A 1 68  ? 12.747  3.126   10.723  1.00 29.38 ? 69   GLU A CG  1 
ATOM   516  C CD  . GLU A 1 68  ? 12.883  1.991   11.731  1.00 31.28 ? 69   GLU A CD  1 
ATOM   517  O OE1 . GLU A 1 68  ? 13.192  0.818   11.433  1.00 32.17 ? 69   GLU A OE1 1 
ATOM   518  O OE2 . GLU A 1 68  ? 12.664  2.287   12.924  1.00 30.10 ? 69   GLU A OE2 1 
ATOM   519  N N   . GLN A 1 69  ? 15.361  5.624   9.245   1.00 30.00 ? 70   GLN A N   1 
ATOM   520  C CA  . GLN A 1 69  ? 15.989  6.775   9.965   1.00 29.91 ? 70   GLN A CA  1 
ATOM   521  C C   . GLN A 1 69  ? 15.458  8.090   9.401   1.00 28.07 ? 70   GLN A C   1 
ATOM   522  O O   . GLN A 1 69  ? 15.150  9.021   10.131  1.00 27.38 ? 70   GLN A O   1 
ATOM   523  C CB  . GLN A 1 69  ? 17.515  6.792   9.913   1.00 32.57 ? 70   GLN A CB  1 
ATOM   524  C CG  . GLN A 1 69  ? 18.000  8.013   10.721  1.00 38.08 ? 70   GLN A CG  1 
ATOM   525  C CD  . GLN A 1 69  ? 19.474  8.296   10.640  1.00 40.14 ? 70   GLN A CD  1 
ATOM   526  O OE1 . GLN A 1 69  ? 20.117  8.654   11.650  1.00 41.93 ? 70   GLN A OE1 1 
ATOM   527  N NE2 . GLN A 1 69  ? 20.033  8.115   9.461   1.00 38.66 ? 70   GLN A NE2 1 
ATOM   528  N N   . ALA A 1 70  ? 15.407  8.176   8.068   1.00 29.10 ? 71   ALA A N   1 
ATOM   529  C CA  . ALA A 1 70  ? 14.899  9.394   7.401   1.00 28.41 ? 71   ALA A CA  1 
ATOM   530  C C   . ALA A 1 70  ? 13.492  9.651   7.858   1.00 27.59 ? 71   ALA A C   1 
ATOM   531  O O   . ALA A 1 70  ? 13.156  10.764  8.288   1.00 28.98 ? 71   ALA A O   1 
ATOM   532  C CB  . ALA A 1 70  ? 15.031  9.222   5.906   1.00 28.30 ? 71   ALA A CB  1 
ATOM   533  N N   . TYR A 1 71  ? 12.661  8.613   7.948   1.00 29.47 ? 72   TYR A N   1 
ATOM   534  C CA  . TYR A 1 71  ? 11.300  8.747   8.456   1.00 29.95 ? 72   TYR A CA  1 
ATOM   535  C C   . TYR A 1 71  ? 11.272  9.204   9.913   1.00 33.05 ? 72   TYR A C   1 
ATOM   536  O O   . TYR A 1 71  ? 10.428  10.023  10.349  1.00 32.98 ? 72   TYR A O   1 
ATOM   537  C CB  . TYR A 1 71  ? 10.589  7.388   8.362   1.00 31.43 ? 72   TYR A CB  1 
ATOM   538  C CG  . TYR A 1 71  ? 9.217   7.343   9.024   1.00 34.68 ? 72   TYR A CG  1 
ATOM   539  C CD1 . TYR A 1 71  ? 8.136   7.807   8.274   1.00 33.74 ? 72   TYR A CD1 1 
ATOM   540  C CD2 . TYR A 1 71  ? 8.986   6.896   10.326  1.00 35.10 ? 72   TYR A CD2 1 
ATOM   541  C CE1 . TYR A 1 71  ? 6.860   7.837   8.776   1.00 36.70 ? 72   TYR A CE1 1 
ATOM   542  C CE2 . TYR A 1 71  ? 7.692   6.893   10.856  1.00 36.06 ? 72   TYR A CE2 1 
ATOM   543  C CZ  . TYR A 1 71  ? 6.658   7.352   10.067  1.00 39.31 ? 72   TYR A CZ  1 
ATOM   544  O OH  . TYR A 1 71  ? 5.336   7.405   10.473  1.00 42.07 ? 72   TYR A OH  1 
ATOM   545  N N   . ARG A 1 72  ? 12.121  8.568   10.760  1.00 33.36 ? 73   ARG A N   1 
ATOM   546  C CA  . ARG A 1 72  ? 12.009  8.936   12.192  1.00 34.47 ? 73   ARG A CA  1 
ATOM   547  C C   . ARG A 1 72  ? 12.502  10.332  12.456  1.00 35.57 ? 73   ARG A C   1 
ATOM   548  O O   . ARG A 1 72  ? 11.885  11.064  13.211  1.00 35.70 ? 73   ARG A O   1 
ATOM   549  C CB  . ARG A 1 72  ? 12.773  7.954   13.059  1.00 34.33 ? 73   ARG A CB  1 
ATOM   550  C CG  . ARG A 1 72  ? 12.182  6.550   13.167  1.00 35.61 ? 73   ARG A CG  1 
ATOM   551  C CD  . ARG A 1 72  ? 13.221  5.751   13.980  1.00 36.66 ? 73   ARG A CD  1 
ATOM   552  N NE  . ARG A 1 72  ? 12.815  4.428   14.354  1.00 35.78 ? 73   ARG A NE  1 
ATOM   553  C CZ  . ARG A 1 72  ? 12.093  4.092   15.428  1.00 36.05 ? 73   ARG A CZ  1 
ATOM   554  N NH1 . ARG A 1 72  ? 11.635  5.001   16.280  1.00 34.43 ? 73   ARG A NH1 1 
ATOM   555  N NH2 . ARG A 1 72  ? 11.857  2.790   15.576  1.00 36.01 ? 73   ARG A NH2 1 
ATOM   556  N N   . VAL A 1 73  ? 13.620  10.700  11.826  1.00 39.32 ? 74   VAL A N   1 
ATOM   557  C CA  . VAL A 1 73  ? 14.208  12.019  12.038  1.00 43.31 ? 74   VAL A CA  1 
ATOM   558  C C   . VAL A 1 73  ? 13.456  13.153  11.344  1.00 43.82 ? 74   VAL A C   1 
ATOM   559  O O   . VAL A 1 73  ? 13.104  14.199  11.889  1.00 44.76 ? 74   VAL A O   1 
ATOM   560  C CB  . VAL A 1 73  ? 15.612  12.096  11.403  1.00 45.73 ? 74   VAL A CB  1 
ATOM   561  C CG1 . VAL A 1 73  ? 16.187  13.502  11.613  1.00 46.91 ? 74   VAL A CG1 1 
ATOM   562  C CG2 . VAL A 1 73  ? 16.549  11.032  11.936  1.00 46.66 ? 74   VAL A CG2 1 
ATOM   563  N N   . ASN A 1 74  ? 13.284  12.918  10.038  1.00 45.10 ? 75   ASN A N   1 
ATOM   564  C CA  . ASN A 1 74  ? 12.703  13.947  9.185   1.00 44.21 ? 75   ASN A CA  1 
ATOM   565  C C   . ASN A 1 74  ? 11.216  14.132  9.289   1.00 42.84 ? 75   ASN A C   1 
ATOM   566  O O   . ASN A 1 74  ? 10.749  15.214  8.960   1.00 44.38 ? 75   ASN A O   1 
ATOM   567  C CB  . ASN A 1 74  ? 13.089  13.648  7.730   1.00 45.67 ? 75   ASN A CB  1 
ATOM   568  C CG  . ASN A 1 74  ? 14.497  14.246  7.617   1.00 47.03 ? 75   ASN A CG  1 
ATOM   569  O OD1 . ASN A 1 74  ? 15.394  13.533  7.179   1.00 46.26 ? 75   ASN A OD1 1 
ATOM   570  N ND2 . ASN A 1 74  ? 14.490  15.510  8.022   1.00 47.77 ? 75   ASN A ND2 1 
ATOM   571  N N   . PHE A 1 75  ? 10.531  13.100  9.753   1.00 40.05 ? 76   PHE A N   1 
ATOM   572  C CA  . PHE A 1 75  ? 9.093   13.249  9.890   1.00 37.27 ? 76   PHE A CA  1 
ATOM   573  C C   . PHE A 1 75  ? 8.686   13.024  11.331  1.00 39.09 ? 76   PHE A C   1 
ATOM   574  O O   . PHE A 1 75  ? 8.151   13.961  11.919  1.00 39.46 ? 76   PHE A O   1 
ATOM   575  C CB  . PHE A 1 75  ? 8.490   12.193  8.974   1.00 35.87 ? 76   PHE A CB  1 
ATOM   576  C CG  . PHE A 1 75  ? 7.007   12.285  9.032   1.00 34.71 ? 76   PHE A CG  1 
ATOM   577  C CD1 . PHE A 1 75  ? 6.363   13.267  8.294   1.00 34.50 ? 76   PHE A CD1 1 
ATOM   578  C CD2 . PHE A 1 75  ? 6.294   11.394  9.817   1.00 33.17 ? 76   PHE A CD2 1 
ATOM   579  C CE1 . PHE A 1 75  ? 4.986   13.327  8.361   1.00 35.65 ? 76   PHE A CE1 1 
ATOM   580  C CE2 . PHE A 1 75  ? 4.931   11.448  9.871   1.00 34.16 ? 76   PHE A CE2 1 
ATOM   581  C CZ  . PHE A 1 75  ? 4.269   12.424  9.139   1.00 35.98 ? 76   PHE A CZ  1 
ATOM   582  N N   . GLY A 1 76  ? 8.902   11.838  11.899  1.00 39.05 ? 77   GLY A N   1 
ATOM   583  C CA  . GLY A 1 76  ? 8.538   11.579  13.276  1.00 41.08 ? 77   GLY A CA  1 
ATOM   584  C C   . GLY A 1 76  ? 9.075   12.565  14.286  1.00 43.68 ? 77   GLY A C   1 
ATOM   585  O O   . GLY A 1 76  ? 8.316   12.942  15.186  1.00 45.38 ? 77   GLY A O   1 
ATOM   586  N N   . ALA A 1 77  ? 10.289  13.090  14.189  1.00 45.45 ? 78   ALA A N   1 
ATOM   587  C CA  . ALA A 1 77  ? 10.801  14.042  15.170  1.00 47.79 ? 78   ALA A CA  1 
ATOM   588  C C   . ALA A 1 77  ? 10.733  15.486  14.704  1.00 48.12 ? 78   ALA A C   1 
ATOM   589  O O   . ALA A 1 77  ? 11.533  16.313  15.138  1.00 49.11 ? 78   ALA A O   1 
ATOM   590  C CB  . ALA A 1 77  ? 12.244  13.772  15.604  1.00 47.81 ? 78   ALA A CB  1 
ATOM   591  N N   . ASP A 1 78  ? 9.867   15.756  13.750  1.00 47.82 ? 79   ASP A N   1 
ATOM   592  C CA  . ASP A 1 78  ? 9.592   17.120  13.309  1.00 46.78 ? 79   ASP A CA  1 
ATOM   593  C C   . ASP A 1 78  ? 8.260   17.402  14.001  1.00 47.01 ? 79   ASP A C   1 
ATOM   594  O O   . ASP A 1 78  ? 7.351   16.567  14.001  1.00 46.74 ? 79   ASP A O   1 
ATOM   595  C CB  . ASP A 1 78  ? 9.427   17.226  11.814  1.00 46.94 ? 79   ASP A CB  1 
ATOM   596  C CG  . ASP A 1 78  ? 9.425   18.607  11.218  1.00 47.81 ? 79   ASP A CG  1 
ATOM   597  O OD1 . ASP A 1 78  ? 10.187  18.847  10.252  1.00 47.31 ? 79   ASP A OD1 1 
ATOM   598  O OD2 . ASP A 1 78  ? 8.649   19.453  11.714  1.00 49.87 ? 79   ASP A OD2 1 
ATOM   599  N N   . PRO A 1 79  ? 8.123   18.571  14.597  1.00 46.72 ? 80   PRO A N   1 
ATOM   600  C CA  . PRO A 1 79  ? 6.882   18.959  15.259  1.00 45.79 ? 80   PRO A CA  1 
ATOM   601  C C   . PRO A 1 79  ? 5.788   19.195  14.230  1.00 44.41 ? 80   PRO A C   1 
ATOM   602  O O   . PRO A 1 79  ? 4.602   19.166  14.539  1.00 44.46 ? 80   PRO A O   1 
ATOM   603  C CB  . PRO A 1 79  ? 7.261   20.202  16.050  1.00 46.49 ? 80   PRO A CB  1 
ATOM   604  C CG  . PRO A 1 79  ? 8.451   20.781  15.370  1.00 47.10 ? 80   PRO A CG  1 
ATOM   605  C CD  . PRO A 1 79  ? 9.144   19.634  14.674  1.00 47.58 ? 80   PRO A CD  1 
ATOM   606  N N   . ARG A 1 80  ? 6.138   19.435  12.965  1.00 42.13 ? 81   ARG A N   1 
ATOM   607  C CA  . ARG A 1 80  ? 5.108   19.599  11.945  1.00 42.20 ? 81   ARG A CA  1 
ATOM   608  C C   . ARG A 1 80  ? 4.309   18.329  11.689  1.00 42.37 ? 81   ARG A C   1 
ATOM   609  O O   . ARG A 1 80  ? 3.148   18.467  11.299  1.00 42.10 ? 81   ARG A O   1 
ATOM   610  C CB  . ARG A 1 80  ? 5.721   20.196  10.687  1.00 40.68 ? 81   ARG A CB  1 
ATOM   611  C CG  . ARG A 1 80  ? 6.069   21.683  10.943  1.00 37.01 ? 81   ARG A CG  1 
ATOM   612  C CD  . ARG A 1 80  ? 6.922   22.146  9.777   1.00 34.97 ? 81   ARG A CD  1 
ATOM   613  N NE  . ARG A 1 80  ? 8.173   21.349  9.623   1.00 31.42 ? 81   ARG A NE  1 
ATOM   614  C CZ  . ARG A 1 80  ? 8.959   21.735  8.612   1.00 30.27 ? 81   ARG A CZ  1 
ATOM   615  N NH1 . ARG A 1 80  ? 8.540   22.774  7.905   1.00 31.62 ? 81   ARG A NH1 1 
ATOM   616  N NH2 . ARG A 1 80  ? 10.079  21.171  8.211   1.00 29.42 ? 81   ARG A NH2 1 
ATOM   617  N N   . SER A 1 81  ? 4.802   17.126  11.966  1.00 41.98 ? 82   SER A N   1 
ATOM   618  C CA  . SER A 1 81  ? 4.038   15.900  11.842  1.00 43.34 ? 82   SER A CA  1 
ATOM   619  C C   . SER A 1 81  ? 2.898   15.786  12.852  1.00 43.22 ? 82   SER A C   1 
ATOM   620  O O   . SER A 1 81  ? 1.842   15.222  12.575  1.00 43.48 ? 82   SER A O   1 
ATOM   621  C CB  . SER A 1 81  ? 4.924   14.656  12.025  1.00 43.74 ? 82   SER A CB  1 
ATOM   622  O OG  . SER A 1 81  ? 5.369   14.589  13.374  1.00 46.35 ? 82   SER A OG  1 
ATOM   623  N N   . ALA A 1 82  ? 3.088   16.381  14.031  1.00 42.45 ? 83   ALA A N   1 
ATOM   624  C CA  . ALA A 1 82  ? 2.074   16.391  15.081  1.00 41.66 ? 83   ALA A CA  1 
ATOM   625  C C   . ALA A 1 82  ? 0.986   17.387  14.683  1.00 40.21 ? 83   ALA A C   1 
ATOM   626  O O   . ALA A 1 82  ? -0.195  17.214  14.933  1.00 40.05 ? 83   ALA A O   1 
ATOM   627  C CB  . ALA A 1 82  ? 2.737   16.808  16.401  1.00 41.82 ? 83   ALA A CB  1 
ATOM   628  N N   . GLU A 1 83  ? 1.422   18.456  14.044  1.00 40.25 ? 84   GLU A N   1 
ATOM   629  C CA  . GLU A 1 83  ? 0.518   19.444  13.460  1.00 43.44 ? 84   GLU A CA  1 
ATOM   630  C C   . GLU A 1 83  ? -0.302  18.818  12.333  1.00 42.50 ? 84   GLU A C   1 
ATOM   631  O O   . GLU A 1 83  ? -1.519  18.927  12.239  1.00 40.70 ? 84   GLU A O   1 
ATOM   632  C CB  . GLU A 1 83  ? 1.394   20.596  12.967  1.00 46.32 ? 84   GLU A CB  1 
ATOM   633  C CG  . GLU A 1 83  ? 2.253   21.172  14.098  1.00 50.25 ? 84   GLU A CG  1 
ATOM   634  C CD  . GLU A 1 83  ? 2.672   22.599  13.740  1.00 53.21 ? 84   GLU A CD  1 
ATOM   635  O OE1 . GLU A 1 83  ? 3.172   22.771  12.593  1.00 55.00 ? 84   GLU A OE1 1 
ATOM   636  O OE2 . GLU A 1 83  ? 2.480   23.509  14.569  1.00 52.60 ? 84   GLU A OE2 1 
ATOM   637  N N   . LEU A 1 84  ? 0.371   18.046  11.461  1.00 40.91 ? 85   LEU A N   1 
ATOM   638  C CA  . LEU A 1 84  ? -0.351  17.334  10.399  1.00 40.91 ? 85   LEU A CA  1 
ATOM   639  C C   . LEU A 1 84  ? -1.417  16.426  11.006  1.00 39.99 ? 85   LEU A C   1 
ATOM   640  O O   . LEU A 1 84  ? -2.615  16.542  10.690  1.00 39.13 ? 85   LEU A O   1 
ATOM   641  C CB  . LEU A 1 84  ? 0.621   16.559  9.477   1.00 39.33 ? 85   LEU A CB  1 
ATOM   642  C CG  . LEU A 1 84  ? -0.115  15.729  8.422   1.00 40.65 ? 85   LEU A CG  1 
ATOM   643  C CD1 . LEU A 1 84  ? -0.797  16.638  7.390   1.00 39.43 ? 85   LEU A CD1 1 
ATOM   644  C CD2 . LEU A 1 84  ? 0.763   14.726  7.697   1.00 40.37 ? 85   LEU A CD2 1 
ATOM   645  N N   . ARG A 1 85  ? -0.999  15.568  11.953  1.00 38.11 ? 86   ARG A N   1 
ATOM   646  C CA  . ARG A 1 85  ? -1.908  14.671  12.635  1.00 38.63 ? 86   ARG A CA  1 
ATOM   647  C C   . ARG A 1 85  ? -3.036  15.422  13.326  1.00 36.79 ? 86   ARG A C   1 
ATOM   648  O O   . ARG A 1 85  ? -4.171  14.968  13.314  1.00 34.79 ? 86   ARG A O   1 
ATOM   649  C CB  . ARG A 1 85  ? -1.183  13.783  13.654  1.00 42.62 ? 86   ARG A CB  1 
ATOM   650  C CG  . ARG A 1 85  ? -2.080  12.828  14.428  1.00 46.57 ? 86   ARG A CG  1 
ATOM   651  C CD  . ARG A 1 85  ? -1.589  12.474  15.844  1.00 50.19 ? 86   ARG A CD  1 
ATOM   652  N NE  . ARG A 1 85  ? -1.734  13.621  16.724  1.00 53.69 ? 86   ARG A NE  1 
ATOM   653  C CZ  . ARG A 1 85  ? -2.854  14.227  17.130  1.00 55.04 ? 86   ARG A CZ  1 
ATOM   654  N NH1 . ARG A 1 85  ? -4.048  13.765  16.787  1.00 56.61 ? 86   ARG A NH1 1 
ATOM   655  N NH2 . ARG A 1 85  ? -2.813  15.329  17.881  1.00 55.31 ? 86   ARG A NH2 1 
ATOM   656  N N   . GLU A 1 86  ? -2.806  16.571  13.957  1.00 37.32 ? 87   GLU A N   1 
ATOM   657  C CA  . GLU A 1 86  ? -3.906  17.293  14.588  1.00 37.48 ? 87   GLU A CA  1 
ATOM   658  C C   . GLU A 1 86  ? -4.877  17.736  13.509  1.00 35.34 ? 87   GLU A C   1 
ATOM   659  O O   . GLU A 1 86  ? -6.077  17.469  13.655  1.00 32.52 ? 87   GLU A O   1 
ATOM   660  C CB  . GLU A 1 86  ? -3.471  18.436  15.489  1.00 42.58 ? 87   GLU A CB  1 
ATOM   661  C CG  . GLU A 1 86  ? -4.326  18.507  16.759  1.00 50.03 ? 87   GLU A CG  1 
ATOM   662  C CD  . GLU A 1 86  ? -5.760  18.945  16.503  1.00 55.74 ? 87   GLU A CD  1 
ATOM   663  O OE1 . GLU A 1 86  ? -5.980  19.916  15.720  1.00 58.84 ? 87   GLU A OE1 1 
ATOM   664  O OE2 . GLU A 1 86  ? -6.716  18.337  17.054  1.00 57.07 ? 87   GLU A OE2 1 
ATOM   665  N N   . ALA A 1 87  ? -4.371  18.281  12.397  1.00 32.72 ? 88   ALA A N   1 
ATOM   666  C CA  . ALA A 1 87  ? -5.290  18.665  11.298  1.00 30.97 ? 88   ALA A CA  1 
ATOM   667  C C   . ALA A 1 87  ? -6.085  17.492  10.779  1.00 29.68 ? 88   ALA A C   1 
ATOM   668  O O   . ALA A 1 87  ? -7.319  17.544  10.631  1.00 29.01 ? 88   ALA A O   1 
ATOM   669  C CB  . ALA A 1 87  ? -4.493  19.308  10.154  1.00 30.11 ? 88   ALA A CB  1 
ATOM   670  N N   . LEU A 1 88  ? -5.432  16.346  10.549  1.00 29.16 ? 89   LEU A N   1 
ATOM   671  C CA  . LEU A 1 88  ? -6.171  15.162  10.063  1.00 27.71 ? 89   LEU A CA  1 
ATOM   672  C C   . LEU A 1 88  ? -7.119  14.629  11.117  1.00 28.69 ? 89   LEU A C   1 
ATOM   673  O O   . LEU A 1 88  ? -8.269  14.281  10.807  1.00 29.61 ? 89   LEU A O   1 
ATOM   674  C CB  . LEU A 1 88  ? -5.229  14.092  9.520   1.00 25.86 ? 89   LEU A CB  1 
ATOM   675  C CG  . LEU A 1 88  ? -4.299  14.548  8.377   1.00 27.72 ? 89   LEU A CG  1 
ATOM   676  C CD1 . LEU A 1 88  ? -3.425  13.450  7.782   1.00 25.73 ? 89   LEU A CD1 1 
ATOM   677  C CD2 . LEU A 1 88  ? -5.078  15.122  7.178   1.00 28.78 ? 89   LEU A CD2 1 
ATOM   678  N N   . SER A 1 89  ? -6.837  14.650  12.406  1.00 30.33 ? 90   SER A N   1 
ATOM   679  C CA  . SER A 1 89  ? -7.834  14.116  13.355  1.00 34.32 ? 90   SER A CA  1 
ATOM   680  C C   . SER A 1 89  ? -8.893  15.122  13.770  1.00 35.05 ? 90   SER A C   1 
ATOM   681  O O   . SER A 1 89  ? -9.738  14.799  14.600  1.00 35.61 ? 90   SER A O   1 
ATOM   682  C CB  . SER A 1 89  ? -7.135  13.457  14.538  1.00 34.31 ? 90   SER A CB  1 
ATOM   683  O OG  . SER A 1 89  ? -6.499  14.480  15.291  1.00 37.12 ? 90   SER A OG  1 
ATOM   684  N N   . SER A 1 90  ? -8.988  16.281  13.137  1.00 35.11 ? 91   SER A N   1 
ATOM   685  C CA  . SER A 1 90  ? -9.959  17.309  13.469  1.00 36.24 ? 91   SER A CA  1 
ATOM   686  C C   . SER A 1 90  ? -11.192 17.233  12.562  1.00 34.30 ? 91   SER A C   1 
ATOM   687  O O   . SER A 1 90  ? -12.233 17.867  12.748  1.00 32.39 ? 91   SER A O   1 
ATOM   688  C CB  . SER A 1 90  ? -9.316  18.697  13.303  1.00 36.60 ? 91   SER A CB  1 
ATOM   689  O OG  . SER A 1 90  ? -9.254  18.822  11.838  1.00 41.08 ? 91   SER A OG  1 
ATOM   690  N N   . LEU A 1 91  ? -11.088 16.411  11.539  1.00 33.93 ? 92   LEU A N   1 
ATOM   691  C CA  . LEU A 1 91  ? -12.157 16.203  10.589  1.00 33.82 ? 92   LEU A CA  1 
ATOM   692  C C   . LEU A 1 91  ? -13.368 15.448  11.074  1.00 32.34 ? 92   LEU A C   1 
ATOM   693  O O   . LEU A 1 91  ? -13.216 14.326  11.498  1.00 32.06 ? 92   LEU A O   1 
ATOM   694  C CB  . LEU A 1 91  ? -11.675 15.418  9.357   1.00 35.66 ? 92   LEU A CB  1 
ATOM   695  C CG  . LEU A 1 91  ? -12.647 15.553  8.175   1.00 36.85 ? 92   LEU A CG  1 
ATOM   696  C CD1 . LEU A 1 91  ? -12.950 17.018  7.877   1.00 36.65 ? 92   LEU A CD1 1 
ATOM   697  C CD2 . LEU A 1 91  ? -12.052 14.870  6.949   1.00 37.12 ? 92   LEU A CD2 1 
ATOM   698  N N   . PRO A 1 92  ? -14.563 16.005  10.975  1.00 32.69 ? 93   PRO A N   1 
ATOM   699  C CA  . PRO A 1 92  ? -15.798 15.313  11.304  1.00 33.28 ? 93   PRO A CA  1 
ATOM   700  C C   . PRO A 1 92  ? -16.061 14.118  10.376  1.00 33.95 ? 93   PRO A C   1 
ATOM   701  O O   . PRO A 1 92  ? -15.936 14.221  9.132   1.00 36.74 ? 93   PRO A O   1 
ATOM   702  C CB  . PRO A 1 92  ? -16.882 16.350  11.048  1.00 33.14 ? 93   PRO A CB  1 
ATOM   703  C CG  . PRO A 1 92  ? -16.205 17.656  10.903  1.00 34.57 ? 93   PRO A CG  1 
ATOM   704  C CD  . PRO A 1 92  ? -14.783 17.388  10.488  1.00 33.15 ? 93   PRO A CD  1 
ATOM   705  N N   . GLY A 1 93  ? -16.382 12.966  10.886  1.00 32.41 ? 94   GLY A N   1 
ATOM   706  C CA  . GLY A 1 93  ? -16.653 11.747  10.147  1.00 33.57 ? 94   GLY A CA  1 
ATOM   707  C C   . GLY A 1 93  ? -15.442 10.816  10.298  1.00 35.23 ? 94   GLY A C   1 
ATOM   708  O O   . GLY A 1 93  ? -15.513 9.650   9.936   1.00 34.20 ? 94   GLY A O   1 
ATOM   709  N N   . LEU A 1 94  ? -14.329 11.366  10.809  1.00 34.55 ? 95   LEU A N   1 
ATOM   710  C CA  . LEU A 1 94  ? -13.163 10.577  11.134  1.00 35.66 ? 95   LEU A CA  1 
ATOM   711  C C   . LEU A 1 94  ? -13.562 9.726   12.338  1.00 37.61 ? 95   LEU A C   1 
ATOM   712  O O   . LEU A 1 94  ? -13.762 10.247  13.445  1.00 39.81 ? 95   LEU A O   1 
ATOM   713  C CB  . LEU A 1 94  ? -11.931 11.388  11.447  1.00 36.52 ? 95   LEU A CB  1 
ATOM   714  C CG  . LEU A 1 94  ? -10.643 10.617  11.702  1.00 38.89 ? 95   LEU A CG  1 
ATOM   715  C CD1 . LEU A 1 94  ? -10.267 9.666   10.552  1.00 37.77 ? 95   LEU A CD1 1 
ATOM   716  C CD2 . LEU A 1 94  ? -9.493  11.593  11.899  1.00 39.73 ? 95   LEU A CD2 1 
ATOM   717  N N   . MET A 1 95  ? -13.775 8.436   12.125  1.00 37.54 ? 96   MET A N   1 
ATOM   718  C CA  . MET A 1 95  ? -14.301 7.579   13.171  1.00 37.90 ? 96   MET A CA  1 
ATOM   719  C C   . MET A 1 95  ? -13.366 7.082   14.235  1.00 37.95 ? 96   MET A C   1 
ATOM   720  O O   . MET A 1 95  ? -13.850 6.620   15.285  1.00 39.58 ? 96   MET A O   1 
ATOM   721  C CB  . MET A 1 95  ? -15.058 6.398   12.502  1.00 37.32 ? 96   MET A CB  1 
ATOM   722  C CG  . MET A 1 95  ? -16.146 6.958   11.604  1.00 39.12 ? 96   MET A CG  1 
ATOM   723  S SD  . MET A 1 95  ? -17.184 8.211   12.416  1.00 43.20 ? 96   MET A SD  1 
ATOM   724  C CE  . MET A 1 95  ? -18.223 7.032   13.306  1.00 41.02 ? 96   MET A CE  1 
ATOM   725  N N   . GLY A 1 96  ? -12.059 7.147   14.082  1.00 35.98 ? 97   GLY A N   1 
ATOM   726  C CA  . GLY A 1 96  ? -11.134 6.627   15.079  1.00 33.42 ? 97   GLY A CA  1 
ATOM   727  C C   . GLY A 1 96  ? -9.726  7.063   14.695  1.00 33.08 ? 97   GLY A C   1 
ATOM   728  O O   . GLY A 1 96  ? -9.481  7.658   13.648  1.00 33.38 ? 97   GLY A O   1 
ATOM   729  N N   . PRO A 1 97  ? -8.788  6.760   15.558  1.00 32.82 ? 98   PRO A N   1 
ATOM   730  C CA  . PRO A 1 97  ? -7.399  7.130   15.297  1.00 31.13 ? 98   PRO A CA  1 
ATOM   731  C C   . PRO A 1 97  ? -6.866  6.289   14.149  1.00 32.21 ? 98   PRO A C   1 
ATOM   732  O O   . PRO A 1 97  ? -7.268  5.147   13.955  1.00 33.27 ? 98   PRO A O   1 
ATOM   733  C CB  . PRO A 1 97  ? -6.725  6.863   16.622  1.00 30.46 ? 98   PRO A CB  1 
ATOM   734  C CG  . PRO A 1 97  ? -7.617  6.019   17.447  1.00 30.20 ? 98   PRO A CG  1 
ATOM   735  C CD  . PRO A 1 97  ? -8.984  6.022   16.839  1.00 30.04 ? 98   PRO A CD  1 
ATOM   736  N N   . PRO A 1 98  ? -6.037  6.850   13.286  1.00 31.50 ? 99   PRO A N   1 
ATOM   737  C CA  . PRO A 1 98  ? -5.359  6.118   12.265  1.00 29.85 ? 99   PRO A CA  1 
ATOM   738  C C   . PRO A 1 98  ? -4.607  4.923   12.846  1.00 29.05 ? 99   PRO A C   1 
ATOM   739  O O   . PRO A 1 98  ? -3.967  5.003   13.885  1.00 26.58 ? 99   PRO A O   1 
ATOM   740  C CB  . PRO A 1 98  ? -4.301  7.109   11.729  1.00 29.39 ? 99   PRO A CB  1 
ATOM   741  C CG  . PRO A 1 98  ? -4.873  8.463   12.033  1.00 31.08 ? 99   PRO A CG  1 
ATOM   742  C CD  . PRO A 1 98  ? -5.497  8.256   13.417  1.00 31.64 ? 99   PRO A CD  1 
ATOM   743  N N   . LYS A 1 99  ? -4.496  3.874   12.042  1.00 29.37 ? 100  LYS A N   1 
ATOM   744  C CA  . LYS A 1 99  ? -3.761  2.660   12.285  1.00 31.73 ? 100  LYS A CA  1 
ATOM   745  C C   . LYS A 1 99  ? -2.615  2.590   11.255  1.00 30.60 ? 100  LYS A C   1 
ATOM   746  O O   . LYS A 1 99  ? -2.839  2.755   10.054  1.00 30.60 ? 100  LYS A O   1 
ATOM   747  C CB  . LYS A 1 99  ? -4.703  1.438   12.046  1.00 33.35 ? 100  LYS A CB  1 
ATOM   748  C CG  . LYS A 1 99  ? -5.843  1.470   13.067  1.00 36.86 ? 100  LYS A CG  1 
ATOM   749  C CD  . LYS A 1 99  ? -6.716  0.231   13.001  1.00 42.43 ? 100  LYS A CD  1 
ATOM   750  C CE  . LYS A 1 99  ? -6.143  -0.919  13.828  1.00 45.88 ? 100  LYS A CE  1 
ATOM   751  N NZ  . LYS A 1 99  ? -6.862  -2.221  13.561  1.00 48.25 ? 100  LYS A NZ  1 
ATOM   752  N N   . ALA A 1 100 ? -1.389  2.413   11.710  1.00 29.56 ? 101  ALA A N   1 
ATOM   753  C CA  . ALA A 1 100 ? -0.215  2.391   10.863  1.00 29.13 ? 101  ALA A CA  1 
ATOM   754  C C   . ALA A 1 100 ? 0.502   1.052   10.869  1.00 29.15 ? 101  ALA A C   1 
ATOM   755  O O   . ALA A 1 100 ? 0.520   0.363   11.898  1.00 29.13 ? 101  ALA A O   1 
ATOM   756  C CB  . ALA A 1 100 ? 0.760   3.462   11.298  1.00 29.64 ? 101  ALA A CB  1 
ATOM   757  N N   . VAL A 1 101 ? 0.955   0.651   9.699   1.00 26.82 ? 102  VAL A N   1 
ATOM   758  C CA  . VAL A 1 101 ? 1.701   -0.593  9.556   1.00 27.42 ? 102  VAL A CA  1 
ATOM   759  C C   . VAL A 1 101 ? 3.051   -0.224  8.953   1.00 28.96 ? 102  VAL A C   1 
ATOM   760  O O   . VAL A 1 101 ? 3.106   0.559   8.004   1.00 30.80 ? 102  VAL A O   1 
ATOM   761  C CB  . VAL A 1 101 ? 0.994   -1.643  8.680   1.00 29.03 ? 102  VAL A CB  1 
ATOM   762  C CG1 . VAL A 1 101 ? 1.761   -2.972  8.657   1.00 29.40 ? 102  VAL A CG1 1 
ATOM   763  C CG2 . VAL A 1 101 ? -0.429  -1.967  9.137   1.00 26.58 ? 102  VAL A CG2 1 
ATOM   764  N N   . PHE A 1 102 ? 4.158   -0.588  9.569   1.00 29.05 ? 103  PHE A N   1 
ATOM   765  C CA  . PHE A 1 102 ? 5.493   -0.259  9.060   1.00 26.43 ? 103  PHE A CA  1 
ATOM   766  C C   . PHE A 1 102 ? 6.025   -1.525  8.393   1.00 26.55 ? 103  PHE A C   1 
ATOM   767  O O   . PHE A 1 102 ? 5.835   -2.659  8.812   1.00 27.56 ? 103  PHE A O   1 
ATOM   768  C CB  . PHE A 1 102 ? 6.398   0.357   10.107  1.00 24.87 ? 103  PHE A CB  1 
ATOM   769  C CG  . PHE A 1 102 ? 5.796   1.545   10.807  1.00 25.81 ? 103  PHE A CG  1 
ATOM   770  C CD1 . PHE A 1 102 ? 5.679   2.768   10.174  1.00 27.25 ? 103  PHE A CD1 1 
ATOM   771  C CD2 . PHE A 1 102 ? 5.329   1.458   12.095  1.00 26.08 ? 103  PHE A CD2 1 
ATOM   772  C CE1 . PHE A 1 102 ? 5.084   3.854   10.799  1.00 28.82 ? 103  PHE A CE1 1 
ATOM   773  C CE2 . PHE A 1 102 ? 4.758   2.519   12.775  1.00 25.80 ? 103  PHE A CE2 1 
ATOM   774  C CZ  . PHE A 1 102 ? 4.633   3.735   12.119  1.00 28.50 ? 103  PHE A CZ  1 
ATOM   775  N N   . MET A 1 103 ? 6.772   -1.324  7.315   1.00 26.23 ? 104  MET A N   1 
ATOM   776  C CA  . MET A 1 103 ? 7.248   -2.379  6.496   1.00 26.28 ? 104  MET A CA  1 
ATOM   777  C C   . MET A 1 103 ? 8.298   -1.967  5.502   1.00 27.91 ? 104  MET A C   1 
ATOM   778  O O   . MET A 1 103 ? 8.505   -0.829  5.057   1.00 26.93 ? 104  MET A O   1 
ATOM   779  C CB  . MET A 1 103 ? 5.947   -2.901  5.767   1.00 24.05 ? 104  MET A CB  1 
ATOM   780  C CG  . MET A 1 103 ? 5.379   -1.966  4.749   1.00 23.64 ? 104  MET A CG  1 
ATOM   781  S SD  . MET A 1 103 ? 3.841   -2.495  3.940   1.00 23.23 ? 104  MET A SD  1 
ATOM   782  C CE  . MET A 1 103 ? 2.742   -2.630  5.321   1.00 21.37 ? 104  MET A CE  1 
ATOM   783  N N   . THR A 1 104 ? 8.919   -3.033  4.982   1.00 31.10 ? 105  THR A N   1 
ATOM   784  C CA  . THR A 1 104 ? 9.987   -2.856  3.975   1.00 31.55 ? 105  THR A CA  1 
ATOM   785  C C   . THR A 1 104 ? 9.638   -3.579  2.714   1.00 31.30 ? 105  THR A C   1 
ATOM   786  O O   . THR A 1 104 ? 9.286   -4.778  2.759   1.00 33.34 ? 105  THR A O   1 
ATOM   787  C CB  . THR A 1 104 ? 11.213  -3.449  4.732   1.00 33.58 ? 105  THR A CB  1 
ATOM   788  O OG1 . THR A 1 104 ? 11.715  -2.372  5.568   1.00 38.53 ? 105  THR A OG1 1 
ATOM   789  C CG2 . THR A 1 104 ? 12.292  -3.997  3.882   1.00 32.16 ? 105  THR A CG2 1 
ATOM   790  N N   . PRO A 1 105 ? 9.848   -2.960  1.570   1.00 31.98 ? 106  PRO A N   1 
ATOM   791  C CA  . PRO A 1 105 ? 9.608   -3.627  0.304   1.00 35.46 ? 106  PRO A CA  1 
ATOM   792  C C   . PRO A 1 105 ? 10.539  -4.841  0.180   1.00 37.65 ? 106  PRO A C   1 
ATOM   793  O O   . PRO A 1 105 ? 11.674  -4.670  0.613   1.00 38.68 ? 106  PRO A O   1 
ATOM   794  C CB  . PRO A 1 105 ? 9.817   -2.573  -0.752  1.00 34.89 ? 106  PRO A CB  1 
ATOM   795  C CG  . PRO A 1 105 ? 10.101  -1.282  -0.080  1.00 33.84 ? 106  PRO A CG  1 
ATOM   796  C CD  . PRO A 1 105 ? 10.297  -1.579  1.382   1.00 32.29 ? 106  PRO A CD  1 
ATOM   797  N N   . ARG A 1 106 ? 10.070  -5.996  -0.285  1.00 38.25 ? 107  ARG A N   1 
ATOM   798  C CA  . ARG A 1 106 ? 10.931  -7.168  -0.397  1.00 41.83 ? 107  ARG A CA  1 
ATOM   799  C C   . ARG A 1 106 ? 11.046  -7.710  -1.828  1.00 43.43 ? 107  ARG A C   1 
ATOM   800  O O   . ARG A 1 106 ? 12.159  -7.806  -2.343  1.00 44.86 ? 107  ARG A O   1 
ATOM   801  C CB  . ARG A 1 106 ? 10.551  -8.311  0.532   1.00 41.08 ? 107  ARG A CB  1 
ATOM   802  C CG  . ARG A 1 106 ? 11.063  -8.266  1.934   1.00 44.32 ? 107  ARG A CG  1 
ATOM   803  C CD  . ARG A 1 106 ? 12.580  -8.169  2.089   1.00 48.67 ? 107  ARG A CD  1 
ATOM   804  N NE  . ARG A 1 106 ? 12.978  -7.563  3.351   1.00 52.37 ? 107  ARG A NE  1 
ATOM   805  C CZ  . ARG A 1 106 ? 13.985  -6.874  3.838   1.00 53.21 ? 107  ARG A CZ  1 
ATOM   806  N NH1 . ARG A 1 106 ? 15.055  -6.515  3.133   1.00 54.91 ? 107  ARG A NH1 1 
ATOM   807  N NH2 . ARG A 1 106 ? 13.964  -6.473  5.114   1.00 53.78 ? 107  ARG A NH2 1 
ATOM   808  N N   . GLY A 1 107 ? 9.967   -8.018  -2.514  1.00 42.45 ? 108  GLY A N   1 
ATOM   809  C CA  . GLY A 1 107 ? 9.919   -8.508  -3.872  1.00 41.78 ? 108  GLY A CA  1 
ATOM   810  C C   . GLY A 1 107 ? 8.800   -7.762  -4.629  1.00 44.22 ? 108  GLY A C   1 
ATOM   811  O O   . GLY A 1 107 ? 7.918   -7.079  -4.058  1.00 43.63 ? 108  GLY A O   1 
ATOM   812  N N   . ALA A 1 108 ? 8.876   -7.848  -5.948  1.00 43.00 ? 109  ALA A N   1 
ATOM   813  C CA  . ALA A 1 108 ? 7.977   -7.209  -6.868  1.00 43.67 ? 109  ALA A CA  1 
ATOM   814  C C   . ALA A 1 108 ? 7.961   -7.868  -8.246  1.00 44.72 ? 109  ALA A C   1 
ATOM   815  O O   . ALA A 1 108 ? 8.916   -8.395  -8.820  1.00 44.98 ? 109  ALA A O   1 
ATOM   816  C CB  . ALA A 1 108 ? 8.346   -5.742  -7.080  1.00 43.54 ? 109  ALA A CB  1 
ATOM   817  N N   . ILE A 1 109 ? 6.750   -7.840  -8.774  1.00 44.19 ? 110  ILE A N   1 
ATOM   818  C CA  . ILE A 1 109 ? 6.387   -8.347  -10.092 1.00 41.37 ? 110  ILE A CA  1 
ATOM   819  C C   . ILE A 1 109 ? 5.984   -7.143  -10.932 1.00 41.28 ? 110  ILE A C   1 
ATOM   820  O O   . ILE A 1 109 ? 5.059   -6.438  -10.512 1.00 42.79 ? 110  ILE A O   1 
ATOM   821  C CB  . ILE A 1 109 ? 5.218   -9.330  -9.895  1.00 40.94 ? 110  ILE A CB  1 
ATOM   822  C CG1 . ILE A 1 109 ? 5.612   -10.443 -8.928  1.00 42.11 ? 110  ILE A CG1 1 
ATOM   823  C CG2 . ILE A 1 109 ? 4.785   -9.893  -11.242 1.00 40.44 ? 110  ILE A CG2 1 
ATOM   824  C CD1 . ILE A 1 109 ? 4.684   -11.641 -8.792  1.00 41.86 ? 110  ILE A CD1 1 
ATOM   825  N N   . LEU A 1 110 ? 6.699   -6.758  -11.963 1.00 40.89 ? 111  LEU A N   1 
ATOM   826  C CA  . LEU A 1 110 ? 6.399   -5.647  -12.846 1.00 41.87 ? 111  LEU A CA  1 
ATOM   827  C C   . LEU A 1 110 ? 5.959   -6.216  -14.188 1.00 43.19 ? 111  LEU A C   1 
ATOM   828  O O   . LEU A 1 110 ? 6.130   -7.398  -14.465 1.00 41.65 ? 111  LEU A O   1 
ATOM   829  C CB  . LEU A 1 110 ? 7.459   -4.556  -12.817 1.00 43.04 ? 111  LEU A CB  1 
ATOM   830  C CG  . LEU A 1 110 ? 7.085   -3.419  -11.814 1.00 44.11 ? 111  LEU A CG  1 
ATOM   831  C CD1 . LEU A 1 110 ? 7.395   -3.775  -10.376 1.00 44.64 ? 111  LEU A CD1 1 
ATOM   832  C CD2 . LEU A 1 110 ? 7.710   -2.081  -12.122 1.00 43.51 ? 111  LEU A CD2 1 
ATOM   833  N N   . PRO A 1 111 ? 5.175   -5.473  -14.967 1.00 44.79 ? 112  PRO A N   1 
ATOM   834  C CA  . PRO A 1 111 ? 4.550   -5.970  -16.171 1.00 46.93 ? 112  PRO A CA  1 
ATOM   835  C C   . PRO A 1 111 ? 5.527   -6.380  -17.244 1.00 49.94 ? 112  PRO A C   1 
ATOM   836  O O   . PRO A 1 111 ? 6.703   -6.036  -17.176 1.00 50.06 ? 112  PRO A O   1 
ATOM   837  C CB  . PRO A 1 111 ? 3.583   -4.863  -16.590 1.00 46.29 ? 112  PRO A CB  1 
ATOM   838  C CG  . PRO A 1 111 ? 4.141   -3.635  -15.962 1.00 45.26 ? 112  PRO A CG  1 
ATOM   839  C CD  . PRO A 1 111 ? 4.841   -4.054  -14.695 1.00 44.39 ? 112  PRO A CD  1 
ATOM   840  N N   . SER A 1 112 ? 5.060   -7.249  -18.122 1.00 54.26 ? 113  SER A N   1 
ATOM   841  C CA  . SER A 1 112 ? 5.791   -7.793  -19.255 1.00 58.04 ? 113  SER A CA  1 
ATOM   842  C C   . SER A 1 112 ? 5.181   -7.070  -20.483 1.00 60.79 ? 113  SER A C   1 
ATOM   843  O O   . SER A 1 112 ? 3.903   -7.212  -20.441 1.00 62.28 ? 113  SER A O   1 
ATOM   844  C CB  . SER A 1 112 ? 5.653   -9.292  -19.451 1.00 58.10 ? 113  SER A CB  1 
ATOM   845  O OG  . SER A 1 112 ? 5.465   -9.678  -20.796 1.00 59.10 ? 113  SER A OG  1 
ATOM   846  O OXT . SER A 1 112 ? 5.702   -5.920  -20.643 1.00 62.51 ? 113  SER A OXT 1 
ATOM   847  N N   . ALA B 1 1   ? 4.624   0.728   -11.609 1.00 36.06 ? 2    ALA B N   1 
ATOM   848  C CA  . ALA B 1 1   ? 4.303   2.109   -12.093 1.00 35.40 ? 2    ALA B CA  1 
ATOM   849  C C   . ALA B 1 1   ? 4.526   3.115   -10.958 1.00 36.06 ? 2    ALA B C   1 
ATOM   850  O O   . ALA B 1 1   ? 4.686   2.735   -9.798  1.00 37.03 ? 2    ALA B O   1 
ATOM   851  C CB  . ALA B 1 1   ? 2.852   2.134   -12.582 1.00 34.49 ? 2    ALA B CB  1 
ATOM   852  N N   . GLU B 1 2   ? 4.671   4.381   -11.273 1.00 36.11 ? 3    GLU B N   1 
ATOM   853  C CA  . GLU B 1 2   ? 4.811   5.466   -10.324 1.00 36.08 ? 3    GLU B CA  1 
ATOM   854  C C   . GLU B 1 2   ? 3.506   5.434   -9.545  1.00 36.65 ? 3    GLU B C   1 
ATOM   855  O O   . GLU B 1 2   ? 2.420   5.112   -10.063 1.00 36.55 ? 3    GLU B O   1 
ATOM   856  C CB  . GLU B 1 2   ? 4.938   6.792   -11.065 1.00 38.58 ? 3    GLU B CB  1 
ATOM   857  C CG  . GLU B 1 2   ? 6.248   7.530   -10.996 1.00 43.43 ? 3    GLU B CG  1 
ATOM   858  C CD  . GLU B 1 2   ? 6.775   7.883   -9.607  1.00 45.70 ? 3    GLU B CD  1 
ATOM   859  O OE1 . GLU B 1 2   ? 8.023   8.049   -9.532  1.00 46.53 ? 3    GLU B OE1 1 
ATOM   860  O OE2 . GLU B 1 2   ? 6.100   7.975   -8.567  1.00 43.39 ? 3    GLU B OE2 1 
ATOM   861  N N   . VAL B 1 3   ? 3.572   5.781   -8.274  1.00 35.94 ? 4    VAL B N   1 
ATOM   862  C CA  . VAL B 1 3   ? 2.410   5.755   -7.394  1.00 34.96 ? 4    VAL B CA  1 
ATOM   863  C C   . VAL B 1 3   ? 1.295   6.656   -7.889  1.00 35.47 ? 4    VAL B C   1 
ATOM   864  O O   . VAL B 1 3   ? 0.109   6.304   -7.758  1.00 36.79 ? 4    VAL B O   1 
ATOM   865  C CB  . VAL B 1 3   ? 2.816   6.078   -5.932  1.00 33.31 ? 4    VAL B CB  1 
ATOM   866  C CG1 . VAL B 1 3   ? 3.521   4.831   -5.437  1.00 28.34 ? 4    VAL B CG1 1 
ATOM   867  C CG2 . VAL B 1 3   ? 3.635   7.366   -5.840  1.00 29.61 ? 4    VAL B CG2 1 
ATOM   868  N N   . ASN B 1 4   ? 1.676   7.711   -8.588  1.00 35.39 ? 5    ASN B N   1 
ATOM   869  C CA  . ASN B 1 4   ? 0.663   8.628   -9.109  1.00 36.10 ? 5    ASN B CA  1 
ATOM   870  C C   . ASN B 1 4   ? 0.438   8.504   -10.602 1.00 35.14 ? 5    ASN B C   1 
ATOM   871  O O   . ASN B 1 4   ? -0.276  9.334   -11.186 1.00 35.06 ? 5    ASN B O   1 
ATOM   872  C CB  . ASN B 1 4   ? 1.026   10.062  -8.703  1.00 36.64 ? 5    ASN B CB  1 
ATOM   873  C CG  . ASN B 1 4   ? 2.299   10.501  -9.390  1.00 38.99 ? 5    ASN B CG  1 
ATOM   874  O OD1 . ASN B 1 4   ? 3.190   9.713   -9.688  1.00 38.75 ? 5    ASN B OD1 1 
ATOM   875  N ND2 . ASN B 1 4   ? 2.364   11.799  -9.682  1.00 41.49 ? 5    ASN B ND2 1 
ATOM   876  N N   . ASP B 1 5   ? 0.999   7.486   -11.227 1.00 36.00 ? 6    ASP B N   1 
ATOM   877  C CA  . ASP B 1 5   ? 0.745   7.243   -12.668 1.00 37.25 ? 6    ASP B CA  1 
ATOM   878  C C   . ASP B 1 5   ? -0.773  7.210   -12.838 1.00 37.96 ? 6    ASP B C   1 
ATOM   879  O O   . ASP B 1 5   ? -1.512  6.568   -12.107 1.00 36.06 ? 6    ASP B O   1 
ATOM   880  C CB  . ASP B 1 5   ? 1.445   5.943   -13.017 1.00 38.49 ? 6    ASP B CB  1 
ATOM   881  C CG  . ASP B 1 5   ? 1.353   5.523   -14.461 1.00 40.36 ? 6    ASP B CG  1 
ATOM   882  O OD1 . ASP B 1 5   ? 0.302   5.801   -15.051 1.00 40.32 ? 6    ASP B OD1 1 
ATOM   883  O OD2 . ASP B 1 5   ? 2.330   4.920   -14.982 1.00 42.55 ? 6    ASP B OD2 1 
ATOM   884  N N   . PRO B 1 6   ? -1.319  7.984   -13.785 1.00 39.04 ? 7    PRO B N   1 
ATOM   885  C CA  . PRO B 1 6   ? -2.745  8.109   -14.023 1.00 38.54 ? 7    PRO B CA  1 
ATOM   886  C C   . PRO B 1 6   ? -3.404  6.885   -14.619 1.00 36.45 ? 7    PRO B C   1 
ATOM   887  O O   . PRO B 1 6   ? -4.639  6.754   -14.602 1.00 37.87 ? 7    PRO B O   1 
ATOM   888  C CB  . PRO B 1 6   ? -2.868  9.354   -14.913 1.00 39.24 ? 7    PRO B CB  1 
ATOM   889  C CG  . PRO B 1 6   ? -1.583  9.378   -15.670 1.00 39.43 ? 7    PRO B CG  1 
ATOM   890  C CD  . PRO B 1 6   ? -0.537  8.859   -14.708 1.00 38.77 ? 7    PRO B CD  1 
ATOM   891  N N   . ARG B 1 7   ? -2.614  5.929   -15.080 1.00 33.23 ? 8    ARG B N   1 
ATOM   892  C CA  . ARG B 1 7   ? -3.109  4.656   -15.546 1.00 34.13 ? 8    ARG B CA  1 
ATOM   893  C C   . ARG B 1 7   ? -3.565  3.825   -14.321 1.00 31.17 ? 8    ARG B C   1 
ATOM   894  O O   . ARG B 1 7   ? -4.241  2.830   -14.587 1.00 29.67 ? 8    ARG B O   1 
ATOM   895  C CB  . ARG B 1 7   ? -2.098  3.813   -16.311 1.00 36.78 ? 8    ARG B CB  1 
ATOM   896  C CG  . ARG B 1 7   ? -1.665  4.143   -17.711 1.00 41.88 ? 8    ARG B CG  1 
ATOM   897  C CD  . ARG B 1 7   ? -0.555  3.237   -18.214 1.00 45.73 ? 8    ARG B CD  1 
ATOM   898  N NE  . ARG B 1 7   ? 0.652   3.254   -17.368 1.00 50.62 ? 8    ARG B NE  1 
ATOM   899  C CZ  . ARG B 1 7   ? 1.535   2.252   -17.275 1.00 52.65 ? 8    ARG B CZ  1 
ATOM   900  N NH1 . ARG B 1 7   ? 1.419   1.092   -17.931 1.00 52.44 ? 8    ARG B NH1 1 
ATOM   901  N NH2 . ARG B 1 7   ? 2.606   2.392   -16.475 1.00 54.76 ? 8    ARG B NH2 1 
ATOM   902  N N   . VAL B 1 8   ? -3.132  4.090   -13.079 1.00 26.71 ? 9    VAL B N   1 
ATOM   903  C CA  . VAL B 1 8   ? -3.536  3.224   -11.996 1.00 22.83 ? 9    VAL B CA  1 
ATOM   904  C C   . VAL B 1 8   ? -4.986  3.545   -11.621 1.00 25.49 ? 9    VAL B C   1 
ATOM   905  O O   . VAL B 1 8   ? -5.224  4.614   -11.023 1.00 25.95 ? 9    VAL B O   1 
ATOM   906  C CB  . VAL B 1 8   ? -2.664  3.358   -10.768 1.00 23.71 ? 9    VAL B CB  1 
ATOM   907  C CG1 . VAL B 1 8   ? -3.036  2.340   -9.667  1.00 19.23 ? 9    VAL B CG1 1 
ATOM   908  C CG2 . VAL B 1 8   ? -1.165  3.221   -11.091 1.00 21.38 ? 9    VAL B CG2 1 
ATOM   909  N N   . GLY B 1 9   ? -5.928  2.664   -11.997 1.00 22.22 ? 10   GLY B N   1 
ATOM   910  C CA  . GLY B 1 9   ? -7.290  3.059   -11.609 1.00 21.22 ? 10   GLY B CA  1 
ATOM   911  C C   . GLY B 1 9   ? -7.767  2.202   -10.443 1.00 22.97 ? 10   GLY B C   1 
ATOM   912  O O   . GLY B 1 9   ? -8.865  2.449   -9.981  1.00 24.13 ? 10   GLY B O   1 
ATOM   913  N N   . PHE B 1 10  ? -7.004  1.267   -9.897  1.00 21.13 ? 11   PHE B N   1 
ATOM   914  C CA  . PHE B 1 10  ? -7.519  0.349   -8.912  1.00 21.47 ? 11   PHE B CA  1 
ATOM   915  C C   . PHE B 1 10  ? -6.359  -0.304  -8.200  1.00 23.02 ? 11   PHE B C   1 
ATOM   916  O O   . PHE B 1 10  ? -5.382  -0.669  -8.887  1.00 21.50 ? 11   PHE B O   1 
ATOM   917  C CB  . PHE B 1 10  ? -8.381  -0.726  -9.658  1.00 23.37 ? 11   PHE B CB  1 
ATOM   918  C CG  . PHE B 1 10  ? -8.952  -1.785  -8.731  1.00 23.77 ? 11   PHE B CG  1 
ATOM   919  C CD1 . PHE B 1 10  ? -10.131 -1.560  -8.016  1.00 23.36 ? 11   PHE B CD1 1 
ATOM   920  C CD2 . PHE B 1 10  ? -8.304  -2.998  -8.578  1.00 23.77 ? 11   PHE B CD2 1 
ATOM   921  C CE1 . PHE B 1 10  ? -10.591 -2.506  -7.118  1.00 23.30 ? 11   PHE B CE1 1 
ATOM   922  C CE2 . PHE B 1 10  ? -8.781  -3.961  -7.703  1.00 24.30 ? 11   PHE B CE2 1 
ATOM   923  C CZ  . PHE B 1 10  ? -9.947  -3.732  -6.988  1.00 24.38 ? 11   PHE B CZ  1 
ATOM   924  N N   . VAL B 1 11  ? -6.402  -0.328  -6.862  1.00 22.54 ? 12   VAL B N   1 
ATOM   925  C CA  . VAL B 1 11  ? -5.358  -0.962  -6.065  1.00 22.93 ? 12   VAL B CA  1 
ATOM   926  C C   . VAL B 1 11  ? -5.852  -2.084  -5.156  1.00 23.92 ? 12   VAL B C   1 
ATOM   927  O O   . VAL B 1 11  ? -6.915  -1.964  -4.525  1.00 25.21 ? 12   VAL B O   1 
ATOM   928  C CB  . VAL B 1 11  ? -4.691  0.149   -5.158  1.00 22.98 ? 12   VAL B CB  1 
ATOM   929  C CG1 . VAL B 1 11  ? -3.762  -0.443  -4.099  1.00 20.55 ? 12   VAL B CG1 1 
ATOM   930  C CG2 . VAL B 1 11  ? -3.932  1.119   -6.063  1.00 20.83 ? 12   VAL B CG2 1 
ATOM   931  N N   . ALA B 1 12  ? -5.093  -3.154  -4.966  1.00 23.90 ? 13   ALA B N   1 
ATOM   932  C CA  . ALA B 1 12  ? -5.457  -4.196  -3.990  1.00 23.61 ? 13   ALA B CA  1 
ATOM   933  C C   . ALA B 1 12  ? -4.282  -4.270  -2.997  1.00 25.56 ? 13   ALA B C   1 
ATOM   934  O O   . ALA B 1 12  ? -3.119  -4.239  -3.418  1.00 26.55 ? 13   ALA B O   1 
ATOM   935  C CB  . ALA B 1 12  ? -5.702  -5.565  -4.558  1.00 20.36 ? 13   ALA B CB  1 
ATOM   936  N N   . VAL B 1 13  ? -4.598  -4.119  -1.726  1.00 26.22 ? 14   VAL B N   1 
ATOM   937  C CA  . VAL B 1 13  ? -3.623  -4.208  -0.644  1.00 26.78 ? 14   VAL B CA  1 
ATOM   938  C C   . VAL B 1 13  ? -4.013  -5.486  0.123   1.00 27.60 ? 14   VAL B C   1 
ATOM   939  O O   . VAL B 1 13  ? -5.120  -5.567  0.682   1.00 25.79 ? 14   VAL B O   1 
ATOM   940  C CB  . VAL B 1 13  ? -3.672  -2.992  0.265   1.00 28.96 ? 14   VAL B CB  1 
ATOM   941  C CG1 . VAL B 1 13  ? -2.903  -3.289  1.563   1.00 29.67 ? 14   VAL B CG1 1 
ATOM   942  C CG2 . VAL B 1 13  ? -3.049  -1.763  -0.388  1.00 29.13 ? 14   VAL B CG2 1 
ATOM   943  N N   . VAL B 1 14  ? -3.161  -6.532  0.038   1.00 26.67 ? 15   VAL B N   1 
ATOM   944  C CA  . VAL B 1 14  ? -3.508  -7.842  0.592   1.00 24.18 ? 15   VAL B CA  1 
ATOM   945  C C   . VAL B 1 14  ? -2.550  -8.159  1.726   1.00 26.24 ? 15   VAL B C   1 
ATOM   946  O O   . VAL B 1 14  ? -1.330  -8.104  1.506   1.00 25.84 ? 15   VAL B O   1 
ATOM   947  C CB  . VAL B 1 14  ? -3.423  -8.932  -0.499  1.00 23.73 ? 15   VAL B CB  1 
ATOM   948  C CG1 . VAL B 1 14  ? -3.965  -10.269 0.023   1.00 20.22 ? 15   VAL B CG1 1 
ATOM   949  C CG2 . VAL B 1 14  ? -4.185  -8.590  -1.812  1.00 19.97 ? 15   VAL B CG2 1 
ATOM   950  N N   . THR B 1 15  ? -3.039  -8.407  2.928   1.00 26.47 ? 16   THR B N   1 
ATOM   951  C CA  . THR B 1 15  ? -2.150  -8.711  4.059   1.00 27.76 ? 16   THR B CA  1 
ATOM   952  C C   . THR B 1 15  ? -2.224  -10.169 4.463   1.00 26.78 ? 16   THR B C   1 
ATOM   953  O O   . THR B 1 15  ? -3.274  -10.702 4.746   1.00 27.39 ? 16   THR B O   1 
ATOM   954  C CB  . THR B 1 15  ? -2.514  -7.828  5.269   1.00 28.57 ? 16   THR B CB  1 
ATOM   955  O OG1 . THR B 1 15  ? -2.382  -6.497  4.777   1.00 28.83 ? 16   THR B OG1 1 
ATOM   956  C CG2 . THR B 1 15  ? -1.571  -7.925  6.479   1.00 28.60 ? 16   THR B CG2 1 
ATOM   957  N N   . PHE B 1 16  ? -1.106  -10.859 4.524   1.00 29.38 ? 17   PHE B N   1 
ATOM   958  C CA  . PHE B 1 16  ? -1.029  -12.259 4.990   1.00 30.21 ? 17   PHE B CA  1 
ATOM   959  C C   . PHE B 1 16  ? -0.396  -12.298 6.382   1.00 30.50 ? 17   PHE B C   1 
ATOM   960  O O   . PHE B 1 16  ? 0.784   -11.923 6.486   1.00 29.86 ? 17   PHE B O   1 
ATOM   961  C CB  . PHE B 1 16  ? -0.098  -13.050 4.041   1.00 32.79 ? 17   PHE B CB  1 
ATOM   962  C CG  . PHE B 1 16  ? -0.462  -13.011 2.578   1.00 33.26 ? 17   PHE B CG  1 
ATOM   963  C CD1 . PHE B 1 16  ? -0.146  -11.914 1.784   1.00 34.54 ? 17   PHE B CD1 1 
ATOM   964  C CD2 . PHE B 1 16  ? -1.184  -14.053 2.031   1.00 33.22 ? 17   PHE B CD2 1 
ATOM   965  C CE1 . PHE B 1 16  ? -0.525  -11.899 0.423   1.00 33.58 ? 17   PHE B CE1 1 
ATOM   966  C CE2 . PHE B 1 16  ? -1.534  -14.052 0.690   1.00 32.96 ? 17   PHE B CE2 1 
ATOM   967  C CZ  . PHE B 1 16  ? -1.202  -12.970 -0.100  1.00 32.40 ? 17   PHE B CZ  1 
ATOM   968  N N   . PRO B 1 17  ? -1.144  -12.674 7.409   1.00 30.88 ? 18   PRO B N   1 
ATOM   969  C CA  . PRO B 1 17  ? -0.642  -12.830 8.769   1.00 31.51 ? 18   PRO B CA  1 
ATOM   970  C C   . PRO B 1 17  ? 0.173   -14.121 8.851   1.00 33.69 ? 18   PRO B C   1 
ATOM   971  O O   . PRO B 1 17  ? -0.342  -15.181 8.512   1.00 30.67 ? 18   PRO B O   1 
ATOM   972  C CB  . PRO B 1 17  ? -1.903  -12.896 9.613   1.00 31.35 ? 18   PRO B CB  1 
ATOM   973  C CG  . PRO B 1 17  ? -2.975  -13.458 8.702   1.00 31.10 ? 18   PRO B CG  1 
ATOM   974  C CD  . PRO B 1 17  ? -2.554  -13.139 7.303   1.00 31.37 ? 18   PRO B CD  1 
ATOM   975  N N   . VAL B 1 18  ? 1.472   -13.972 9.166   1.00 34.51 ? 19   VAL B N   1 
ATOM   976  C CA  . VAL B 1 18  ? 2.431   -15.023 9.235   1.00 35.17 ? 19   VAL B CA  1 
ATOM   977  C C   . VAL B 1 18  ? 3.100   -15.112 10.619  1.00 39.09 ? 19   VAL B C   1 
ATOM   978  O O   . VAL B 1 18  ? 3.172   -14.168 11.408  1.00 40.10 ? 19   VAL B O   1 
ATOM   979  C CB  . VAL B 1 18  ? 3.524   -14.981 8.156   1.00 33.82 ? 19   VAL B CB  1 
ATOM   980  C CG1 . VAL B 1 18  ? 2.936   -15.210 6.761   1.00 33.59 ? 19   VAL B CG1 1 
ATOM   981  C CG2 . VAL B 1 18  ? 4.345   -13.709 8.202   1.00 34.66 ? 19   VAL B CG2 1 
ATOM   982  N N   . ASP B 1 19  ? 3.652   -16.291 10.912  1.00 40.54 ? 20   ASP B N   1 
ATOM   983  C CA  . ASP B 1 19  ? 4.223   -16.582 12.217  1.00 43.17 ? 20   ASP B CA  1 
ATOM   984  C C   . ASP B 1 19  ? 5.577   -15.917 12.385  1.00 42.61 ? 20   ASP B C   1 
ATOM   985  O O   . ASP B 1 19  ? 5.866   -15.622 13.549  1.00 43.25 ? 20   ASP B O   1 
ATOM   986  C CB  . ASP B 1 19  ? 4.286   -18.036 12.646  1.00 43.27 ? 20   ASP B CB  1 
ATOM   987  C CG  . ASP B 1 19  ? 5.106   -18.998 11.835  1.00 45.42 ? 20   ASP B CG  1 
ATOM   988  O OD1 . ASP B 1 19  ? 6.044   -18.618 11.092  1.00 46.58 ? 20   ASP B OD1 1 
ATOM   989  O OD2 . ASP B 1 19  ? 4.811   -20.220 11.950  1.00 45.87 ? 20   ASP B OD2 1 
ATOM   990  N N   . GLY B 1 20  ? 6.292   -15.570 11.328  1.00 42.17 ? 21   GLY B N   1 
ATOM   991  C CA  . GLY B 1 20  ? 7.536   -14.846 11.651  1.00 40.29 ? 21   GLY B CA  1 
ATOM   992  C C   . GLY B 1 20  ? 8.296   -14.578 10.370  1.00 39.84 ? 21   GLY B C   1 
ATOM   993  O O   . GLY B 1 20  ? 7.815   -14.899 9.303   1.00 40.05 ? 21   GLY B O   1 
ATOM   994  N N   . PRO B 1 21  ? 9.482   -14.033 10.515  1.00 39.57 ? 22   PRO B N   1 
ATOM   995  C CA  . PRO B 1 21  ? 10.323  -13.698 9.409   1.00 40.25 ? 22   PRO B CA  1 
ATOM   996  C C   . PRO B 1 21  ? 10.621  -14.814 8.465   1.00 42.74 ? 22   PRO B C   1 
ATOM   997  O O   . PRO B 1 21  ? 10.797  -14.524 7.277   1.00 45.83 ? 22   PRO B O   1 
ATOM   998  C CB  . PRO B 1 21  ? 11.621  -13.216 10.076  1.00 40.97 ? 22   PRO B CB  1 
ATOM   999  C CG  . PRO B 1 21  ? 11.245  -12.768 11.453  1.00 39.19 ? 22   PRO B CG  1 
ATOM   1000 C CD  . PRO B 1 21  ? 10.075  -13.637 11.844  1.00 39.07 ? 22   PRO B CD  1 
ATOM   1001 N N   . ALA B 1 22  ? 10.789  -16.058 8.892   1.00 44.22 ? 23   ALA B N   1 
ATOM   1002 C CA  . ALA B 1 22  ? 11.120  -17.133 7.965   1.00 43.59 ? 23   ALA B CA  1 
ATOM   1003 C C   . ALA B 1 22  ? 9.952   -17.325 7.012   1.00 42.79 ? 23   ALA B C   1 
ATOM   1004 O O   . ALA B 1 22  ? 10.153  -17.314 5.802   1.00 43.05 ? 23   ALA B O   1 
ATOM   1005 C CB  . ALA B 1 22  ? 11.431  -18.454 8.659   1.00 45.08 ? 23   ALA B CB  1 
ATOM   1006 N N   . THR B 1 23  ? 8.741   -17.480 7.556   1.00 40.66 ? 24   THR B N   1 
ATOM   1007 C CA  . THR B 1 23  ? 7.568   -17.562 6.692   1.00 40.01 ? 24   THR B CA  1 
ATOM   1008 C C   . THR B 1 23  ? 7.340   -16.325 5.834   1.00 39.76 ? 24   THR B C   1 
ATOM   1009 O O   . THR B 1 23  ? 6.831   -16.478 4.730   1.00 39.56 ? 24   THR B O   1 
ATOM   1010 C CB  . THR B 1 23  ? 6.359   -17.772 7.605   1.00 39.85 ? 24   THR B CB  1 
ATOM   1011 O OG1 . THR B 1 23  ? 6.655   -18.910 8.433   1.00 39.65 ? 24   THR B OG1 1 
ATOM   1012 C CG2 . THR B 1 23  ? 5.114   -17.989 6.756   1.00 39.00 ? 24   THR B CG2 1 
ATOM   1013 N N   . GLN B 1 24  ? 7.730   -15.113 6.249   1.00 39.03 ? 25   GLN B N   1 
ATOM   1014 C CA  . GLN B 1 24  ? 7.625   -13.916 5.448   1.00 39.73 ? 25   GLN B CA  1 
ATOM   1015 C C   . GLN B 1 24  ? 8.429   -14.106 4.149   1.00 42.20 ? 25   GLN B C   1 
ATOM   1016 O O   . GLN B 1 24  ? 8.013   -13.919 3.030   1.00 40.96 ? 25   GLN B O   1 
ATOM   1017 C CB  . GLN B 1 24  ? 8.211   -12.686 6.153   1.00 37.45 ? 25   GLN B CB  1 
ATOM   1018 C CG  . GLN B 1 24  ? 7.427   -12.138 7.326   1.00 37.14 ? 25   GLN B CG  1 
ATOM   1019 C CD  . GLN B 1 24  ? 8.122   -10.927 7.918   1.00 38.00 ? 25   GLN B CD  1 
ATOM   1020 O OE1 . GLN B 1 24  ? 9.364   -10.917 8.110   1.00 36.81 ? 25   GLN B OE1 1 
ATOM   1021 N NE2 . GLN B 1 24  ? 7.316   -9.898  8.197   1.00 35.69 ? 25   GLN B NE2 1 
ATOM   1022 N N   . HIS B 1 25  ? 9.694   -14.486 4.327   1.00 45.59 ? 26   HIS B N   1 
ATOM   1023 C CA  . HIS B 1 25  ? 10.611  -14.752 3.237   1.00 48.12 ? 26   HIS B CA  1 
ATOM   1024 C C   . HIS B 1 25  ? 10.110  -15.942 2.423   1.00 47.93 ? 26   HIS B C   1 
ATOM   1025 O O   . HIS B 1 25  ? 10.084  -15.927 1.189   1.00 47.18 ? 26   HIS B O   1 
ATOM   1026 C CB  . HIS B 1 25  ? 12.031  -14.899 3.774   1.00 50.45 ? 26   HIS B CB  1 
ATOM   1027 C CG  . HIS B 1 25  ? 13.048  -14.922 2.678   1.00 53.04 ? 26   HIS B CG  1 
ATOM   1028 N ND1 . HIS B 1 25  ? 13.500  -16.101 2.103   1.00 53.98 ? 26   HIS B ND1 1 
ATOM   1029 C CD2 . HIS B 1 25  ? 13.678  -13.903 2.034   1.00 54.43 ? 26   HIS B CD2 1 
ATOM   1030 C CE1 . HIS B 1 25  ? 14.377  -15.800 1.155   1.00 54.58 ? 26   HIS B CE1 1 
ATOM   1031 N NE2 . HIS B 1 25  ? 14.508  -14.471 1.096   1.00 54.32 ? 26   HIS B NE2 1 
ATOM   1032 N N   . LYS B 1 26  ? 9.533   -16.941 3.074   1.00 48.81 ? 27   LYS B N   1 
ATOM   1033 C CA  . LYS B 1 26  ? 9.013   -18.091 2.317   1.00 49.91 ? 27   LYS B CA  1 
ATOM   1034 C C   . LYS B 1 26  ? 7.788   -17.679 1.533   1.00 48.87 ? 27   LYS B C   1 
ATOM   1035 O O   . LYS B 1 26  ? 7.689   -18.002 0.345   1.00 49.28 ? 27   LYS B O   1 
ATOM   1036 C CB  . LYS B 1 26  ? 8.847   -19.289 3.247   1.00 51.24 ? 27   LYS B CB  1 
ATOM   1037 C CG  . LYS B 1 26  ? 10.166  -19.595 3.974   1.00 53.59 ? 27   LYS B CG  1 
ATOM   1038 C CD  . LYS B 1 26  ? 11.327  -19.811 3.024   1.00 55.42 ? 27   LYS B CD  1 
ATOM   1039 C CE  . LYS B 1 26  ? 12.682  -19.775 3.704   1.00 57.71 ? 27   LYS B CE  1 
ATOM   1040 N NZ  . LYS B 1 26  ? 13.754  -20.438 2.892   1.00 57.81 ? 27   LYS B NZ  1 
ATOM   1041 N N   . LEU B 1 27  ? 6.914   -16.854 2.103   1.00 47.64 ? 28   LEU B N   1 
ATOM   1042 C CA  . LEU B 1 27  ? 5.751   -16.380 1.340   1.00 46.64 ? 28   LEU B CA  1 
ATOM   1043 C C   . LEU B 1 27  ? 6.223   -15.450 0.238   1.00 47.56 ? 28   LEU B C   1 
ATOM   1044 O O   . LEU B 1 27  ? 5.802   -15.575 -0.914  1.00 45.52 ? 28   LEU B O   1 
ATOM   1045 C CB  . LEU B 1 27  ? 4.731   -15.778 2.272   1.00 47.79 ? 28   LEU B CB  1 
ATOM   1046 C CG  . LEU B 1 27  ? 3.422   -15.183 1.801   1.00 48.92 ? 28   LEU B CG  1 
ATOM   1047 C CD1 . LEU B 1 27  ? 3.039   -15.606 0.395   1.00 48.59 ? 28   LEU B CD1 1 
ATOM   1048 C CD2 . LEU B 1 27  ? 2.275   -15.637 2.721   1.00 48.62 ? 28   LEU B CD2 1 
ATOM   1049 N N   . VAL B 1 28  ? 7.178   -14.564 0.543   1.00 48.76 ? 29   VAL B N   1 
ATOM   1050 C CA  . VAL B 1 28  ? 7.680   -13.642 -0.470  1.00 49.81 ? 29   VAL B CA  1 
ATOM   1051 C C   . VAL B 1 28  ? 8.199   -14.447 -1.651  1.00 51.30 ? 29   VAL B C   1 
ATOM   1052 O O   . VAL B 1 28  ? 7.644   -14.390 -2.750  1.00 51.51 ? 29   VAL B O   1 
ATOM   1053 C CB  . VAL B 1 28  ? 8.683   -12.612 0.057   1.00 48.29 ? 29   VAL B CB  1 
ATOM   1054 C CG1 . VAL B 1 28  ? 9.263   -11.720 -1.042  1.00 47.86 ? 29   VAL B CG1 1 
ATOM   1055 C CG2 . VAL B 1 28  ? 7.968   -11.664 1.010   1.00 49.71 ? 29   VAL B CG2 1 
ATOM   1056 N N   . GLU B 1 29  ? 9.227   -15.253 -1.447  1.00 53.92 ? 30   GLU B N   1 
ATOM   1057 C CA  . GLU B 1 29  ? 9.850   -16.064 -2.481  1.00 55.26 ? 30   GLU B CA  1 
ATOM   1058 C C   . GLU B 1 29  ? 8.855   -16.878 -3.293  1.00 55.00 ? 30   GLU B C   1 
ATOM   1059 O O   . GLU B 1 29  ? 8.967   -16.893 -4.515  1.00 54.96 ? 30   GLU B O   1 
ATOM   1060 C CB  . GLU B 1 29  ? 10.932  -16.958 -1.875  1.00 57.47 ? 30   GLU B CB  1 
ATOM   1061 C CG  . GLU B 1 29  ? 12.198  -16.208 -1.491  1.00 60.23 ? 30   GLU B CG  1 
ATOM   1062 C CD  . GLU B 1 29  ? 13.164  -15.840 -2.594  1.00 61.40 ? 30   GLU B CD  1 
ATOM   1063 O OE1 . GLU B 1 29  ? 13.294  -16.561 -3.615  1.00 61.97 ? 30   GLU B OE1 1 
ATOM   1064 O OE2 . GLU B 1 29  ? 13.868  -14.802 -2.458  1.00 61.73 ? 30   GLU B OE2 1 
ATOM   1065 N N   . LEU B 1 30  ? 7.856   -17.503 -2.690  1.00 53.65 ? 31   LEU B N   1 
ATOM   1066 C CA  . LEU B 1 30  ? 6.882   -18.271 -3.437  1.00 52.82 ? 31   LEU B CA  1 
ATOM   1067 C C   . LEU B 1 30  ? 5.989   -17.467 -4.373  1.00 54.35 ? 31   LEU B C   1 
ATOM   1068 O O   . LEU B 1 30  ? 5.607   -17.939 -5.464  1.00 52.50 ? 31   LEU B O   1 
ATOM   1069 C CB  . LEU B 1 30  ? 6.062   -19.069 -2.408  1.00 51.92 ? 31   LEU B CB  1 
ATOM   1070 C CG  . LEU B 1 30  ? 4.842   -19.751 -3.026  1.00 53.17 ? 31   LEU B CG  1 
ATOM   1071 C CD1 . LEU B 1 30  ? 5.261   -20.839 -4.005  1.00 52.81 ? 31   LEU B CD1 1 
ATOM   1072 C CD2 . LEU B 1 30  ? 3.903   -20.263 -1.957  1.00 54.24 ? 31   LEU B CD2 1 
ATOM   1073 N N   . ALA B 1 31  ? 5.570   -16.257 -3.996  1.00 55.57 ? 32   ALA B N   1 
ATOM   1074 C CA  . ALA B 1 31  ? 4.673   -15.454 -4.830  1.00 56.55 ? 32   ALA B CA  1 
ATOM   1075 C C   . ALA B 1 31  ? 5.390   -14.562 -5.835  1.00 56.94 ? 32   ALA B C   1 
ATOM   1076 O O   . ALA B 1 31  ? 4.699   -13.909 -6.614  1.00 57.66 ? 32   ALA B O   1 
ATOM   1077 C CB  . ALA B 1 31  ? 3.734   -14.597 -3.992  1.00 55.28 ? 32   ALA B CB  1 
ATOM   1078 N N   . THR B 1 32  ? 6.705   -14.498 -5.829  1.00 58.50 ? 33   THR B N   1 
ATOM   1079 C CA  . THR B 1 32  ? 7.499   -13.735 -6.776  1.00 59.80 ? 33   THR B CA  1 
ATOM   1080 C C   . THR B 1 32  ? 8.460   -14.708 -7.473  1.00 61.15 ? 33   THR B C   1 
ATOM   1081 O O   . THR B 1 32  ? 9.358   -14.282 -8.181  1.00 61.72 ? 33   THR B O   1 
ATOM   1082 C CB  . THR B 1 32  ? 8.346   -12.589 -6.186  1.00 59.97 ? 33   THR B CB  1 
ATOM   1083 O OG1 . THR B 1 32  ? 9.414   -13.095 -5.358  1.00 59.91 ? 33   THR B OG1 1 
ATOM   1084 C CG2 . THR B 1 32  ? 7.536   -11.636 -5.325  1.00 58.17 ? 33   THR B CG2 1 
ATOM   1085 N N   . GLY B 1 33  ? 8.276   -16.003 -7.292  1.00 62.61 ? 34   GLY B N   1 
ATOM   1086 C CA  . GLY B 1 33  ? 9.027   -17.112 -7.727  1.00 64.21 ? 34   GLY B CA  1 
ATOM   1087 C C   . GLY B 1 33  ? 9.427   -17.452 -9.131  1.00 65.81 ? 34   GLY B C   1 
ATOM   1088 O O   . GLY B 1 33  ? 10.368  -18.259 -9.331  1.00 67.57 ? 34   GLY B O   1 
ATOM   1089 N N   . GLY B 1 34  ? 8.785   -16.919 -10.156 1.00 64.92 ? 35   GLY B N   1 
ATOM   1090 C CA  . GLY B 1 34  ? 9.177   -17.242 -11.539 1.00 64.86 ? 35   GLY B CA  1 
ATOM   1091 C C   . GLY B 1 34  ? 8.025   -18.004 -12.198 1.00 64.37 ? 35   GLY B C   1 
ATOM   1092 O O   . GLY B 1 34  ? 7.579   -17.750 -13.307 1.00 62.72 ? 35   GLY B O   1 
ATOM   1093 N N   . VAL B 1 35  ? 7.436   -18.899 -11.410 1.00 63.82 ? 36   VAL B N   1 
ATOM   1094 C CA  . VAL B 1 35  ? 6.282   -19.705 -11.816 1.00 63.99 ? 36   VAL B CA  1 
ATOM   1095 C C   . VAL B 1 35  ? 5.072   -18.788 -11.917 1.00 62.98 ? 36   VAL B C   1 
ATOM   1096 O O   . VAL B 1 35  ? 4.113   -18.994 -12.677 1.00 63.40 ? 36   VAL B O   1 
ATOM   1097 C CB  . VAL B 1 35  ? 6.170   -20.901 -10.854 1.00 64.13 ? 36   VAL B CB  1 
ATOM   1098 C CG1 . VAL B 1 35  ? 6.074   -20.375 -9.420  1.00 65.38 ? 36   VAL B CG1 1 
ATOM   1099 C CG2 . VAL B 1 35  ? 5.031   -21.860 -11.132 1.00 64.95 ? 36   VAL B CG2 1 
ATOM   1100 N N   . GLN B 1 36  ? 5.103   -17.667 -11.196 1.00 60.73 ? 37   GLN B N   1 
ATOM   1101 C CA  . GLN B 1 36  ? 4.080   -16.640 -11.263 1.00 58.66 ? 37   GLN B CA  1 
ATOM   1102 C C   . GLN B 1 36  ? 4.282   -15.625 -12.367 1.00 56.44 ? 37   GLN B C   1 
ATOM   1103 O O   . GLN B 1 36  ? 3.538   -14.649 -12.452 1.00 56.78 ? 37   GLN B O   1 
ATOM   1104 C CB  . GLN B 1 36  ? 3.967   -15.999 -9.890  1.00 59.78 ? 37   GLN B CB  1 
ATOM   1105 C CG  . GLN B 1 36  ? 2.986   -16.705 -8.973  1.00 61.59 ? 37   GLN B CG  1 
ATOM   1106 C CD  . GLN B 1 36  ? 2.765   -18.183 -9.214  1.00 62.34 ? 37   GLN B CD  1 
ATOM   1107 O OE1 . GLN B 1 36  ? 3.468   -19.036 -8.676  1.00 63.25 ? 37   GLN B OE1 1 
ATOM   1108 N NE2 . GLN B 1 36  ? 1.767   -18.476 -10.046 1.00 62.18 ? 37   GLN B NE2 1 
ATOM   1109 N N   . GLU B 1 37  ? 5.139   -15.885 -13.339 1.00 53.48 ? 38   GLU B N   1 
ATOM   1110 C CA  . GLU B 1 37  ? 5.428   -15.077 -14.486 1.00 52.03 ? 38   GLU B CA  1 
ATOM   1111 C C   . GLU B 1 37  ? 4.267   -14.752 -15.416 1.00 48.72 ? 38   GLU B C   1 
ATOM   1112 O O   . GLU B 1 37  ? 4.378   -13.734 -16.109 1.00 46.31 ? 38   GLU B O   1 
ATOM   1113 C CB  . GLU B 1 37  ? 6.463   -15.761 -15.401 1.00 55.85 ? 38   GLU B CB  1 
ATOM   1114 C CG  . GLU B 1 37  ? 7.353   -14.778 -16.138 1.00 59.59 ? 38   GLU B CG  1 
ATOM   1115 C CD  . GLU B 1 37  ? 8.350   -14.135 -15.191 1.00 62.11 ? 38   GLU B CD  1 
ATOM   1116 O OE1 . GLU B 1 37  ? 8.298   -14.401 -13.971 1.00 63.09 ? 38   GLU B OE1 1 
ATOM   1117 O OE2 . GLU B 1 37  ? 9.185   -13.356 -15.713 1.00 64.51 ? 38   GLU B OE2 1 
ATOM   1118 N N   . TRP B 1 38  ? 3.190   -15.517 -15.459 1.00 45.40 ? 39   TRP B N   1 
ATOM   1119 C CA  . TRP B 1 38  ? 2.041   -15.231 -16.308 1.00 42.21 ? 39   TRP B CA  1 
ATOM   1120 C C   . TRP B 1 38  ? 1.282   -13.976 -15.862 1.00 41.39 ? 39   TRP B C   1 
ATOM   1121 O O   . TRP B 1 38  ? 0.640   -13.336 -16.686 1.00 41.26 ? 39   TRP B O   1 
ATOM   1122 C CB  . TRP B 1 38  ? 1.084   -16.439 -16.300 1.00 40.21 ? 39   TRP B CB  1 
ATOM   1123 C CG  . TRP B 1 38  ? 0.489   -16.551 -14.918 1.00 40.18 ? 39   TRP B CG  1 
ATOM   1124 C CD1 . TRP B 1 38  ? 1.105   -17.074 -13.820 1.00 39.66 ? 39   TRP B CD1 1 
ATOM   1125 C CD2 . TRP B 1 38  ? -0.788  -16.056 -14.498 1.00 38.51 ? 39   TRP B CD2 1 
ATOM   1126 N NE1 . TRP B 1 38  ? 0.243   -16.953 -12.741 1.00 39.68 ? 39   TRP B NE1 1 
ATOM   1127 C CE2 . TRP B 1 38  ? -0.920  -16.353 -13.144 1.00 37.93 ? 39   TRP B CE2 1 
ATOM   1128 C CE3 . TRP B 1 38  ? -1.852  -15.435 -15.156 1.00 38.85 ? 39   TRP B CE3 1 
ATOM   1129 C CZ2 . TRP B 1 38  ? -2.068  -16.041 -12.423 1.00 37.92 ? 39   TRP B CZ2 1 
ATOM   1130 C CZ3 . TRP B 1 38  ? -3.011  -15.130 -14.459 1.00 38.47 ? 39   TRP B CZ3 1 
ATOM   1131 C CH2 . TRP B 1 38  ? -3.091  -15.422 -13.082 1.00 38.13 ? 39   TRP B CH2 1 
ATOM   1132 N N   . ILE B 1 39  ? 1.393   -13.532 -14.603 1.00 40.27 ? 40   ILE B N   1 
ATOM   1133 C CA  . ILE B 1 39  ? 0.748   -12.301 -14.148 1.00 38.32 ? 40   ILE B CA  1 
ATOM   1134 C C   . ILE B 1 39  ? 1.258   -11.096 -14.905 1.00 35.69 ? 40   ILE B C   1 
ATOM   1135 O O   . ILE B 1 39  ? 0.475   -10.229 -15.244 1.00 33.78 ? 40   ILE B O   1 
ATOM   1136 C CB  . ILE B 1 39  ? 0.911   -12.138 -12.624 1.00 40.37 ? 40   ILE B CB  1 
ATOM   1137 C CG1 . ILE B 1 39  ? 0.177   -13.319 -11.970 1.00 40.72 ? 40   ILE B CG1 1 
ATOM   1138 C CG2 . ILE B 1 39  ? 0.294   -10.875 -12.049 1.00 40.47 ? 40   ILE B CG2 1 
ATOM   1139 C CD1 . ILE B 1 39  ? 0.872   -13.737 -10.676 1.00 43.06 ? 40   ILE B CD1 1 
ATOM   1140 N N   . ARG B 1 40  ? 2.505   -11.040 -15.302 1.00 36.25 ? 41   ARG B N   1 
ATOM   1141 C CA  . ARG B 1 40  ? 3.233   -10.031 -16.007 1.00 38.29 ? 41   ARG B CA  1 
ATOM   1142 C C   . ARG B 1 40  ? 2.640   -9.651  -17.356 1.00 36.83 ? 41   ARG B C   1 
ATOM   1143 O O   . ARG B 1 40  ? 2.703   -8.507  -17.785 1.00 36.78 ? 41   ARG B O   1 
ATOM   1144 C CB  . ARG B 1 40  ? 4.692   -10.449 -16.257 1.00 40.88 ? 41   ARG B CB  1 
ATOM   1145 C CG  . ARG B 1 40  ? 5.338   -11.051 -15.024 1.00 45.55 ? 41   ARG B CG  1 
ATOM   1146 C CD  . ARG B 1 40  ? 6.843   -11.255 -15.249 1.00 49.49 ? 41   ARG B CD  1 
ATOM   1147 N NE  . ARG B 1 40  ? 7.428   -10.017 -15.752 1.00 54.13 ? 41   ARG B NE  1 
ATOM   1148 C CZ  . ARG B 1 40  ? 8.690   -9.805  -16.111 1.00 56.51 ? 41   ARG B CZ  1 
ATOM   1149 N NH1 . ARG B 1 40  ? 9.581   -10.799 -16.012 1.00 57.41 ? 41   ARG B NH1 1 
ATOM   1150 N NH2 . ARG B 1 40  ? 9.051   -8.606  -16.569 1.00 56.53 ? 41   ARG B NH2 1 
ATOM   1151 N N   . GLU B 1 41  ? 2.006   -10.607 -17.989 1.00 36.14 ? 42   GLU B N   1 
ATOM   1152 C CA  . GLU B 1 41  ? 1.314   -10.456 -19.244 1.00 35.39 ? 42   GLU B CA  1 
ATOM   1153 C C   . GLU B 1 41  ? -0.174  -10.349 -19.019 1.00 34.26 ? 42   GLU B C   1 
ATOM   1154 O O   . GLU B 1 41  ? -0.859  -10.223 -20.035 1.00 32.03 ? 42   GLU B O   1 
ATOM   1155 C CB  . GLU B 1 41  ? 1.646   -11.660 -20.164 1.00 38.38 ? 42   GLU B CB  1 
ATOM   1156 C CG  . GLU B 1 41  ? 3.172   -11.803 -20.199 1.00 41.81 ? 42   GLU B CG  1 
ATOM   1157 C CD  . GLU B 1 41  ? 3.696   -13.015 -20.913 1.00 45.00 ? 42   GLU B CD  1 
ATOM   1158 O OE1 . GLU B 1 41  ? 2.889   -13.707 -21.554 1.00 46.47 ? 42   GLU B OE1 1 
ATOM   1159 O OE2 . GLU B 1 41  ? 4.918   -13.313 -20.846 1.00 47.47 ? 42   GLU B OE2 1 
ATOM   1160 N N   . VAL B 1 42  ? -0.680  -10.458 -17.758 1.00 31.81 ? 43   VAL B N   1 
ATOM   1161 C CA  . VAL B 1 42  ? -2.118  -10.243 -17.614 1.00 30.09 ? 43   VAL B CA  1 
ATOM   1162 C C   . VAL B 1 42  ? -2.455  -8.812  -18.016 1.00 29.50 ? 43   VAL B C   1 
ATOM   1163 O O   . VAL B 1 42  ? -1.780  -7.867  -17.624 1.00 30.09 ? 43   VAL B O   1 
ATOM   1164 C CB  . VAL B 1 42  ? -2.633  -10.533 -16.199 1.00 30.65 ? 43   VAL B CB  1 
ATOM   1165 C CG1 . VAL B 1 42  ? -4.133  -10.345 -16.065 1.00 27.01 ? 43   VAL B CG1 1 
ATOM   1166 C CG2 . VAL B 1 42  ? -2.264  -11.979 -15.810 1.00 29.51 ? 43   VAL B CG2 1 
ATOM   1167 N N   . PRO B 1 43  ? -3.411  -8.649  -18.902 1.00 29.13 ? 44   PRO B N   1 
ATOM   1168 C CA  . PRO B 1 43  ? -3.885  -7.349  -19.361 1.00 28.36 ? 44   PRO B CA  1 
ATOM   1169 C C   . PRO B 1 43  ? -4.476  -6.527  -18.215 1.00 27.39 ? 44   PRO B C   1 
ATOM   1170 O O   . PRO B 1 43  ? -5.352  -6.942  -17.439 1.00 26.93 ? 44   PRO B O   1 
ATOM   1171 C CB  . PRO B 1 43  ? -4.957  -7.662  -20.424 1.00 26.65 ? 44   PRO B CB  1 
ATOM   1172 C CG  . PRO B 1 43  ? -4.797  -9.114  -20.768 1.00 26.95 ? 44   PRO B CG  1 
ATOM   1173 C CD  . PRO B 1 43  ? -4.209  -9.759  -19.536 1.00 28.37 ? 44   PRO B CD  1 
ATOM   1174 N N   . GLY B 1 44  ? -4.044  -5.287  -18.104 1.00 26.30 ? 45   GLY B N   1 
ATOM   1175 C CA  . GLY B 1 44  ? -4.436  -4.334  -17.098 1.00 25.29 ? 45   GLY B CA  1 
ATOM   1176 C C   . GLY B 1 44  ? -3.580  -4.494  -15.844 1.00 26.40 ? 45   GLY B C   1 
ATOM   1177 O O   . GLY B 1 44  ? -3.692  -3.587  -15.011 1.00 28.94 ? 45   GLY B O   1 
ATOM   1178 N N   . PHE B 1 45  ? -2.677  -5.457  -15.721 1.00 26.88 ? 46   PHE B N   1 
ATOM   1179 C CA  . PHE B 1 45  ? -1.846  -5.597  -14.528 1.00 28.36 ? 46   PHE B CA  1 
ATOM   1180 C C   . PHE B 1 45  ? -0.727  -4.560  -14.579 1.00 30.01 ? 46   PHE B C   1 
ATOM   1181 O O   . PHE B 1 45  ? -0.044  -4.453  -15.606 1.00 31.03 ? 46   PHE B O   1 
ATOM   1182 C CB  . PHE B 1 45  ? -1.263  -6.984  -14.353 1.00 27.57 ? 46   PHE B CB  1 
ATOM   1183 C CG  . PHE B 1 45  ? -0.069  -7.138  -13.454 1.00 25.57 ? 46   PHE B CG  1 
ATOM   1184 C CD1 . PHE B 1 45  ? -0.242  -7.316  -12.077 1.00 26.68 ? 46   PHE B CD1 1 
ATOM   1185 C CD2 . PHE B 1 45  ? 1.205   -7.152  -13.965 1.00 23.91 ? 46   PHE B CD2 1 
ATOM   1186 C CE1 . PHE B 1 45  ? 0.866   -7.471  -11.258 1.00 26.93 ? 46   PHE B CE1 1 
ATOM   1187 C CE2 . PHE B 1 45  ? 2.315   -7.287  -13.146 1.00 26.47 ? 46   PHE B CE2 1 
ATOM   1188 C CZ  . PHE B 1 45  ? 2.162   -7.441  -11.786 1.00 27.46 ? 46   PHE B CZ  1 
ATOM   1189 N N   . LEU B 1 46  ? -0.552  -3.830  -13.481 1.00 27.79 ? 47   LEU B N   1 
ATOM   1190 C CA  . LEU B 1 46  ? 0.455   -2.796  -13.439 1.00 27.40 ? 47   LEU B CA  1 
ATOM   1191 C C   . LEU B 1 46  ? 1.567   -3.176  -12.479 1.00 28.89 ? 47   LEU B C   1 
ATOM   1192 O O   . LEU B 1 46  ? 2.739   -2.876  -12.852 1.00 29.94 ? 47   LEU B O   1 
ATOM   1193 C CB  . LEU B 1 46  ? -0.112  -1.399  -13.142 1.00 24.92 ? 47   LEU B CB  1 
ATOM   1194 C CG  . LEU B 1 46  ? -1.066  -0.840  -14.222 1.00 25.15 ? 47   LEU B CG  1 
ATOM   1195 C CD1 . LEU B 1 46  ? -1.708  0.467   -13.819 1.00 22.81 ? 47   LEU B CD1 1 
ATOM   1196 C CD2 . LEU B 1 46  ? -0.297  -0.531  -15.533 1.00 26.93 ? 47   LEU B CD2 1 
ATOM   1197 N N   . SER B 1 47  ? 1.278   -3.800  -11.346 1.00 26.95 ? 48   SER B N   1 
ATOM   1198 C CA  . SER B 1 47  ? 2.406   -4.169  -10.481 1.00 29.53 ? 48   SER B CA  1 
ATOM   1199 C C   . SER B 1 47  ? 1.897   -4.845  -9.210  1.00 30.34 ? 48   SER B C   1 
ATOM   1200 O O   . SER B 1 47  ? 0.697   -4.742  -8.935  1.00 31.86 ? 48   SER B O   1 
ATOM   1201 C CB  . SER B 1 47  ? 3.157   -2.946  -9.927  1.00 30.53 ? 48   SER B CB  1 
ATOM   1202 O OG  . SER B 1 47  ? 2.336   -2.449  -8.847  1.00 32.31 ? 48   SER B OG  1 
ATOM   1203 N N   . ALA B 1 48  ? 2.782   -5.605  -8.591  1.00 29.40 ? 49   ALA B N   1 
ATOM   1204 C CA  . ALA B 1 48  ? 2.478   -6.232  -7.320  1.00 28.55 ? 49   ALA B CA  1 
ATOM   1205 C C   . ALA B 1 48  ? 3.811   -6.053  -6.567  1.00 31.57 ? 49   ALA B C   1 
ATOM   1206 O O   . ALA B 1 48  ? 4.857   -6.413  -7.105  1.00 33.50 ? 49   ALA B O   1 
ATOM   1207 C CB  . ALA B 1 48  ? 2.028   -7.648  -7.367  1.00 29.28 ? 49   ALA B CB  1 
ATOM   1208 N N   . THR B 1 49  ? 3.761   -5.383  -5.421  1.00 30.89 ? 50   THR B N   1 
ATOM   1209 C CA  . THR B 1 49  ? 4.967   -5.203  -4.624  1.00 30.61 ? 50   THR B CA  1 
ATOM   1210 C C   . THR B 1 49  ? 4.745   -5.857  -3.250  1.00 30.68 ? 50   THR B C   1 
ATOM   1211 O O   . THR B 1 49  ? 3.776   -5.544  -2.576  1.00 29.11 ? 50   THR B O   1 
ATOM   1212 C CB  . THR B 1 49  ? 5.257   -3.717  -4.468  1.00 31.04 ? 50   THR B CB  1 
ATOM   1213 O OG1 . THR B 1 49  ? 5.331   -3.129  -5.774  1.00 30.58 ? 50   THR B OG1 1 
ATOM   1214 C CG2 . THR B 1 49  ? 6.553   -3.458  -3.703  1.00 30.70 ? 50   THR B CG2 1 
ATOM   1215 N N   . TYR B 1 50  ? 5.604   -6.812  -2.890  1.00 30.53 ? 51   TYR B N   1 
ATOM   1216 C CA  . TYR B 1 50  ? 5.526   -7.496  -1.629  1.00 31.38 ? 51   TYR B CA  1 
ATOM   1217 C C   . TYR B 1 50  ? 6.430   -6.907  -0.563  1.00 31.18 ? 51   TYR B C   1 
ATOM   1218 O O   . TYR B 1 50  ? 7.610   -6.593  -0.801  1.00 32.34 ? 51   TYR B O   1 
ATOM   1219 C CB  . TYR B 1 50  ? 5.842   -8.987  -1.809  1.00 32.76 ? 51   TYR B CB  1 
ATOM   1220 C CG  . TYR B 1 50  ? 4.693   -9.705  -2.466  1.00 33.35 ? 51   TYR B CG  1 
ATOM   1221 C CD1 . TYR B 1 50  ? 4.512   -9.628  -3.844  1.00 34.50 ? 51   TYR B CD1 1 
ATOM   1222 C CD2 . TYR B 1 50  ? 3.782   -10.405 -1.701  1.00 35.22 ? 51   TYR B CD2 1 
ATOM   1223 C CE1 . TYR B 1 50  ? 3.460   -10.291 -4.453  1.00 36.07 ? 51   TYR B CE1 1 
ATOM   1224 C CE2 . TYR B 1 50  ? 2.725   -11.076 -2.307  1.00 36.72 ? 51   TYR B CE2 1 
ATOM   1225 C CZ  . TYR B 1 50  ? 2.582   -11.007 -3.678  1.00 37.13 ? 51   TYR B CZ  1 
ATOM   1226 O OH  . TYR B 1 50  ? 1.512   -11.646 -4.278  1.00 39.71 ? 51   TYR B OH  1 
ATOM   1227 N N   . HIS B 1 51  ? 5.845   -6.708  0.614   1.00 29.30 ? 52   HIS B N   1 
ATOM   1228 C CA  . HIS B 1 51  ? 6.616   -6.148  1.733   1.00 28.68 ? 52   HIS B CA  1 
ATOM   1229 C C   . HIS B 1 51  ? 6.578   -7.025  2.982   1.00 29.66 ? 52   HIS B C   1 
ATOM   1230 O O   . HIS B 1 51  ? 5.587   -7.632  3.301   1.00 28.33 ? 52   HIS B O   1 
ATOM   1231 C CB  . HIS B 1 51  ? 6.054   -4.802  2.205   1.00 25.06 ? 52   HIS B CB  1 
ATOM   1232 C CG  . HIS B 1 51  ? 5.625   -3.843  1.134   1.00 25.19 ? 52   HIS B CG  1 
ATOM   1233 N ND1 . HIS B 1 51  ? 4.515   -4.078  0.309   1.00 23.43 ? 52   HIS B ND1 1 
ATOM   1234 C CD2 . HIS B 1 51  ? 6.161   -2.653  0.761   1.00 20.95 ? 52   HIS B CD2 1 
ATOM   1235 C CE1 . HIS B 1 51  ? 4.399   -3.067  -0.514  1.00 20.81 ? 52   HIS B CE1 1 
ATOM   1236 N NE2 . HIS B 1 51  ? 5.359   -2.187  -0.237  1.00 20.49 ? 52   HIS B NE2 1 
ATOM   1237 N N   . ALA B 1 52  ? 7.615   -6.892  3.800   1.00 32.95 ? 53   ALA B N   1 
ATOM   1238 C CA  . ALA B 1 52  ? 7.741   -7.565  5.080   1.00 32.83 ? 53   ALA B CA  1 
ATOM   1239 C C   . ALA B 1 52  ? 7.494   -6.539  6.182   1.00 31.81 ? 53   ALA B C   1 
ATOM   1240 O O   . ALA B 1 52  ? 8.198   -5.526  6.215   1.00 30.47 ? 53   ALA B O   1 
ATOM   1241 C CB  . ALA B 1 52  ? 9.160   -8.132  5.287   1.00 33.98 ? 53   ALA B CB  1 
ATOM   1242 N N   . SER B 1 53  ? 6.417   -6.756  6.959   1.00 32.46 ? 54   SER B N   1 
ATOM   1243 C CA  . SER B 1 53  ? 6.250   -5.787  8.036   1.00 33.25 ? 54   SER B CA  1 
ATOM   1244 C C   . SER B 1 53  ? 7.513   -5.937  8.909   1.00 34.36 ? 54   SER B C   1 
ATOM   1245 O O   . SER B 1 53  ? 8.077   -7.016  9.111   1.00 30.87 ? 54   SER B O   1 
ATOM   1246 C CB  . SER B 1 53  ? 5.046   -6.036  8.924   1.00 35.10 ? 54   SER B CB  1 
ATOM   1247 O OG  . SER B 1 53  ? 5.191   -7.217  9.689   1.00 34.36 ? 54   SER B OG  1 
ATOM   1248 N N   . THR B 1 54  ? 7.851   -4.818  9.520   1.00 35.93 ? 55   THR B N   1 
ATOM   1249 C CA  . THR B 1 54  ? 9.021   -4.709  10.375  1.00 36.75 ? 55   THR B CA  1 
ATOM   1250 C C   . THR B 1 54  ? 8.910   -5.647  11.559  1.00 34.89 ? 55   THR B C   1 
ATOM   1251 O O   . THR B 1 54  ? 9.901   -6.236  11.931  1.00 32.18 ? 55   THR B O   1 
ATOM   1252 C CB  . THR B 1 54  ? 9.282   -3.263  10.821  1.00 37.60 ? 55   THR B CB  1 
ATOM   1253 O OG1 . THR B 1 54  ? 8.103   -2.796  11.492  1.00 41.34 ? 55   THR B OG1 1 
ATOM   1254 C CG2 . THR B 1 54  ? 9.510   -2.324  9.652   1.00 36.82 ? 55   THR B CG2 1 
ATOM   1255 N N   . ASP B 1 55  ? 7.736   -5.952  12.086  1.00 35.02 ? 56   ASP B N   1 
ATOM   1256 C CA  . ASP B 1 55  ? 7.651   -6.833  13.245  1.00 35.30 ? 56   ASP B CA  1 
ATOM   1257 C C   . ASP B 1 55  ? 7.653   -8.293  12.883  1.00 37.16 ? 56   ASP B C   1 
ATOM   1258 O O   . ASP B 1 55  ? 7.267   -9.148  13.687  1.00 35.89 ? 56   ASP B O   1 
ATOM   1259 C CB  . ASP B 1 55  ? 6.432   -6.370  14.032  1.00 34.56 ? 56   ASP B CB  1 
ATOM   1260 C CG  . ASP B 1 55  ? 5.109   -6.740  13.382  1.00 33.39 ? 56   ASP B CG  1 
ATOM   1261 O OD1 . ASP B 1 55  ? 5.105   -7.411  12.335  1.00 32.94 ? 56   ASP B OD1 1 
ATOM   1262 O OD2 . ASP B 1 55  ? 4.105   -6.328  13.985  1.00 32.72 ? 56   ASP B OD2 1 
ATOM   1263 N N   . GLY B 1 56  ? 7.986   -8.658  11.639  1.00 38.33 ? 57   GLY B N   1 
ATOM   1264 C CA  . GLY B 1 56  ? 7.979   -10.040 11.206  1.00 36.88 ? 57   GLY B CA  1 
ATOM   1265 C C   . GLY B 1 56  ? 6.608   -10.688 11.263  1.00 37.87 ? 57   GLY B C   1 
ATOM   1266 O O   . GLY B 1 56  ? 6.626   -11.887 10.922  1.00 39.66 ? 57   GLY B O   1 
ATOM   1267 N N   . THR B 1 57  ? 5.458   -10.041 11.500  1.00 34.98 ? 58   THR B N   1 
ATOM   1268 C CA  . THR B 1 57  ? 4.213   -10.779 11.553  1.00 33.86 ? 58   THR B CA  1 
ATOM   1269 C C   . THR B 1 57  ? 3.385   -10.739 10.277  1.00 32.63 ? 58   THR B C   1 
ATOM   1270 O O   . THR B 1 57  ? 2.260   -11.265 10.308  1.00 31.89 ? 58   THR B O   1 
ATOM   1271 C CB  . THR B 1 57  ? 3.266   -10.303 12.692  1.00 34.10 ? 58   THR B CB  1 
ATOM   1272 O OG1 . THR B 1 57  ? 2.753   -9.014  12.379  1.00 36.10 ? 58   THR B OG1 1 
ATOM   1273 C CG2 . THR B 1 57  ? 3.985   -10.217 14.027  1.00 34.27 ? 58   THR B CG2 1 
ATOM   1274 N N   . ALA B 1 58  ? 3.869   -10.146 9.192   1.00 30.96 ? 59   ALA B N   1 
ATOM   1275 C CA  . ALA B 1 58  ? 2.969   -10.025 8.027   1.00 28.36 ? 59   ALA B CA  1 
ATOM   1276 C C   . ALA B 1 58  ? 3.677   -9.767  6.723   1.00 26.11 ? 59   ALA B C   1 
ATOM   1277 O O   . ALA B 1 58  ? 4.726   -9.161  6.679   1.00 23.94 ? 59   ALA B O   1 
ATOM   1278 C CB  . ALA B 1 58  ? 1.970   -8.923  8.359   1.00 27.05 ? 59   ALA B CB  1 
ATOM   1279 N N   . VAL B 1 59  ? 3.020   -10.141 5.612   1.00 27.05 ? 60   VAL B N   1 
ATOM   1280 C CA  . VAL B 1 59  ? 3.505   -9.829  4.262   1.00 26.83 ? 60   VAL B CA  1 
ATOM   1281 C C   . VAL B 1 59  ? 2.394   -9.014  3.597   1.00 26.25 ? 60   VAL B C   1 
ATOM   1282 O O   . VAL B 1 59  ? 1.224   -9.395  3.673   1.00 26.10 ? 60   VAL B O   1 
ATOM   1283 C CB  . VAL B 1 59  ? 3.712   -11.047 3.357   1.00 26.79 ? 60   VAL B CB  1 
ATOM   1284 C CG1 . VAL B 1 59  ? 4.048   -10.642 1.916   1.00 27.98 ? 60   VAL B CG1 1 
ATOM   1285 C CG2 . VAL B 1 59  ? 4.834   -11.880 3.987   1.00 27.69 ? 60   VAL B CG2 1 
ATOM   1286 N N   . VAL B 1 60  ? 2.742   -7.860  3.064   1.00 26.11 ? 61   VAL B N   1 
ATOM   1287 C CA  . VAL B 1 60  ? 1.684   -7.021  2.483   1.00 22.98 ? 61   VAL B CA  1 
ATOM   1288 C C   . VAL B 1 60  ? 2.020   -6.799  1.000   1.00 23.12 ? 61   VAL B C   1 
ATOM   1289 O O   . VAL B 1 60  ? 3.147   -6.523  0.590   1.00 23.12 ? 61   VAL B O   1 
ATOM   1290 C CB  . VAL B 1 60  ? 1.565   -5.671  3.208   1.00 22.87 ? 61   VAL B CB  1 
ATOM   1291 C CG1 . VAL B 1 60  ? 0.522   -4.807  2.538   1.00 20.20 ? 61   VAL B CG1 1 
ATOM   1292 C CG2 . VAL B 1 60  ? 1.359   -5.812  4.721   1.00 21.38 ? 61   VAL B CG2 1 
ATOM   1293 N N   . ASN B 1 61  ? 1.028   -7.075  0.176   1.00 22.17 ? 62   ASN B N   1 
ATOM   1294 C CA  . ASN B 1 61  ? 1.193   -6.844  -1.275  1.00 24.87 ? 62   ASN B CA  1 
ATOM   1295 C C   . ASN B 1 61  ? 0.455   -5.540  -1.596  1.00 22.78 ? 62   ASN B C   1 
ATOM   1296 O O   . ASN B 1 61  ? -0.775  -5.505  -1.361  1.00 21.29 ? 62   ASN B O   1 
ATOM   1297 C CB  . ASN B 1 61  ? 0.637   -8.034  -2.077  1.00 25.17 ? 62   ASN B CB  1 
ATOM   1298 C CG  . ASN B 1 61  ? 0.626   -7.879  -3.589  1.00 27.46 ? 62   ASN B CG  1 
ATOM   1299 O OD1 . ASN B 1 61  ? 1.261   -6.989  -4.175  1.00 27.48 ? 62   ASN B OD1 1 
ATOM   1300 N ND2 . ASN B 1 61  ? -0.123  -8.753  -4.278  1.00 27.00 ? 62   ASN B ND2 1 
ATOM   1301 N N   . TYR B 1 62  ? 1.107   -4.572  -2.230  1.00 22.36 ? 63   TYR B N   1 
ATOM   1302 C CA  . TYR B 1 62  ? 0.408   -3.335  -2.658  1.00 22.43 ? 63   TYR B CA  1 
ATOM   1303 C C   . TYR B 1 62  ? 0.280   -3.537  -4.176  1.00 24.32 ? 63   TYR B C   1 
ATOM   1304 O O   . TYR B 1 62  ? 1.368   -3.718  -4.778  1.00 25.89 ? 63   TYR B O   1 
ATOM   1305 C CB  . TYR B 1 62  ? 1.180   -2.067  -2.386  1.00 24.72 ? 63   TYR B CB  1 
ATOM   1306 C CG  . TYR B 1 62  ? 0.658   -0.787  -3.018  1.00 24.33 ? 63   TYR B CG  1 
ATOM   1307 C CD1 . TYR B 1 62  ? 1.124   -0.319  -4.274  1.00 22.96 ? 63   TYR B CD1 1 
ATOM   1308 C CD2 . TYR B 1 62  ? -0.311  -0.059  -2.350  1.00 22.39 ? 63   TYR B CD2 1 
ATOM   1309 C CE1 . TYR B 1 62  ? 0.643   0.854   -4.801  1.00 21.88 ? 63   TYR B CE1 1 
ATOM   1310 C CE2 . TYR B 1 62  ? -0.802  1.122   -2.913  1.00 23.57 ? 63   TYR B CE2 1 
ATOM   1311 C CZ  . TYR B 1 62  ? -0.349  1.571   -4.137  1.00 24.23 ? 63   TYR B CZ  1 
ATOM   1312 O OH  . TYR B 1 62  ? -0.887  2.762   -4.651  1.00 23.33 ? 63   TYR B OH  1 
ATOM   1313 N N   . ALA B 1 63  ? -0.926  -3.824  -4.712  1.00 22.96 ? 64   ALA B N   1 
ATOM   1314 C CA  . ALA B 1 63  ? -0.937  -4.122  -6.171  1.00 22.82 ? 64   ALA B CA  1 
ATOM   1315 C C   . ALA B 1 63  ? -1.674  -3.077  -7.007  1.00 22.37 ? 64   ALA B C   1 
ATOM   1316 O O   . ALA B 1 63  ? -2.811  -2.714  -6.655  1.00 21.34 ? 64   ALA B O   1 
ATOM   1317 C CB  . ALA B 1 63  ? -1.558  -5.494  -6.397  1.00 20.42 ? 64   ALA B CB  1 
ATOM   1318 N N   . GLN B 1 64  ? -1.085  -2.681  -8.110  1.00 22.92 ? 65   GLN B N   1 
ATOM   1319 C CA  . GLN B 1 64  ? -1.645  -1.658  -8.986  1.00 27.14 ? 65   GLN B CA  1 
ATOM   1320 C C   . GLN B 1 64  ? -2.291  -2.165  -10.271 1.00 27.00 ? 65   GLN B C   1 
ATOM   1321 O O   . GLN B 1 64  ? -1.725  -2.979  -10.979 1.00 26.10 ? 65   GLN B O   1 
ATOM   1322 C CB  . GLN B 1 64  ? -0.568  -0.685  -9.467  1.00 25.88 ? 65   GLN B CB  1 
ATOM   1323 C CG  . GLN B 1 64  ? 0.014   0.187   -8.338  1.00 27.55 ? 65   GLN B CG  1 
ATOM   1324 C CD  . GLN B 1 64  ? 1.272   0.831   -8.931  1.00 27.71 ? 65   GLN B CD  1 
ATOM   1325 O OE1 . GLN B 1 64  ? 2.048   0.185   -9.652  1.00 28.92 ? 65   GLN B OE1 1 
ATOM   1326 N NE2 . GLN B 1 64  ? 1.497   2.090   -8.664  1.00 28.32 ? 65   GLN B NE2 1 
ATOM   1327 N N   . TRP B 1 65  ? -3.548  -1.791  -10.499 1.00 26.81 ? 66   TRP B N   1 
ATOM   1328 C CA  . TRP B 1 65  ? -4.309  -2.275  -11.623 1.00 25.90 ? 66   TRP B CA  1 
ATOM   1329 C C   . TRP B 1 65  ? -4.940  -1.078  -12.371 1.00 28.30 ? 66   TRP B C   1 
ATOM   1330 O O   . TRP B 1 65  ? -5.105  0.024   -11.815 1.00 25.44 ? 66   TRP B O   1 
ATOM   1331 C CB  . TRP B 1 65  ? -5.452  -3.199  -11.219 1.00 25.97 ? 66   TRP B CB  1 
ATOM   1332 C CG  . TRP B 1 65  ? -4.936  -4.481  -10.630 1.00 28.47 ? 66   TRP B CG  1 
ATOM   1333 C CD1 . TRP B 1 65  ? -4.582  -4.624  -9.314  1.00 28.41 ? 66   TRP B CD1 1 
ATOM   1334 C CD2 . TRP B 1 65  ? -4.634  -5.715  -11.271 1.00 29.59 ? 66   TRP B CD2 1 
ATOM   1335 N NE1 . TRP B 1 65  ? -4.094  -5.860  -9.133  1.00 30.23 ? 66   TRP B NE1 1 
ATOM   1336 C CE2 . TRP B 1 65  ? -4.131  -6.578  -10.288 1.00 30.41 ? 66   TRP B CE2 1 
ATOM   1337 C CE3 . TRP B 1 65  ? -4.783  -6.196  -12.581 1.00 29.78 ? 66   TRP B CE3 1 
ATOM   1338 C CZ2 . TRP B 1 65  ? -3.751  -7.909  -10.533 1.00 30.26 ? 66   TRP B CZ2 1 
ATOM   1339 C CZ3 . TRP B 1 65  ? -4.432  -7.513  -12.825 1.00 29.20 ? 66   TRP B CZ3 1 
ATOM   1340 C CH2 . TRP B 1 65  ? -3.924  -8.347  -11.813 1.00 29.36 ? 66   TRP B CH2 1 
ATOM   1341 N N   . GLU B 1 66  ? -5.233  -1.421  -13.664 1.00 27.67 ? 67   GLU B N   1 
ATOM   1342 C CA  . GLU B 1 66  ? -5.809  -0.393  -14.514 1.00 28.54 ? 67   GLU B CA  1 
ATOM   1343 C C   . GLU B 1 66  ? -7.273  -0.189  -14.153 1.00 25.84 ? 67   GLU B C   1 
ATOM   1344 O O   . GLU B 1 66  ? -7.718  0.921   -14.362 1.00 25.49 ? 67   GLU B O   1 
ATOM   1345 C CB  . GLU B 1 66  ? -5.737  -0.699  -16.018 1.00 30.41 ? 67   GLU B CB  1 
ATOM   1346 C CG  . GLU B 1 66  ? -4.323  -0.580  -16.540 1.00 34.66 ? 67   GLU B CG  1 
ATOM   1347 C CD  . GLU B 1 66  ? -4.092  -0.733  -18.025 1.00 38.87 ? 67   GLU B CD  1 
ATOM   1348 O OE1 . GLU B 1 66  ? -5.053  -0.907  -18.816 1.00 40.08 ? 67   GLU B OE1 1 
ATOM   1349 O OE2 . GLU B 1 66  ? -2.883  -0.693  -18.400 1.00 41.91 ? 67   GLU B OE2 1 
ATOM   1350 N N   . SER B 1 67  ? -7.901  -1.227  -13.618 1.00 21.90 ? 68   SER B N   1 
ATOM   1351 C CA  . SER B 1 67  ? -9.282  -1.188  -13.302 1.00 19.97 ? 68   SER B CA  1 
ATOM   1352 C C   . SER B 1 67  ? -9.663  -2.397  -12.486 1.00 22.50 ? 68   SER B C   1 
ATOM   1353 O O   . SER B 1 67  ? -8.957  -3.437  -12.434 1.00 22.85 ? 68   SER B O   1 
ATOM   1354 C CB  . SER B 1 67  ? -10.096 -1.257  -14.647 1.00 21.41 ? 68   SER B CB  1 
ATOM   1355 O OG  . SER B 1 67  ? -10.074 -2.633  -15.078 1.00 20.76 ? 68   SER B OG  1 
ATOM   1356 N N   . GLU B 1 68  ? -10.859 -2.281  -11.864 1.00 22.24 ? 69   GLU B N   1 
ATOM   1357 C CA  . GLU B 1 68  ? -11.350 -3.391  -11.050 1.00 25.31 ? 69   GLU B CA  1 
ATOM   1358 C C   . GLU B 1 68  ? -11.659 -4.617  -11.890 1.00 25.08 ? 69   GLU B C   1 
ATOM   1359 O O   . GLU B 1 68  ? -11.489 -5.729  -11.427 1.00 24.63 ? 69   GLU B O   1 
ATOM   1360 C CB  . GLU B 1 68  ? -12.593 -2.946  -10.254 1.00 26.83 ? 69   GLU B CB  1 
ATOM   1361 C CG  . GLU B 1 68  ? -13.026 -4.035  -9.282  1.00 30.83 ? 69   GLU B CG  1 
ATOM   1362 C CD  . GLU B 1 68  ? -14.112 -4.987  -9.774  1.00 33.43 ? 69   GLU B CD  1 
ATOM   1363 O OE1 . GLU B 1 68  ? -14.654 -4.778  -10.888 1.00 34.21 ? 69   GLU B OE1 1 
ATOM   1364 O OE2 . GLU B 1 68  ? -14.356 -5.942  -8.992  1.00 33.13 ? 69   GLU B OE2 1 
ATOM   1365 N N   . GLN B 1 69  ? -12.111 -4.430  -13.145 1.00 28.63 ? 70   GLN B N   1 
ATOM   1366 C CA  . GLN B 1 69  ? -12.461 -5.529  -14.035 1.00 30.13 ? 70   GLN B CA  1 
ATOM   1367 C C   . GLN B 1 69  ? -11.169 -6.267  -14.387 1.00 32.15 ? 70   GLN B C   1 
ATOM   1368 O O   . GLN B 1 69  ? -11.163 -7.509  -14.407 1.00 33.98 ? 70   GLN B O   1 
ATOM   1369 C CB  . GLN B 1 69  ? -13.044 -5.054  -15.346 1.00 36.03 ? 70   GLN B CB  1 
ATOM   1370 C CG  . GLN B 1 69  ? -14.408 -4.412  -15.378 1.00 40.76 ? 70   GLN B CG  1 
ATOM   1371 C CD  . GLN B 1 69  ? -14.463 -3.233  -14.420 1.00 44.87 ? 70   GLN B CD  1 
ATOM   1372 O OE1 . GLN B 1 69  ? -13.504 -2.442  -14.379 1.00 44.09 ? 70   GLN B OE1 1 
ATOM   1373 N NE2 . GLN B 1 69  ? -15.551 -3.210  -13.616 1.00 46.58 ? 70   GLN B NE2 1 
ATOM   1374 N N   . ALA B 1 70  ? -10.102 -5.465  -14.626 1.00 28.05 ? 71   ALA B N   1 
ATOM   1375 C CA  . ALA B 1 70  ? -8.850  -6.169  -14.917 1.00 27.41 ? 71   ALA B CA  1 
ATOM   1376 C C   . ALA B 1 70  ? -8.514  -7.098  -13.783 1.00 27.69 ? 71   ALA B C   1 
ATOM   1377 O O   . ALA B 1 70  ? -7.998  -8.210  -13.980 1.00 29.45 ? 71   ALA B O   1 
ATOM   1378 C CB  . ALA B 1 70  ? -7.765  -5.130  -15.252 1.00 24.75 ? 71   ALA B CB  1 
ATOM   1379 N N   . TYR B 1 71  ? -8.646  -6.665  -12.504 1.00 27.13 ? 72   TYR B N   1 
ATOM   1380 C CA  . TYR B 1 71  ? -8.250  -7.512  -11.390 1.00 24.29 ? 72   TYR B CA  1 
ATOM   1381 C C   . TYR B 1 71  ? -9.228  -8.682  -11.222 1.00 25.43 ? 72   TYR B C   1 
ATOM   1382 O O   . TYR B 1 71  ? -8.820  -9.817  -10.924 1.00 25.70 ? 72   TYR B O   1 
ATOM   1383 C CB  . TYR B 1 71  ? -8.177  -6.723  -10.082 1.00 24.64 ? 72   TYR B CB  1 
ATOM   1384 C CG  . TYR B 1 71  ? -8.119  -7.534  -8.810  1.00 26.74 ? 72   TYR B CG  1 
ATOM   1385 C CD1 . TYR B 1 71  ? -6.923  -8.082  -8.343  1.00 28.22 ? 72   TYR B CD1 1 
ATOM   1386 C CD2 . TYR B 1 71  ? -9.281  -7.769  -8.090  1.00 26.87 ? 72   TYR B CD2 1 
ATOM   1387 C CE1 . TYR B 1 71  ? -6.895  -8.849  -7.178  1.00 29.29 ? 72   TYR B CE1 1 
ATOM   1388 C CE2 . TYR B 1 71  ? -9.253  -8.496  -6.917  1.00 28.42 ? 72   TYR B CE2 1 
ATOM   1389 C CZ  . TYR B 1 71  ? -8.072  -9.043  -6.482  1.00 30.84 ? 72   TYR B CZ  1 
ATOM   1390 O OH  . TYR B 1 71  ? -8.086  -9.780  -5.312  1.00 34.14 ? 72   TYR B OH  1 
ATOM   1391 N N   . ARG B 1 72  ? -10.516 -8.348  -11.305 1.00 23.53 ? 73   ARG B N   1 
ATOM   1392 C CA  . ARG B 1 72  ? -11.517 -9.347  -11.044 1.00 26.22 ? 73   ARG B CA  1 
ATOM   1393 C C   . ARG B 1 72  ? -11.622 -10.433 -12.113 1.00 27.92 ? 73   ARG B C   1 
ATOM   1394 O O   . ARG B 1 72  ? -11.665 -11.640 -11.767 1.00 28.20 ? 73   ARG B O   1 
ATOM   1395 C CB  . ARG B 1 72  ? -12.863 -8.631  -10.813 1.00 27.51 ? 73   ARG B CB  1 
ATOM   1396 C CG  . ARG B 1 72  ? -14.013 -9.664  -10.677 1.00 30.13 ? 73   ARG B CG  1 
ATOM   1397 C CD  . ARG B 1 72  ? -15.286 -8.919  -10.252 1.00 32.88 ? 73   ARG B CD  1 
ATOM   1398 N NE  . ARG B 1 72  ? -15.499 -7.790  -11.161 1.00 36.07 ? 73   ARG B NE  1 
ATOM   1399 C CZ  . ARG B 1 72  ? -16.183 -7.768  -12.289 1.00 37.62 ? 73   ARG B CZ  1 
ATOM   1400 N NH1 . ARG B 1 72  ? -16.862 -8.822  -12.738 1.00 39.25 ? 73   ARG B NH1 1 
ATOM   1401 N NH2 . ARG B 1 72  ? -16.240 -6.664  -13.033 1.00 38.17 ? 73   ARG B NH2 1 
ATOM   1402 N N   . VAL B 1 73  ? -11.662 -10.018 -13.376 1.00 28.96 ? 74   VAL B N   1 
ATOM   1403 C CA  . VAL B 1 73  ? -11.781 -11.019 -14.448 1.00 31.95 ? 74   VAL B CA  1 
ATOM   1404 C C   . VAL B 1 73  ? -10.453 -11.442 -15.085 1.00 32.62 ? 74   VAL B C   1 
ATOM   1405 O O   . VAL B 1 73  ? -10.014 -12.611 -15.030 1.00 31.51 ? 74   VAL B O   1 
ATOM   1406 C CB  . VAL B 1 73  ? -12.766 -10.497 -15.497 1.00 31.85 ? 74   VAL B CB  1 
ATOM   1407 C CG1 . VAL B 1 73  ? -12.957 -11.564 -16.563 1.00 33.41 ? 74   VAL B CG1 1 
ATOM   1408 C CG2 . VAL B 1 73  ? -14.138 -10.087 -14.946 1.00 32.39 ? 74   VAL B CG2 1 
ATOM   1409 N N   . ASN B 1 74  ? -9.712  -10.509 -15.712 1.00 30.60 ? 75   ASN B N   1 
ATOM   1410 C CA  . ASN B 1 74  ? -8.476  -10.851 -16.378 1.00 29.60 ? 75   ASN B CA  1 
ATOM   1411 C C   . ASN B 1 74  ? -7.583  -11.723 -15.494 1.00 30.67 ? 75   ASN B C   1 
ATOM   1412 O O   . ASN B 1 74  ? -7.004  -12.688 -15.992 1.00 29.77 ? 75   ASN B O   1 
ATOM   1413 C CB  . ASN B 1 74  ? -7.680  -9.647  -16.856 1.00 28.85 ? 75   ASN B CB  1 
ATOM   1414 C CG  . ASN B 1 74  ? -8.493  -8.746  -17.767 1.00 28.38 ? 75   ASN B CG  1 
ATOM   1415 O OD1 . ASN B 1 74  ? -8.054  -7.658  -18.112 1.00 32.59 ? 75   ASN B OD1 1 
ATOM   1416 N ND2 . ASN B 1 74  ? -9.674  -9.011  -18.205 1.00 26.16 ? 75   ASN B ND2 1 
ATOM   1417 N N   . PHE B 1 75  ? -7.413  -11.357 -14.230 1.00 31.33 ? 76   PHE B N   1 
ATOM   1418 C CA  . PHE B 1 75  ? -6.560  -12.123 -13.330 1.00 30.56 ? 76   PHE B CA  1 
ATOM   1419 C C   . PHE B 1 75  ? -7.367  -13.196 -12.617 1.00 30.98 ? 76   PHE B C   1 
ATOM   1420 O O   . PHE B 1 75  ? -7.051  -14.389 -12.660 1.00 27.93 ? 76   PHE B O   1 
ATOM   1421 C CB  . PHE B 1 75  ? -5.859  -11.184 -12.345 1.00 32.16 ? 76   PHE B CB  1 
ATOM   1422 C CG  . PHE B 1 75  ? -5.131  -11.807 -11.196 1.00 32.10 ? 76   PHE B CG  1 
ATOM   1423 C CD1 . PHE B 1 75  ? -3.927  -12.458 -11.388 1.00 33.28 ? 76   PHE B CD1 1 
ATOM   1424 C CD2 . PHE B 1 75  ? -5.662  -11.765 -9.924  1.00 33.08 ? 76   PHE B CD2 1 
ATOM   1425 C CE1 . PHE B 1 75  ? -3.237  -13.045 -10.324 1.00 33.53 ? 76   PHE B CE1 1 
ATOM   1426 C CE2 . PHE B 1 75  ? -5.022  -12.364 -8.851  1.00 34.38 ? 76   PHE B CE2 1 
ATOM   1427 C CZ  . PHE B 1 75  ? -3.802  -12.995 -9.064  1.00 33.48 ? 76   PHE B CZ  1 
ATOM   1428 N N   . GLY B 1 76  ? -8.470  -12.756 -12.010 1.00 32.45 ? 77   GLY B N   1 
ATOM   1429 C CA  . GLY B 1 76  ? -9.304  -13.569 -11.175 1.00 33.06 ? 77   GLY B CA  1 
ATOM   1430 C C   . GLY B 1 76  ? -10.083 -14.704 -11.745 1.00 35.02 ? 77   GLY B C   1 
ATOM   1431 O O   . GLY B 1 76  ? -10.367 -15.638 -11.009 1.00 34.78 ? 77   GLY B O   1 
ATOM   1432 N N   . ALA B 1 77  ? -10.458 -14.677 -13.022 1.00 36.68 ? 78   ALA B N   1 
ATOM   1433 C CA  . ALA B 1 77  ? -11.231 -15.703 -13.686 1.00 36.13 ? 78   ALA B CA  1 
ATOM   1434 C C   . ALA B 1 77  ? -10.256 -16.713 -14.285 1.00 37.64 ? 78   ALA B C   1 
ATOM   1435 O O   . ALA B 1 77  ? -10.622 -17.781 -14.771 1.00 37.92 ? 78   ALA B O   1 
ATOM   1436 C CB  . ALA B 1 77  ? -12.153 -15.175 -14.762 1.00 34.26 ? 78   ALA B CB  1 
ATOM   1437 N N   . ASP B 1 78  ? -8.988  -16.301 -14.284 1.00 37.44 ? 79   ASP B N   1 
ATOM   1438 C CA  . ASP B 1 78  ? -7.996  -17.222 -14.827 1.00 37.15 ? 79   ASP B CA  1 
ATOM   1439 C C   . ASP B 1 78  ? -7.800  -18.312 -13.779 1.00 36.99 ? 79   ASP B C   1 
ATOM   1440 O O   . ASP B 1 78  ? -7.343  -18.021 -12.687 1.00 37.31 ? 79   ASP B O   1 
ATOM   1441 C CB  . ASP B 1 78  ? -6.700  -16.482 -15.103 1.00 35.54 ? 79   ASP B CB  1 
ATOM   1442 C CG  . ASP B 1 78  ? -5.670  -17.365 -15.758 1.00 35.85 ? 79   ASP B CG  1 
ATOM   1443 O OD1 . ASP B 1 78  ? -5.330  -18.466 -15.259 1.00 37.11 ? 79   ASP B OD1 1 
ATOM   1444 O OD2 . ASP B 1 78  ? -5.171  -16.919 -16.811 1.00 35.56 ? 79   ASP B OD2 1 
ATOM   1445 N N   . PRO B 1 79  ? -7.972  -19.570 -14.131 1.00 37.35 ? 80   PRO B N   1 
ATOM   1446 C CA  . PRO B 1 79  ? -7.635  -20.678 -13.267 1.00 36.00 ? 80   PRO B CA  1 
ATOM   1447 C C   . PRO B 1 79  ? -6.298  -20.590 -12.554 1.00 35.90 ? 80   PRO B C   1 
ATOM   1448 O O   . PRO B 1 79  ? -6.189  -21.090 -11.424 1.00 33.28 ? 80   PRO B O   1 
ATOM   1449 C CB  . PRO B 1 79  ? -7.641  -21.887 -14.235 1.00 34.67 ? 80   PRO B CB  1 
ATOM   1450 C CG  . PRO B 1 79  ? -8.661  -21.499 -15.275 1.00 37.98 ? 80   PRO B CG  1 
ATOM   1451 C CD  . PRO B 1 79  ? -8.461  -20.003 -15.501 1.00 37.29 ? 80   PRO B CD  1 
ATOM   1452 N N   . ARG B 1 80  ? -5.240  -19.964 -13.101 1.00 35.52 ? 81   ARG B N   1 
ATOM   1453 C CA  . ARG B 1 80  ? -3.946  -19.935 -12.436 1.00 35.65 ? 81   ARG B CA  1 
ATOM   1454 C C   . ARG B 1 80  ? -3.954  -19.096 -11.162 1.00 35.75 ? 81   ARG B C   1 
ATOM   1455 O O   . ARG B 1 80  ? -3.071  -19.262 -10.317 1.00 35.58 ? 81   ARG B O   1 
ATOM   1456 C CB  . ARG B 1 80  ? -2.760  -19.551 -13.336 1.00 33.73 ? 81   ARG B CB  1 
ATOM   1457 C CG  . ARG B 1 80  ? -2.407  -20.496 -14.474 1.00 31.73 ? 81   ARG B CG  1 
ATOM   1458 C CD  . ARG B 1 80  ? -1.507  -19.889 -15.557 1.00 29.69 ? 81   ARG B CD  1 
ATOM   1459 N NE  . ARG B 1 80  ? -2.197  -18.958 -16.442 1.00 26.75 ? 81   ARG B NE  1 
ATOM   1460 C CZ  . ARG B 1 80  ? -1.950  -18.306 -17.544 1.00 24.74 ? 81   ARG B CZ  1 
ATOM   1461 N NH1 . ARG B 1 80  ? -0.744  -18.425 -18.108 1.00 27.08 ? 81   ARG B NH1 1 
ATOM   1462 N NH2 . ARG B 1 80  ? -2.797  -17.473 -18.185 1.00 22.43 ? 81   ARG B NH2 1 
ATOM   1463 N N   . SER B 1 81  ? -4.872  -18.164 -10.999 1.00 36.09 ? 82   SER B N   1 
ATOM   1464 C CA  . SER B 1 81  ? -4.920  -17.329 -9.806  1.00 38.21 ? 82   SER B CA  1 
ATOM   1465 C C   . SER B 1 81  ? -5.568  -18.160 -8.678  1.00 39.30 ? 82   SER B C   1 
ATOM   1466 O O   . SER B 1 81  ? -5.273  -17.971 -7.505  1.00 36.81 ? 82   SER B O   1 
ATOM   1467 C CB  . SER B 1 81  ? -5.671  -16.005 -10.016 1.00 35.64 ? 82   SER B CB  1 
ATOM   1468 O OG  . SER B 1 81  ? -7.051  -16.321 -10.248 1.00 33.95 ? 82   SER B OG  1 
ATOM   1469 N N   . ALA B 1 82  ? -6.413  -19.123 -9.075  1.00 42.24 ? 83   ALA B N   1 
ATOM   1470 C CA  . ALA B 1 82  ? -6.977  -20.067 -8.093  1.00 44.26 ? 83   ALA B CA  1 
ATOM   1471 C C   . ALA B 1 82  ? -5.797  -20.929 -7.626  1.00 45.94 ? 83   ALA B C   1 
ATOM   1472 O O   . ALA B 1 82  ? -5.627  -21.181 -6.444  1.00 47.38 ? 83   ALA B O   1 
ATOM   1473 C CB  . ALA B 1 82  ? -8.021  -21.001 -8.669  1.00 42.97 ? 83   ALA B CB  1 
ATOM   1474 N N   . GLU B 1 83  ? -4.988  -21.374 -8.592  1.00 46.77 ? 84   GLU B N   1 
ATOM   1475 C CA  . GLU B 1 83  ? -3.836  -22.178 -8.283  1.00 48.90 ? 84   GLU B CA  1 
ATOM   1476 C C   . GLU B 1 83  ? -2.973  -21.401 -7.284  1.00 49.06 ? 84   GLU B C   1 
ATOM   1477 O O   . GLU B 1 83  ? -2.590  -22.002 -6.288  1.00 48.74 ? 84   GLU B O   1 
ATOM   1478 C CB  . GLU B 1 83  ? -2.954  -22.509 -9.482  1.00 49.94 ? 84   GLU B CB  1 
ATOM   1479 C CG  . GLU B 1 83  ? -2.612  -23.995 -9.502  1.00 51.94 ? 84   GLU B CG  1 
ATOM   1480 C CD  . GLU B 1 83  ? -1.671  -24.333 -10.643 1.00 52.74 ? 84   GLU B CD  1 
ATOM   1481 O OE1 . GLU B 1 83  ? -2.092  -24.089 -11.797 1.00 52.71 ? 84   GLU B OE1 1 
ATOM   1482 O OE2 . GLU B 1 83  ? -0.555  -24.805 -10.333 1.00 54.46 ? 84   GLU B OE2 1 
ATOM   1483 N N   . LEU B 1 84  ? -2.699  -20.137 -7.580  1.00 49.05 ? 85   LEU B N   1 
ATOM   1484 C CA  . LEU B 1 84  ? -1.899  -19.301 -6.714  1.00 49.63 ? 85   LEU B CA  1 
ATOM   1485 C C   . LEU B 1 84  ? -2.495  -19.149 -5.315  1.00 51.77 ? 85   LEU B C   1 
ATOM   1486 O O   . LEU B 1 84  ? -1.737  -19.182 -4.341  1.00 51.97 ? 85   LEU B O   1 
ATOM   1487 C CB  . LEU B 1 84  ? -1.730  -17.901 -7.314  1.00 48.77 ? 85   LEU B CB  1 
ATOM   1488 C CG  . LEU B 1 84  ? -0.995  -16.872 -6.445  1.00 46.70 ? 85   LEU B CG  1 
ATOM   1489 C CD1 . LEU B 1 84  ? 0.452   -17.242 -6.178  1.00 45.90 ? 85   LEU B CD1 1 
ATOM   1490 C CD2 . LEU B 1 84  ? -1.080  -15.498 -7.075  1.00 45.61 ? 85   LEU B CD2 1 
ATOM   1491 N N   . ARG B 1 85  ? -3.810  -18.946 -5.215  1.00 53.67 ? 86   ARG B N   1 
ATOM   1492 C CA  . ARG B 1 85  ? -4.422  -18.806 -3.892  1.00 56.27 ? 86   ARG B CA  1 
ATOM   1493 C C   . ARG B 1 85  ? -4.177  -19.993 -2.981  1.00 56.53 ? 86   ARG B C   1 
ATOM   1494 O O   . ARG B 1 85  ? -3.617  -19.794 -1.902  1.00 56.16 ? 86   ARG B O   1 
ATOM   1495 C CB  . ARG B 1 85  ? -5.918  -18.506 -4.038  1.00 56.63 ? 86   ARG B CB  1 
ATOM   1496 C CG  . ARG B 1 85  ? -5.982  -17.096 -4.614  1.00 58.73 ? 86   ARG B CG  1 
ATOM   1497 C CD  . ARG B 1 85  ? -7.412  -16.716 -4.909  1.00 61.09 ? 86   ARG B CD  1 
ATOM   1498 N NE  . ARG B 1 85  ? -7.570  -15.415 -5.473  1.00 62.28 ? 86   ARG B NE  1 
ATOM   1499 C CZ  . ARG B 1 85  ? -6.932  -14.424 -6.032  1.00 62.61 ? 86   ARG B CZ  1 
ATOM   1500 N NH1 . ARG B 1 85  ? -5.619  -14.399 -6.191  1.00 63.01 ? 86   ARG B NH1 1 
ATOM   1501 N NH2 . ARG B 1 85  ? -7.695  -13.400 -6.446  1.00 62.91 ? 86   ARG B NH2 1 
ATOM   1502 N N   . GLU B 1 86  ? -4.533  -21.197 -3.412  1.00 57.16 ? 87   GLU B N   1 
ATOM   1503 C CA  . GLU B 1 86  ? -4.266  -22.388 -2.629  1.00 58.42 ? 87   GLU B CA  1 
ATOM   1504 C C   . GLU B 1 86  ? -2.807  -22.440 -2.173  1.00 57.73 ? 87   GLU B C   1 
ATOM   1505 O O   . GLU B 1 86  ? -2.513  -22.505 -0.985  1.00 56.77 ? 87   GLU B O   1 
ATOM   1506 C CB  . GLU B 1 86  ? -4.599  -23.647 -3.440  1.00 60.60 ? 87   GLU B CB  1 
ATOM   1507 C CG  . GLU B 1 86  ? -4.692  -24.885 -2.553  1.00 63.38 ? 87   GLU B CG  1 
ATOM   1508 C CD  . GLU B 1 86  ? -5.910  -24.860 -1.650  1.00 65.56 ? 87   GLU B CD  1 
ATOM   1509 O OE1 . GLU B 1 86  ? -6.812  -23.996 -1.784  1.00 65.60 ? 87   GLU B OE1 1 
ATOM   1510 O OE2 . GLU B 1 86  ? -5.953  -25.744 -0.749  1.00 67.99 ? 87   GLU B OE2 1 
ATOM   1511 N N   . ALA B 1 87  ? -1.858  -22.365 -3.082  1.00 56.83 ? 88   ALA B N   1 
ATOM   1512 C CA  . ALA B 1 87  ? -0.442  -22.396 -2.806  1.00 57.38 ? 88   ALA B CA  1 
ATOM   1513 C C   . ALA B 1 87  ? -0.047  -21.554 -1.603  1.00 58.30 ? 88   ALA B C   1 
ATOM   1514 O O   . ALA B 1 87  ? 0.541   -22.046 -0.643  1.00 58.02 ? 88   ALA B O   1 
ATOM   1515 C CB  . ALA B 1 87  ? 0.313   -21.928 -4.052  1.00 56.09 ? 88   ALA B CB  1 
ATOM   1516 N N   . LEU B 1 88  ? -0.364  -20.264 -1.616  1.00 59.85 ? 89   LEU B N   1 
ATOM   1517 C CA  . LEU B 1 88  ? -0.050  -19.319 -0.565  1.00 60.23 ? 89   LEU B CA  1 
ATOM   1518 C C   . LEU B 1 88  ? -0.856  -19.563 0.700   1.00 61.20 ? 89   LEU B C   1 
ATOM   1519 O O   . LEU B 1 88  ? -0.444  -19.064 1.743   1.00 62.76 ? 89   LEU B O   1 
ATOM   1520 C CB  . LEU B 1 88  ? -0.341  -17.878 -1.013  1.00 60.10 ? 89   LEU B CB  1 
ATOM   1521 C CG  . LEU B 1 88  ? 0.388   -17.417 -2.278  1.00 60.01 ? 89   LEU B CG  1 
ATOM   1522 C CD1 . LEU B 1 88  ? -0.120  -16.071 -2.767  1.00 58.96 ? 89   LEU B CD1 1 
ATOM   1523 C CD2 . LEU B 1 88  ? 1.901   -17.381 -2.051  1.00 59.11 ? 89   LEU B CD2 1 
ATOM   1524 N N   . SER B 1 89  ? -1.971  -20.256 0.591   1.00 61.51 ? 90   SER B N   1 
ATOM   1525 C CA  . SER B 1 89  ? -2.891  -20.594 1.646   1.00 61.58 ? 90   SER B CA  1 
ATOM   1526 C C   . SER B 1 89  ? -2.568  -21.908 2.353   1.00 61.17 ? 90   SER B C   1 
ATOM   1527 O O   . SER B 1 89  ? -3.186  -22.219 3.363   1.00 61.20 ? 90   SER B O   1 
ATOM   1528 C CB  . SER B 1 89  ? -4.317  -20.761 1.075   1.00 62.65 ? 90   SER B CB  1 
ATOM   1529 O OG  . SER B 1 89  ? -4.592  -22.068 0.557   1.00 62.99 ? 90   SER B OG  1 
ATOM   1530 N N   . SER B 1 90  ? -1.681  -22.697 1.781   1.00 60.62 ? 91   SER B N   1 
ATOM   1531 C CA  . SER B 1 90  ? -1.310  -24.001 2.297   1.00 60.86 ? 91   SER B CA  1 
ATOM   1532 C C   . SER B 1 90  ? 0.060   -23.924 2.944   1.00 60.29 ? 91   SER B C   1 
ATOM   1533 O O   . SER B 1 90  ? 0.522   -24.830 3.622   1.00 61.02 ? 91   SER B O   1 
ATOM   1534 C CB  . SER B 1 90  ? -1.322  -25.023 1.154   1.00 61.76 ? 91   SER B CB  1 
ATOM   1535 O OG  . SER B 1 90  ? -2.674  -25.230 0.761   1.00 62.48 ? 91   SER B OG  1 
ATOM   1536 N N   . LEU B 1 91  ? 0.682   -22.764 2.744   1.00 60.00 ? 92   LEU B N   1 
ATOM   1537 C CA  . LEU B 1 91  ? 1.986   -22.480 3.348   1.00 58.37 ? 92   LEU B CA  1 
ATOM   1538 C C   . LEU B 1 91  ? 1.984   -22.583 4.870   1.00 56.45 ? 92   LEU B C   1 
ATOM   1539 O O   . LEU B 1 91  ? 1.216   -22.049 5.660   1.00 54.96 ? 92   LEU B O   1 
ATOM   1540 C CB  . LEU B 1 91  ? 2.377   -21.098 2.852   1.00 57.58 ? 92   LEU B CB  1 
ATOM   1541 C CG  . LEU B 1 91  ? 3.868   -20.796 2.926   1.00 58.15 ? 92   LEU B CG  1 
ATOM   1542 C CD1 . LEU B 1 91  ? 4.541   -21.467 1.738   1.00 58.26 ? 92   LEU B CD1 1 
ATOM   1543 C CD2 . LEU B 1 91  ? 4.119   -19.292 2.977   1.00 57.41 ? 92   LEU B CD2 1 
ATOM   1544 N N   . PRO B 1 92  ? 2.907   -23.394 5.385   1.00 56.86 ? 93   PRO B N   1 
ATOM   1545 C CA  . PRO B 1 92  ? 3.056   -23.564 6.830   1.00 55.43 ? 93   PRO B CA  1 
ATOM   1546 C C   . PRO B 1 92  ? 3.492   -22.193 7.327   1.00 53.93 ? 93   PRO B C   1 
ATOM   1547 O O   . PRO B 1 92  ? 4.265   -21.576 6.572   1.00 52.72 ? 93   PRO B O   1 
ATOM   1548 C CB  . PRO B 1 92  ? 4.164   -24.586 6.972   1.00 55.07 ? 93   PRO B CB  1 
ATOM   1549 C CG  . PRO B 1 92  ? 4.970   -24.441 5.727   1.00 56.03 ? 93   PRO B CG  1 
ATOM   1550 C CD  . PRO B 1 92  ? 3.974   -24.121 4.634   1.00 56.48 ? 93   PRO B CD  1 
ATOM   1551 N N   . GLY B 1 93  ? 3.002   -21.761 8.482   1.00 52.14 ? 94   GLY B N   1 
ATOM   1552 C CA  . GLY B 1 93  ? 3.453   -20.448 8.947   1.00 52.08 ? 94   GLY B CA  1 
ATOM   1553 C C   . GLY B 1 93  ? 2.392   -19.385 8.730   1.00 51.74 ? 94   GLY B C   1 
ATOM   1554 O O   . GLY B 1 93  ? 2.389   -18.393 9.458   1.00 51.48 ? 94   GLY B O   1 
ATOM   1555 N N   . LEU B 1 94  ? 1.567   -19.537 7.697   1.00 52.05 ? 95   LEU B N   1 
ATOM   1556 C CA  . LEU B 1 94  ? 0.490   -18.556 7.511   1.00 52.19 ? 95   LEU B CA  1 
ATOM   1557 C C   . LEU B 1 94  ? -0.297  -18.648 8.822   1.00 51.85 ? 95   LEU B C   1 
ATOM   1558 O O   . LEU B 1 94  ? -0.406  -19.763 9.342   1.00 52.90 ? 95   LEU B O   1 
ATOM   1559 C CB  . LEU B 1 94  ? -0.388  -18.900 6.338   1.00 52.45 ? 95   LEU B CB  1 
ATOM   1560 C CG  . LEU B 1 94  ? -0.832  -17.799 5.385   1.00 54.08 ? 95   LEU B CG  1 
ATOM   1561 C CD1 . LEU B 1 94  ? -2.047  -18.286 4.586   1.00 54.91 ? 95   LEU B CD1 1 
ATOM   1562 C CD2 . LEU B 1 94  ? -1.145  -16.464 6.031   1.00 53.26 ? 95   LEU B CD2 1 
ATOM   1563 N N   . MET B 1 95  ? -0.717  -17.550 9.402   1.00 50.68 ? 96   MET B N   1 
ATOM   1564 C CA  . MET B 1 95  ? -1.423  -17.639 10.678  1.00 51.62 ? 96   MET B CA  1 
ATOM   1565 C C   . MET B 1 95  ? -2.917  -17.425 10.526  1.00 51.37 ? 96   MET B C   1 
ATOM   1566 O O   . MET B 1 95  ? -3.639  -17.337 11.516  1.00 54.22 ? 96   MET B O   1 
ATOM   1567 C CB  . MET B 1 95  ? -0.748  -16.656 11.642  1.00 51.91 ? 96   MET B CB  1 
ATOM   1568 C CG  . MET B 1 95  ? 0.598   -17.203 12.136  1.00 53.73 ? 96   MET B CG  1 
ATOM   1569 S SD  . MET B 1 95  ? 0.457   -18.542 13.340  1.00 53.66 ? 96   MET B SD  1 
ATOM   1570 C CE  . MET B 1 95  ? 0.524   -20.032 12.367  1.00 54.34 ? 96   MET B CE  1 
ATOM   1571 N N   . GLY B 1 96  ? -3.411  -17.355 9.304   1.00 48.86 ? 97   GLY B N   1 
ATOM   1572 C CA  . GLY B 1 96  ? -4.832  -17.145 9.028   1.00 46.94 ? 97   GLY B CA  1 
ATOM   1573 C C   . GLY B 1 96  ? -4.906  -16.831 7.533   1.00 45.55 ? 97   GLY B C   1 
ATOM   1574 O O   . GLY B 1 96  ? -3.845  -16.772 6.899   1.00 45.87 ? 97   GLY B O   1 
ATOM   1575 N N   . PRO B 1 97  ? -6.098  -16.570 7.024   1.00 44.03 ? 98   PRO B N   1 
ATOM   1576 C CA  . PRO B 1 97  ? -6.295  -16.214 5.634   1.00 42.54 ? 98   PRO B CA  1 
ATOM   1577 C C   . PRO B 1 97  ? -5.984  -14.729 5.359   1.00 40.63 ? 98   PRO B C   1 
ATOM   1578 O O   . PRO B 1 97  ? -6.259  -13.855 6.184   1.00 39.17 ? 98   PRO B O   1 
ATOM   1579 C CB  . PRO B 1 97  ? -7.782  -16.455 5.396   1.00 41.79 ? 98   PRO B CB  1 
ATOM   1580 C CG  . PRO B 1 97  ? -8.411  -16.212 6.716   1.00 42.67 ? 98   PRO B CG  1 
ATOM   1581 C CD  . PRO B 1 97  ? -7.381  -16.602 7.761   1.00 43.69 ? 98   PRO B CD  1 
ATOM   1582 N N   . PRO B 1 98  ? -5.473  -14.468 4.169   1.00 37.76 ? 99   PRO B N   1 
ATOM   1583 C CA  . PRO B 1 98  ? -5.163  -13.120 3.766   1.00 38.61 ? 99   PRO B CA  1 
ATOM   1584 C C   . PRO B 1 98  ? -6.372  -12.211 3.906   1.00 37.61 ? 99   PRO B C   1 
ATOM   1585 O O   . PRO B 1 98  ? -7.521  -12.628 3.792   1.00 37.79 ? 99   PRO B O   1 
ATOM   1586 C CB  . PRO B 1 98  ? -4.720  -13.204 2.319   1.00 39.27 ? 99   PRO B CB  1 
ATOM   1587 C CG  . PRO B 1 98  ? -4.946  -14.621 1.886   1.00 40.15 ? 99   PRO B CG  1 
ATOM   1588 C CD  . PRO B 1 98  ? -5.093  -15.457 3.136   1.00 38.43 ? 99   PRO B CD  1 
ATOM   1589 N N   . LYS B 1 99  ? -6.145  -10.947 4.146   1.00 35.28 ? 100  LYS B N   1 
ATOM   1590 C CA  . LYS B 1 99  ? -7.204  -9.933  4.241   1.00 36.50 ? 100  LYS B CA  1 
ATOM   1591 C C   . LYS B 1 99  ? -6.893  -8.896  3.159   1.00 33.95 ? 100  LYS B C   1 
ATOM   1592 O O   . LYS B 1 99  ? -5.780  -8.401  2.996   1.00 34.41 ? 100  LYS B O   1 
ATOM   1593 C CB  . LYS B 1 99  ? -7.200  -9.324  5.637   1.00 38.99 ? 100  LYS B CB  1 
ATOM   1594 C CG  . LYS B 1 99  ? -8.132  -9.933  6.656   1.00 44.72 ? 100  LYS B CG  1 
ATOM   1595 C CD  . LYS B 1 99  ? -8.393  -11.419 6.602   1.00 47.11 ? 100  LYS B CD  1 
ATOM   1596 C CE  . LYS B 1 99  ? -9.267  -11.967 7.719   1.00 49.38 ? 100  LYS B CE  1 
ATOM   1597 N NZ  . LYS B 1 99  ? -9.454  -13.446 7.652   1.00 49.09 ? 100  LYS B NZ  1 
ATOM   1598 N N   . ALA B 1 100 ? -7.846  -8.576  2.336   1.00 32.12 ? 101  ALA B N   1 
ATOM   1599 C CA  . ALA B 1 100 ? -7.723  -7.697  1.192   1.00 30.04 ? 101  ALA B CA  1 
ATOM   1600 C C   . ALA B 1 100 ? -8.584  -6.454  1.373   1.00 29.00 ? 101  ALA B C   1 
ATOM   1601 O O   . ALA B 1 100 ? -9.743  -6.510  1.756   1.00 26.17 ? 101  ALA B O   1 
ATOM   1602 C CB  . ALA B 1 100 ? -8.212  -8.475  -0.043  1.00 28.36 ? 101  ALA B CB  1 
ATOM   1603 N N   . VAL B 1 101 ? -7.974  -5.310  1.089   1.00 28.11 ? 102  VAL B N   1 
ATOM   1604 C CA  . VAL B 1 101 ? -8.671  -4.043  1.059   1.00 24.34 ? 102  VAL B CA  1 
ATOM   1605 C C   . VAL B 1 101 ? -8.525  -3.490  -0.363  1.00 25.34 ? 102  VAL B C   1 
ATOM   1606 O O   . VAL B 1 101 ? -7.407  -3.393  -0.907  1.00 25.34 ? 102  VAL B O   1 
ATOM   1607 C CB  . VAL B 1 101 ? -8.116  -3.034  2.079   1.00 25.99 ? 102  VAL B CB  1 
ATOM   1608 C CG1 . VAL B 1 101 ? -8.946  -1.736  1.948   1.00 21.53 ? 102  VAL B CG1 1 
ATOM   1609 C CG2 . VAL B 1 101 ? -8.143  -3.520  3.524   1.00 22.76 ? 102  VAL B CG2 1 
ATOM   1610 N N   . PHE B 1 102 ? -9.617  -3.086  -0.995  1.00 23.93 ? 103  PHE B N   1 
ATOM   1611 C CA  . PHE B 1 102 ? -9.641  -2.609  -2.371  1.00 23.65 ? 103  PHE B CA  1 
ATOM   1612 C C   . PHE B 1 102 ? -9.859  -1.111  -2.345  1.00 24.74 ? 103  PHE B C   1 
ATOM   1613 O O   . PHE B 1 102 ? -10.623 -0.637  -1.514  1.00 22.53 ? 103  PHE B O   1 
ATOM   1614 C CB  . PHE B 1 102 ? -10.788 -3.337  -3.096  1.00 26.22 ? 103  PHE B CB  1 
ATOM   1615 C CG  . PHE B 1 102 ? -10.576 -4.824  -3.166  1.00 25.57 ? 103  PHE B CG  1 
ATOM   1616 C CD1 . PHE B 1 102 ? -9.537  -5.368  -3.915  1.00 24.48 ? 103  PHE B CD1 1 
ATOM   1617 C CD2 . PHE B 1 102 ? -11.392 -5.653  -2.421  1.00 27.43 ? 103  PHE B CD2 1 
ATOM   1618 C CE1 . PHE B 1 102 ? -9.375  -6.752  -3.889  1.00 27.78 ? 103  PHE B CE1 1 
ATOM   1619 C CE2 . PHE B 1 102 ? -11.222 -7.039  -2.445  1.00 28.34 ? 103  PHE B CE2 1 
ATOM   1620 C CZ  . PHE B 1 102 ? -10.211 -7.627  -3.185  1.00 24.62 ? 103  PHE B CZ  1 
ATOM   1621 N N   . MET B 1 103 ? -9.160  -0.395  -3.244  1.00 25.09 ? 104  MET B N   1 
ATOM   1622 C CA  . MET B 1 103 ? -9.175  1.046   -3.149  1.00 24.86 ? 104  MET B CA  1 
ATOM   1623 C C   . MET B 1 103 ? -8.916  1.769   -4.444  1.00 25.12 ? 104  MET B C   1 
ATOM   1624 O O   . MET B 1 103 ? -8.266  1.235   -5.333  1.00 26.08 ? 104  MET B O   1 
ATOM   1625 C CB  . MET B 1 103 ? -8.126  1.416   -2.060  1.00 22.22 ? 104  MET B CB  1 
ATOM   1626 C CG  . MET B 1 103 ? -6.671  0.999   -2.278  1.00 18.89 ? 104  MET B CG  1 
ATOM   1627 S SD  . MET B 1 103 ? -5.596  1.264   -0.813  1.00 19.89 ? 104  MET B SD  1 
ATOM   1628 C CE  . MET B 1 103 ? -6.363  0.145   0.344   1.00 19.14 ? 104  MET B CE  1 
ATOM   1629 N N   . THR B 1 104 ? -9.251  3.063   -4.466  1.00 27.18 ? 105  THR B N   1 
ATOM   1630 C CA  . THR B 1 104 ? -8.927  3.896   -5.638  1.00 25.42 ? 105  THR B CA  1 
ATOM   1631 C C   . THR B 1 104 ? -7.974  5.028   -5.277  1.00 22.84 ? 105  THR B C   1 
ATOM   1632 O O   . THR B 1 104 ? -8.343  5.720   -4.362  1.00 23.21 ? 105  THR B O   1 
ATOM   1633 C CB  . THR B 1 104 ? -10.184 4.574   -6.201  1.00 25.28 ? 105  THR B CB  1 
ATOM   1634 O OG1 A THR B 1 104 ? -11.238 3.611   -6.270  0.50 24.81 ? 105  THR B OG1 1 
ATOM   1635 O OG1 B THR B 1 104 ? -10.869 5.265   -5.160  0.50 26.43 ? 105  THR B OG1 1 
ATOM   1636 C CG2 A THR B 1 104 ? -9.909  5.205   -7.554  0.50 23.59 ? 105  THR B CG2 1 
ATOM   1637 C CG2 B THR B 1 104 ? -11.146 3.567   -6.820  0.50 26.21 ? 105  THR B CG2 1 
ATOM   1638 N N   . PRO B 1 105 ? -6.866  5.248   -5.972  1.00 20.59 ? 106  PRO B N   1 
ATOM   1639 C CA  . PRO B 1 105 ? -5.994  6.360   -5.757  1.00 22.23 ? 106  PRO B CA  1 
ATOM   1640 C C   . PRO B 1 105 ? -6.753  7.669   -5.947  1.00 21.62 ? 106  PRO B C   1 
ATOM   1641 O O   . PRO B 1 105 ? -7.548  7.800   -6.883  1.00 19.77 ? 106  PRO B O   1 
ATOM   1642 C CB  . PRO B 1 105 ? -4.950  6.272   -6.895  1.00 22.28 ? 106  PRO B CB  1 
ATOM   1643 C CG  . PRO B 1 105 ? -4.910  4.811   -7.145  1.00 19.81 ? 106  PRO B CG  1 
ATOM   1644 C CD  . PRO B 1 105 ? -6.387  4.437   -7.130  1.00 19.84 ? 106  PRO B CD  1 
ATOM   1645 N N   . ARG B 1 106 ? -6.563  8.578   -4.982  1.00 22.43 ? 107  ARG B N   1 
ATOM   1646 C CA  . ARG B 1 106 ? -7.287  9.841   -5.074  1.00 25.26 ? 107  ARG B CA  1 
ATOM   1647 C C   . ARG B 1 106 ? -6.383  11.054  -4.992  1.00 27.14 ? 107  ARG B C   1 
ATOM   1648 O O   . ARG B 1 106 ? -6.921  12.147  -5.251  1.00 30.72 ? 107  ARG B O   1 
ATOM   1649 C CB  . ARG B 1 106 ? -8.385  9.915   -4.017  1.00 27.72 ? 107  ARG B CB  1 
ATOM   1650 C CG  . ARG B 1 106 ? -9.641  9.104   -4.152  1.00 32.08 ? 107  ARG B CG  1 
ATOM   1651 C CD  . ARG B 1 106 ? -10.556 9.509   -5.331  1.00 37.35 ? 107  ARG B CD  1 
ATOM   1652 N NE  . ARG B 1 106 ? -11.571 8.515   -5.450  1.00 42.33 ? 107  ARG B NE  1 
ATOM   1653 C CZ  . ARG B 1 106 ? -12.405 7.929   -6.268  1.00 45.05 ? 107  ARG B CZ  1 
ATOM   1654 N NH1 . ARG B 1 106 ? -12.429 8.288   -7.548  1.00 44.80 ? 107  ARG B NH1 1 
ATOM   1655 N NH2 . ARG B 1 106 ? -13.188 6.971   -5.756  1.00 44.64 ? 107  ARG B NH2 1 
ATOM   1656 N N   . GLY B 1 107 ? -5.134  11.039  -4.598  1.00 27.51 ? 108  GLY B N   1 
ATOM   1657 C CA  . GLY B 1 107 ? -4.296  12.238  -4.489  1.00 25.20 ? 108  GLY B CA  1 
ATOM   1658 C C   . GLY B 1 107 ? -2.925  11.770  -3.976  1.00 26.10 ? 108  GLY B C   1 
ATOM   1659 O O   . GLY B 1 107 ? -2.783  10.716  -3.369  1.00 23.66 ? 108  GLY B O   1 
ATOM   1660 N N   . ALA B 1 108 ? -1.885  12.488  -4.398  1.00 27.44 ? 109  ALA B N   1 
ATOM   1661 C CA  . ALA B 1 108 ? -0.539  12.109  -4.040  1.00 29.65 ? 109  ALA B CA  1 
ATOM   1662 C C   . ALA B 1 108 ? 0.309   13.334  -3.697  1.00 30.03 ? 109  ALA B C   1 
ATOM   1663 O O   . ALA B 1 108 ? 0.121   14.350  -4.326  1.00 29.10 ? 109  ALA B O   1 
ATOM   1664 C CB  . ALA B 1 108 ? 0.110   11.376  -5.183  1.00 28.67 ? 109  ALA B CB  1 
ATOM   1665 N N   . ILE B 1 109 ? 1.054   13.215  -2.594  1.00 30.77 ? 110  ILE B N   1 
ATOM   1666 C CA  . ILE B 1 109 ? 1.995   14.256  -2.224  1.00 30.29 ? 110  ILE B CA  1 
ATOM   1667 C C   . ILE B 1 109 ? 3.389   13.741  -2.568  1.00 30.34 ? 110  ILE B C   1 
ATOM   1668 O O   . ILE B 1 109 ? 3.850   12.752  -2.030  1.00 29.00 ? 110  ILE B O   1 
ATOM   1669 C CB  . ILE B 1 109 ? 2.015   14.693  -0.771  1.00 31.06 ? 110  ILE B CB  1 
ATOM   1670 C CG1 . ILE B 1 109 ? 0.632   15.305  -0.521  1.00 32.72 ? 110  ILE B CG1 1 
ATOM   1671 C CG2 . ILE B 1 109 ? 3.120   15.693  -0.485  1.00 29.60 ? 110  ILE B CG2 1 
ATOM   1672 C CD1 . ILE B 1 109 ? -0.358  14.203  -0.165  1.00 36.31 ? 110  ILE B CD1 1 
ATOM   1673 N N   . LEU B 1 110 ? 3.977   14.366  -3.596  1.00 31.62 ? 111  LEU B N   1 
ATOM   1674 C CA  . LEU B 1 110 ? 5.298   14.024  -4.059  1.00 32.12 ? 111  LEU B CA  1 
ATOM   1675 C C   . LEU B 1 110 ? 6.266   15.179  -3.957  1.00 32.11 ? 111  LEU B C   1 
ATOM   1676 O O   . LEU B 1 110 ? 5.865   16.325  -3.914  1.00 32.50 ? 111  LEU B O   1 
ATOM   1677 C CB  . LEU B 1 110 ? 5.279   13.697  -5.553  1.00 35.76 ? 111  LEU B CB  1 
ATOM   1678 C CG  . LEU B 1 110 ? 4.241   12.661  -5.974  1.00 37.16 ? 111  LEU B CG  1 
ATOM   1679 C CD1 . LEU B 1 110 ? 3.580   13.269  -7.205  1.00 37.98 ? 111  LEU B CD1 1 
ATOM   1680 C CD2 . LEU B 1 110 ? 4.941   11.334  -6.156  1.00 37.18 ? 111  LEU B CD2 1 
ATOM   1681 N N   . PRO B 1 111 ? 7.556   14.850  -3.991  1.00 34.93 ? 112  PRO B N   1 
ATOM   1682 C CA  . PRO B 1 111 ? 8.614   15.864  -3.953  1.00 36.58 ? 112  PRO B CA  1 
ATOM   1683 C C   . PRO B 1 111 ? 8.775   16.514  -5.323  1.00 39.00 ? 112  PRO B C   1 
ATOM   1684 O O   . PRO B 1 111 ? 8.473   15.879  -6.343  1.00 42.06 ? 112  PRO B O   1 
ATOM   1685 C CB  . PRO B 1 111 ? 9.803   15.058  -3.471  1.00 36.47 ? 112  PRO B CB  1 
ATOM   1686 C CG  . PRO B 1 111 ? 9.575   13.673  -3.972  1.00 34.47 ? 112  PRO B CG  1 
ATOM   1687 C CD  . PRO B 1 111 ? 8.089   13.466  -4.056  1.00 33.38 ? 112  PRO B CD  1 
ATOM   1688 N N   . SER B 1 112 ? 9.126   17.782  -5.424  1.00 41.28 ? 113  SER B N   1 
ATOM   1689 C CA  . SER B 1 112 ? 9.214   18.530  -6.667  1.00 46.03 ? 113  SER B CA  1 
ATOM   1690 C C   . SER B 1 112 ? 10.521  18.230  -7.418  1.00 47.56 ? 113  SER B C   1 
ATOM   1691 O O   . SER B 1 112 ? 11.166  17.234  -7.035  1.00 50.70 ? 113  SER B O   1 
ATOM   1692 C CB  . SER B 1 112 ? 9.097   20.054  -6.560  1.00 44.85 ? 113  SER B CB  1 
ATOM   1693 O OG  . SER B 1 112 ? 8.564   20.555  -5.343  1.00 46.61 ? 113  SER B OG  1 
ATOM   1694 O OXT . SER B 1 112 ? 10.985  19.065  -8.225  1.00 48.92 ? 113  SER B OXT 1 
HETATM 1695 C C1  . NOM C 2 .   ? 2.856   11.176  4.806   1.00 50.75 ? 1001 NOM A C1  1 
HETATM 1696 C C2  . NOM C 2 .   ? 1.889   11.365  5.778   1.00 50.41 ? 1001 NOM A C2  1 
HETATM 1697 C C3  . NOM C 2 .   ? 1.893   10.549  6.904   1.00 50.77 ? 1001 NOM A C3  1 
HETATM 1698 C C4  . NOM C 2 .   ? 2.848   9.542   7.103   1.00 50.49 ? 1001 NOM A C4  1 
HETATM 1699 C C5  . NOM C 2 .   ? 3.813   9.385   6.108   1.00 51.23 ? 1001 NOM A C5  1 
HETATM 1700 C C6  . NOM C 2 .   ? 3.828   10.203  4.982   1.00 50.92 ? 1001 NOM A C6  1 
HETATM 1701 C C10 . NOM C 2 .   ? 0.899   10.719  7.918   1.00 50.93 ? 1001 NOM A C10 1 
HETATM 1702 C C9  . NOM C 2 .   ? 0.880   9.892   9.088   1.00 49.32 ? 1001 NOM A C9  1 
HETATM 1703 C C8  . NOM C 2 .   ? 1.836   8.881   9.302   1.00 48.37 ? 1001 NOM A C8  1 
HETATM 1704 C C7  . NOM C 2 .   ? 2.839   8.714   8.276   1.00 48.39 ? 1001 NOM A C7  1 
HETATM 1705 O O3  . NOM C 2 .   ? 3.656   7.831   8.470   1.00 46.86 ? 1001 NOM A O3  1 
HETATM 1706 O O4  . NOM C 2 .   ? 0.018   11.571  7.834   1.00 52.18 ? 1001 NOM A O4  1 
HETATM 1707 O O2  . NOM C 2 .   ? 4.759   8.392   6.234   1.00 51.44 ? 1001 NOM A O2  1 
HETATM 1708 C C13 . NOM C 2 .   ? -0.125  10.137  10.023  1.00 50.64 ? 1001 NOM A C13 1 
HETATM 1709 C C14 . NOM C 2 .   ? -0.338  8.994   11.046  1.00 51.02 ? 1001 NOM A C14 1 
HETATM 1710 O O1  . NOM C 2 .   ? 0.787   8.284   11.450  1.00 49.84 ? 1001 NOM A O1  1 
HETATM 1711 C C11 . NOM C 2 .   ? 1.773   8.110   10.447  1.00 48.27 ? 1001 NOM A C11 1 
HETATM 1712 C C12 . NOM C 2 .   ? 2.457   6.775   10.589  1.00 45.66 ? 1001 NOM A C12 1 
HETATM 1713 C C15 . NOM C 2 .   ? -1.250  9.508   12.137  1.00 52.20 ? 1001 NOM A C15 1 
HETATM 1714 C C16 . NOM C 2 .   ? -1.921  10.733  11.458  1.00 54.98 ? 1001 NOM A C16 1 
HETATM 1715 O O5  . NOM C 2 .   ? -2.869  11.274  12.047  1.00 57.77 ? 1001 NOM A O5  1 
HETATM 1716 O O6  . NOM C 2 .   ? -1.473  11.116  10.368  1.00 53.41 ? 1001 NOM A O6  1 
HETATM 1717 O O   . HOH D 3 .   ? -2.862  0.478   7.441   1.00 27.67 ? 1002 HOH A O   1 
HETATM 1718 O O   . HOH D 3 .   ? -1.077  19.423  1.575   1.00 32.27 ? 1003 HOH A O   1 
HETATM 1719 O O   . HOH D 3 .   ? -7.006  19.437  -1.748  1.00 35.83 ? 1004 HOH A O   1 
HETATM 1720 O O   . HOH D 3 .   ? 3.114   21.353  -5.407  1.00 33.04 ? 1005 HOH A O   1 
HETATM 1721 O O   . HOH D 3 .   ? -9.057  3.106   14.434  1.00 38.14 ? 1006 HOH A O   1 
HETATM 1722 O O   . HOH D 3 .   ? -19.285 -0.672  3.335   1.00 28.00 ? 1007 HOH A O   1 
HETATM 1723 O O   . HOH D 3 .   ? -20.013 13.073  8.646   1.00 38.65 ? 1008 HOH A O   1 
HETATM 1724 O O   . HOH D 3 .   ? 3.755   -1.724  12.185  1.00 29.15 ? 1009 HOH A O   1 
HETATM 1725 O O   . HOH D 3 .   ? -20.860 5.045   9.113   1.00 49.31 ? 1010 HOH A O   1 
HETATM 1726 O O   . HOH D 3 .   ? 0.373   20.232  -0.672  1.00 30.81 ? 1011 HOH A O   1 
HETATM 1727 O O   . HOH D 3 .   ? -15.464 -4.626  2.698   1.00 50.36 ? 1012 HOH A O   1 
HETATM 1728 O O   . HOH D 3 .   ? -15.116 3.687   10.385  1.00 42.81 ? 1013 HOH A O   1 
HETATM 1729 O O   . HOH D 3 .   ? -21.511 9.618   2.511   1.00 46.95 ? 1014 HOH A O   1 
HETATM 1730 O O   . HOH D 3 .   ? -14.974 20.204  2.529   1.00 49.73 ? 1015 HOH A O   1 
HETATM 1731 O O   . HOH D 3 .   ? 9.321   9.989   -5.455  1.00 34.23 ? 1016 HOH A O   1 
HETATM 1732 O O   . HOH D 3 .   ? 20.648  11.131  12.786  1.00 37.40 ? 1017 HOH A O   1 
HETATM 1733 O O   . HOH D 3 .   ? 11.289  5.795   -9.038  1.00 36.30 ? 1018 HOH A O   1 
HETATM 1734 O O   . HOH D 3 .   ? 2.951   6.255   -2.573  1.00 23.73 ? 1019 HOH A O   1 
HETATM 1735 O O   . HOH D 3 .   ? 11.416  -10.908 4.548   1.00 39.12 ? 1020 HOH A O   1 
HETATM 1736 O O   . HOH D 3 .   ? 2.352   -0.392  13.820  1.00 27.87 ? 1021 HOH A O   1 
HETATM 1737 O O   . HOH D 3 .   ? 11.772  15.640  -0.479  1.00 44.59 ? 1022 HOH A O   1 
HETATM 1738 O O   . HOH D 3 .   ? -19.894 3.450   5.558   1.00 42.96 ? 1023 HOH A O   1 
HETATM 1739 O O   . HOH D 3 .   ? 3.593   23.298  4.875   1.00 39.00 ? 1024 HOH A O   1 
HETATM 1740 O O   . HOH D 3 .   ? -4.727  21.022  3.617   1.00 28.33 ? 1025 HOH A O   1 
HETATM 1741 O O   . HOH D 3 .   ? 10.053  22.873  12.132  1.00 63.19 ? 1026 HOH A O   1 
HETATM 1742 O O   . HOH D 3 .   ? -11.423 12.794  -3.216  1.00 45.13 ? 1027 HOH A O   1 
HETATM 1743 O O   . HOH D 3 .   ? -12.266 0.584   12.591  1.00 51.71 ? 1028 HOH A O   1 
HETATM 1744 O O   . HOH D 3 .   ? 12.155  8.310   16.322  1.00 60.51 ? 1029 HOH A O   1 
HETATM 1745 O O   . HOH D 3 .   ? -19.353 10.436  5.053   1.00 28.16 ? 1030 HOH A O   1 
HETATM 1746 O O   . HOH D 3 .   ? -2.360  -1.673  11.995  1.00 43.38 ? 1031 HOH A O   1 
HETATM 1747 O O   . HOH D 3 .   ? -13.580 1.435   8.870   1.00 50.55 ? 1032 HOH A O   1 
HETATM 1748 O O   . HOH D 3 .   ? -1.149  1.831   14.630  1.00 29.68 ? 1033 HOH A O   1 
HETATM 1749 O O   . HOH D 3 .   ? 12.963  -3.990  -8.079  1.00 48.71 ? 1034 HOH A O   1 
HETATM 1750 O O   . HOH D 3 .   ? 17.835  10.419  2.780   1.00 58.14 ? 1035 HOH A O   1 
HETATM 1751 O O   . HOH D 3 .   ? -13.004 -1.212  0.367   1.00 41.58 ? 1036 HOH A O   1 
HETATM 1752 O O   . HOH D 3 .   ? -1.182  10.605  6.031   1.00 35.37 ? 1037 HOH A O   1 
HETATM 1753 O O   . HOH E 3 .   ? 3.078   -2.448  -6.369  1.00 26.53 ? 114  HOH B O   1 
HETATM 1754 O O   . HOH E 3 .   ? 2.615   -4.916  12.236  1.00 33.92 ? 115  HOH B O   1 
HETATM 1755 O O   . HOH E 3 .   ? 6.255   -8.795  16.961  1.00 36.19 ? 116  HOH B O   1 
HETATM 1756 O O   . HOH E 3 .   ? 3.668   -0.822  -14.227 1.00 38.41 ? 117  HOH B O   1 
HETATM 1757 O O   . HOH E 3 .   ? -4.610  -5.477  3.450   1.00 23.15 ? 118  HOH B O   1 
HETATM 1758 O O   . HOH E 3 .   ? -0.670  3.610   -7.176  1.00 27.39 ? 119  HOH B O   1 
HETATM 1759 O O   . HOH E 3 .   ? -12.835 3.966   -4.305  1.00 30.65 ? 120  HOH B O   1 
HETATM 1760 O O   . HOH E 3 .   ? 5.934   -4.069  11.745  1.00 26.22 ? 121  HOH B O   1 
HETATM 1761 O O   . HOH E 3 .   ? 2.219   16.079  -4.864  1.00 34.96 ? 122  HOH B O   1 
HETATM 1762 O O   . HOH E 3 .   ? 2.451   -23.866 -0.564  1.00 43.58 ? 123  HOH B O   1 
HETATM 1763 O O   . HOH E 3 .   ? -10.152 -12.979 4.869   1.00 50.16 ? 124  HOH B O   1 
HETATM 1764 O O   . HOH E 3 .   ? 0.404   -6.833  -18.843 1.00 44.51 ? 125  HOH B O   1 
HETATM 1765 O O   . HOH E 3 .   ? 11.688  -17.513 12.358  1.00 43.32 ? 126  HOH B O   1 
HETATM 1766 O O   . HOH E 3 .   ? 4.157   -0.704  -17.127 1.00 66.00 ? 127  HOH B O   1 
HETATM 1767 O O   . HOH E 3 .   ? -1.908  -8.389  9.974   1.00 54.22 ? 128  HOH B O   1 
HETATM 1768 O O   . HOH E 3 .   ? -3.479  -13.383 -3.595  1.00 62.18 ? 129  HOH B O   1 
HETATM 1769 O O   . HOH E 3 .   ? -11.643 -9.389  3.770   1.00 52.90 ? 130  HOH B O   1 
HETATM 1770 O O   . HOH E 3 .   ? -1.599  -3.983  6.522   1.00 41.24 ? 131  HOH B O   1 
HETATM 1771 O O   . HOH E 3 .   ? -7.483  6.969   -10.189 1.00 53.17 ? 132  HOH B O   1 
HETATM 1772 O O   . HOH E 3 .   ? 8.526   -21.255 7.625   1.00 56.33 ? 133  HOH B O   1 
HETATM 1773 O O   . HOH E 3 .   ? -3.255  -8.996  -5.792  1.00 43.63 ? 134  HOH B O   1 
HETATM 1774 O O   . HOH E 3 .   ? -1.111  -10.078 -7.219  1.00 53.69 ? 135  HOH B O   1 
HETATM 1775 O O   . HOH E 3 .   ? -8.108  -20.863 -0.894  1.00 48.41 ? 136  HOH B O   1 
HETATM 1776 O O   . HOH E 3 .   ? 10.899  18.987  -3.306  1.00 41.43 ? 137  HOH B O   1 
# 
